data_2DM5
# 
_entry.id   2DM5 
# 
_audit_conform.dict_name       mmcif_pdbx.dic 
_audit_conform.dict_version    5.397 
_audit_conform.dict_location   http://mmcif.pdb.org/dictionaries/ascii/mmcif_pdbx.dic 
# 
loop_
_database_2.database_id 
_database_2.database_code 
_database_2.pdbx_database_accession 
_database_2.pdbx_DOI 
PDB   2DM5         pdb_00002dm5 10.2210/pdb2dm5/pdb 
RCSB  RCSB025576   ?            ?                   
WWPDB D_1000025576 ?            ?                   
# 
loop_
_pdbx_audit_revision_history.ordinal 
_pdbx_audit_revision_history.data_content_type 
_pdbx_audit_revision_history.major_revision 
_pdbx_audit_revision_history.minor_revision 
_pdbx_audit_revision_history.revision_date 
1 'Structure model' 1 0 2006-10-17 
2 'Structure model' 1 1 2008-04-30 
3 'Structure model' 1 2 2011-07-13 
4 'Structure model' 1 3 2023-10-25 
5 'Structure model' 1 4 2024-10-23 
# 
_pdbx_audit_revision_details.ordinal             1 
_pdbx_audit_revision_details.revision_ordinal    1 
_pdbx_audit_revision_details.data_content_type   'Structure model' 
_pdbx_audit_revision_details.provider            repository 
_pdbx_audit_revision_details.type                'Initial release' 
_pdbx_audit_revision_details.description         ? 
_pdbx_audit_revision_details.details             ? 
# 
loop_
_pdbx_audit_revision_group.ordinal 
_pdbx_audit_revision_group.revision_ordinal 
_pdbx_audit_revision_group.data_content_type 
_pdbx_audit_revision_group.group 
1 2 'Structure model' 'Version format compliance' 
2 3 'Structure model' 'Version format compliance' 
3 4 'Structure model' 'Data collection'           
4 4 'Structure model' 'Database references'       
5 4 'Structure model' 'Derived calculations'      
6 4 'Structure model' 'Refinement description'    
7 5 'Structure model' 'Structure summary'         
# 
loop_
_pdbx_audit_revision_category.ordinal 
_pdbx_audit_revision_category.revision_ordinal 
_pdbx_audit_revision_category.data_content_type 
_pdbx_audit_revision_category.category 
1  4 'Structure model' chem_comp_atom                
2  4 'Structure model' chem_comp_bond                
3  4 'Structure model' database_2                    
4  4 'Structure model' pdbx_initial_refinement_model 
5  4 'Structure model' pdbx_struct_conn_angle        
6  4 'Structure model' struct_conn                   
7  4 'Structure model' struct_ref_seq_dif            
8  4 'Structure model' struct_site                   
9  5 'Structure model' pdbx_entry_details            
10 5 'Structure model' pdbx_modification_feature     
# 
loop_
_pdbx_audit_revision_item.ordinal 
_pdbx_audit_revision_item.revision_ordinal 
_pdbx_audit_revision_item.data_content_type 
_pdbx_audit_revision_item.item 
1  4 'Structure model' '_database_2.pdbx_DOI'                        
2  4 'Structure model' '_database_2.pdbx_database_accession'         
3  4 'Structure model' '_pdbx_struct_conn_angle.ptnr1_auth_comp_id'  
4  4 'Structure model' '_pdbx_struct_conn_angle.ptnr1_auth_seq_id'   
5  4 'Structure model' '_pdbx_struct_conn_angle.ptnr1_label_asym_id' 
6  4 'Structure model' '_pdbx_struct_conn_angle.ptnr1_label_atom_id' 
7  4 'Structure model' '_pdbx_struct_conn_angle.ptnr1_label_comp_id' 
8  4 'Structure model' '_pdbx_struct_conn_angle.ptnr1_label_seq_id'  
9  4 'Structure model' '_pdbx_struct_conn_angle.ptnr1_symmetry'      
10 4 'Structure model' '_pdbx_struct_conn_angle.ptnr2_auth_seq_id'   
11 4 'Structure model' '_pdbx_struct_conn_angle.ptnr2_label_asym_id' 
12 4 'Structure model' '_pdbx_struct_conn_angle.ptnr3_auth_comp_id'  
13 4 'Structure model' '_pdbx_struct_conn_angle.ptnr3_auth_seq_id'   
14 4 'Structure model' '_pdbx_struct_conn_angle.ptnr3_label_asym_id' 
15 4 'Structure model' '_pdbx_struct_conn_angle.ptnr3_label_atom_id' 
16 4 'Structure model' '_pdbx_struct_conn_angle.ptnr3_label_comp_id' 
17 4 'Structure model' '_pdbx_struct_conn_angle.ptnr3_label_seq_id'  
18 4 'Structure model' '_pdbx_struct_conn_angle.ptnr3_symmetry'      
19 4 'Structure model' '_pdbx_struct_conn_angle.value'               
20 4 'Structure model' '_struct_conn.pdbx_dist_value'                
21 4 'Structure model' '_struct_conn.ptnr1_auth_comp_id'             
22 4 'Structure model' '_struct_conn.ptnr1_auth_seq_id'              
23 4 'Structure model' '_struct_conn.ptnr1_label_asym_id'            
24 4 'Structure model' '_struct_conn.ptnr1_label_atom_id'            
25 4 'Structure model' '_struct_conn.ptnr1_label_comp_id'            
26 4 'Structure model' '_struct_conn.ptnr1_label_seq_id'             
27 4 'Structure model' '_struct_conn.ptnr1_symmetry'                 
28 4 'Structure model' '_struct_conn.ptnr2_auth_comp_id'             
29 4 'Structure model' '_struct_conn.ptnr2_auth_seq_id'              
30 4 'Structure model' '_struct_conn.ptnr2_label_asym_id'            
31 4 'Structure model' '_struct_conn.ptnr2_label_atom_id'            
32 4 'Structure model' '_struct_conn.ptnr2_label_comp_id'            
33 4 'Structure model' '_struct_conn.ptnr2_label_seq_id'             
34 4 'Structure model' '_struct_conn.ptnr2_symmetry'                 
35 4 'Structure model' '_struct_ref_seq_dif.details'                 
36 4 'Structure model' '_struct_site.pdbx_auth_asym_id'              
37 4 'Structure model' '_struct_site.pdbx_auth_comp_id'              
38 4 'Structure model' '_struct_site.pdbx_auth_seq_id'               
# 
_pdbx_database_status.status_code                     REL 
_pdbx_database_status.entry_id                        2DM5 
_pdbx_database_status.recvd_initial_deposition_date   2006-04-20 
_pdbx_database_status.deposit_site                    PDBJ 
_pdbx_database_status.process_site                    PDBJ 
_pdbx_database_status.status_code_sf                  REL 
_pdbx_database_status.status_code_mr                  ? 
_pdbx_database_status.SG_entry                        ? 
_pdbx_database_status.pdb_format_compatible           Y 
_pdbx_database_status.status_code_cs                  ? 
_pdbx_database_status.status_code_nmr_data            ? 
_pdbx_database_status.methods_development_category    ? 
# 
loop_
_audit_author.name 
_audit_author.pdbx_ordinal 
'Barratt, E.'   1 
'Bronowska, A.' 2 
'Vondrasek, J.' 3 
'Bingham, R.'   4 
'Phillips, S.'  5 
'Homans, S.W.'  6 
# 
_citation.id                        primary 
_citation.title                     
'Thermodynamic penalty arising from burial of a ligand polar group within a hydrophobic pocket of a protein receptor' 
_citation.journal_abbrev            J.Mol.Biol. 
_citation.journal_volume            362 
_citation.page_first                994 
_citation.page_last                 1003 
_citation.year                      2006 
_citation.journal_id_ASTM           JMOBAK 
_citation.country                   UK 
_citation.journal_id_ISSN           0022-2836 
_citation.journal_id_CSD            0070 
_citation.book_publisher            ? 
_citation.pdbx_database_id_PubMed   16935302 
_citation.pdbx_database_id_DOI      10.1016/j.jmb.2006.07.067 
# 
loop_
_citation_author.citation_id 
_citation_author.name 
_citation_author.ordinal 
_citation_author.identifier_ORCID 
primary 'Barratt, E.'   1 ? 
primary 'Bronowska, A.' 2 ? 
primary 'Vondrasek, J.' 3 ? 
primary 'Cerny, J.'     4 ? 
primary 'Bingham, R.'   5 ? 
primary 'Phillips, S.'  6 ? 
primary 'Homans, S.W.'  7 ? 
# 
loop_
_entity.id 
_entity.type 
_entity.src_method 
_entity.pdbx_description 
_entity.formula_weight 
_entity.pdbx_number_of_molecules 
_entity.pdbx_ec 
_entity.pdbx_mutation 
_entity.pdbx_fragment 
_entity.details 
1 polymer     man 'Major Urinary Protein' 20139.400 1   ? ? ? ? 
2 non-polymer syn 'CADMIUM ION'           112.411   4   ? ? ? ? 
3 non-polymer syn OCTANE-1,8-DIOL         146.227   1   ? ? ? ? 
4 water       nat water                   18.015    174 ? ? ? ? 
# 
_entity_poly.entity_id                      1 
_entity_poly.type                           'polypeptide(L)' 
_entity_poly.nstd_linkage                   no 
_entity_poly.nstd_monomer                   no 
_entity_poly.pdbx_seq_one_letter_code       
;MRGSHHHHHHGSEEASSTGRNFNVEKINGEWHTIILASDKREKIEDNGNFRLFLEQIHVLEKSLVLKFHTVRDEECSELS
MVADKTEKAGEYSVTYDGFNTFTIPKTDYDNFLMAHLINEKDGETFQLMGLYGREPDLSSDIKERFAQLCEEHGILRENI
IDLSNANRCLQARE
;
_entity_poly.pdbx_seq_one_letter_code_can   
;MRGSHHHHHHGSEEASSTGRNFNVEKINGEWHTIILASDKREKIEDNGNFRLFLEQIHVLEKSLVLKFHTVRDEECSELS
MVADKTEKAGEYSVTYDGFNTFTIPKTDYDNFLMAHLINEKDGETFQLMGLYGREPDLSSDIKERFAQLCEEHGILRENI
IDLSNANRCLQARE
;
_entity_poly.pdbx_strand_id                 A 
_entity_poly.pdbx_target_identifier         ? 
# 
loop_
_pdbx_entity_nonpoly.entity_id 
_pdbx_entity_nonpoly.name 
_pdbx_entity_nonpoly.comp_id 
2 'CADMIUM ION'   CD  
3 OCTANE-1,8-DIOL ODI 
4 water           HOH 
# 
loop_
_entity_poly_seq.entity_id 
_entity_poly_seq.num 
_entity_poly_seq.mon_id 
_entity_poly_seq.hetero 
1 1   MET n 
1 2   ARG n 
1 3   GLY n 
1 4   SER n 
1 5   HIS n 
1 6   HIS n 
1 7   HIS n 
1 8   HIS n 
1 9   HIS n 
1 10  HIS n 
1 11  GLY n 
1 12  SER n 
1 13  GLU n 
1 14  GLU n 
1 15  ALA n 
1 16  SER n 
1 17  SER n 
1 18  THR n 
1 19  GLY n 
1 20  ARG n 
1 21  ASN n 
1 22  PHE n 
1 23  ASN n 
1 24  VAL n 
1 25  GLU n 
1 26  LYS n 
1 27  ILE n 
1 28  ASN n 
1 29  GLY n 
1 30  GLU n 
1 31  TRP n 
1 32  HIS n 
1 33  THR n 
1 34  ILE n 
1 35  ILE n 
1 36  LEU n 
1 37  ALA n 
1 38  SER n 
1 39  ASP n 
1 40  LYS n 
1 41  ARG n 
1 42  GLU n 
1 43  LYS n 
1 44  ILE n 
1 45  GLU n 
1 46  ASP n 
1 47  ASN n 
1 48  GLY n 
1 49  ASN n 
1 50  PHE n 
1 51  ARG n 
1 52  LEU n 
1 53  PHE n 
1 54  LEU n 
1 55  GLU n 
1 56  GLN n 
1 57  ILE n 
1 58  HIS n 
1 59  VAL n 
1 60  LEU n 
1 61  GLU n 
1 62  LYS n 
1 63  SER n 
1 64  LEU n 
1 65  VAL n 
1 66  LEU n 
1 67  LYS n 
1 68  PHE n 
1 69  HIS n 
1 70  THR n 
1 71  VAL n 
1 72  ARG n 
1 73  ASP n 
1 74  GLU n 
1 75  GLU n 
1 76  CYS n 
1 77  SER n 
1 78  GLU n 
1 79  LEU n 
1 80  SER n 
1 81  MET n 
1 82  VAL n 
1 83  ALA n 
1 84  ASP n 
1 85  LYS n 
1 86  THR n 
1 87  GLU n 
1 88  LYS n 
1 89  ALA n 
1 90  GLY n 
1 91  GLU n 
1 92  TYR n 
1 93  SER n 
1 94  VAL n 
1 95  THR n 
1 96  TYR n 
1 97  ASP n 
1 98  GLY n 
1 99  PHE n 
1 100 ASN n 
1 101 THR n 
1 102 PHE n 
1 103 THR n 
1 104 ILE n 
1 105 PRO n 
1 106 LYS n 
1 107 THR n 
1 108 ASP n 
1 109 TYR n 
1 110 ASP n 
1 111 ASN n 
1 112 PHE n 
1 113 LEU n 
1 114 MET n 
1 115 ALA n 
1 116 HIS n 
1 117 LEU n 
1 118 ILE n 
1 119 ASN n 
1 120 GLU n 
1 121 LYS n 
1 122 ASP n 
1 123 GLY n 
1 124 GLU n 
1 125 THR n 
1 126 PHE n 
1 127 GLN n 
1 128 LEU n 
1 129 MET n 
1 130 GLY n 
1 131 LEU n 
1 132 TYR n 
1 133 GLY n 
1 134 ARG n 
1 135 GLU n 
1 136 PRO n 
1 137 ASP n 
1 138 LEU n 
1 139 SER n 
1 140 SER n 
1 141 ASP n 
1 142 ILE n 
1 143 LYS n 
1 144 GLU n 
1 145 ARG n 
1 146 PHE n 
1 147 ALA n 
1 148 GLN n 
1 149 LEU n 
1 150 CYS n 
1 151 GLU n 
1 152 GLU n 
1 153 HIS n 
1 154 GLY n 
1 155 ILE n 
1 156 LEU n 
1 157 ARG n 
1 158 GLU n 
1 159 ASN n 
1 160 ILE n 
1 161 ILE n 
1 162 ASP n 
1 163 LEU n 
1 164 SER n 
1 165 ASN n 
1 166 ALA n 
1 167 ASN n 
1 168 ARG n 
1 169 CYS n 
1 170 LEU n 
1 171 GLN n 
1 172 ALA n 
1 173 ARG n 
1 174 GLU n 
# 
_entity_src_gen.entity_id                          1 
_entity_src_gen.pdbx_src_id                        1 
_entity_src_gen.pdbx_alt_source_flag               sample 
_entity_src_gen.pdbx_seq_type                      ? 
_entity_src_gen.pdbx_beg_seq_num                   ? 
_entity_src_gen.pdbx_end_seq_num                   ? 
_entity_src_gen.gene_src_common_name               'house mouse' 
_entity_src_gen.gene_src_genus                     Mus 
_entity_src_gen.pdbx_gene_src_gene                 MUP1 
_entity_src_gen.gene_src_species                   ? 
_entity_src_gen.gene_src_strain                    ? 
_entity_src_gen.gene_src_tissue                    ? 
_entity_src_gen.gene_src_tissue_fraction           ? 
_entity_src_gen.gene_src_details                   ? 
_entity_src_gen.pdbx_gene_src_fragment             ? 
_entity_src_gen.pdbx_gene_src_scientific_name      'Mus musculus' 
_entity_src_gen.pdbx_gene_src_ncbi_taxonomy_id     10090 
_entity_src_gen.pdbx_gene_src_variant              ? 
_entity_src_gen.pdbx_gene_src_cell_line            ? 
_entity_src_gen.pdbx_gene_src_atcc                 ? 
_entity_src_gen.pdbx_gene_src_organ                ? 
_entity_src_gen.pdbx_gene_src_organelle            ? 
_entity_src_gen.pdbx_gene_src_cell                 ? 
_entity_src_gen.pdbx_gene_src_cellular_location    ? 
_entity_src_gen.host_org_common_name               ? 
_entity_src_gen.pdbx_host_org_scientific_name      'Escherichia coli' 
_entity_src_gen.pdbx_host_org_ncbi_taxonomy_id     562 
_entity_src_gen.host_org_genus                     Escherichia 
_entity_src_gen.pdbx_host_org_gene                 ? 
_entity_src_gen.pdbx_host_org_organ                ? 
_entity_src_gen.host_org_species                   ? 
_entity_src_gen.pdbx_host_org_tissue               ? 
_entity_src_gen.pdbx_host_org_tissue_fraction      ? 
_entity_src_gen.pdbx_host_org_strain               SG13009 
_entity_src_gen.pdbx_host_org_variant              ? 
_entity_src_gen.pdbx_host_org_cell_line            ? 
_entity_src_gen.pdbx_host_org_atcc                 ? 
_entity_src_gen.pdbx_host_org_culture_collection   ? 
_entity_src_gen.pdbx_host_org_cell                 ? 
_entity_src_gen.pdbx_host_org_organelle            ? 
_entity_src_gen.pdbx_host_org_cellular_location    ? 
_entity_src_gen.pdbx_host_org_vector_type          PLASMID 
_entity_src_gen.pdbx_host_org_vector               ? 
_entity_src_gen.host_org_details                   ? 
_entity_src_gen.expression_system_id               ? 
_entity_src_gen.plasmid_name                       pQE30 
_entity_src_gen.plasmid_details                    ? 
_entity_src_gen.pdbx_description                   ? 
# 
loop_
_chem_comp.id 
_chem_comp.type 
_chem_comp.mon_nstd_flag 
_chem_comp.name 
_chem_comp.pdbx_synonyms 
_chem_comp.formula 
_chem_comp.formula_weight 
ALA 'L-peptide linking' y ALANINE         ?              'C3 H7 N O2'     89.093  
ARG 'L-peptide linking' y ARGININE        ?              'C6 H15 N4 O2 1' 175.209 
ASN 'L-peptide linking' y ASPARAGINE      ?              'C4 H8 N2 O3'    132.118 
ASP 'L-peptide linking' y 'ASPARTIC ACID' ?              'C4 H7 N O4'     133.103 
CD  non-polymer         . 'CADMIUM ION'   ?              'Cd 2'           112.411 
CYS 'L-peptide linking' y CYSTEINE        ?              'C3 H7 N O2 S'   121.158 
GLN 'L-peptide linking' y GLUTAMINE       ?              'C5 H10 N2 O3'   146.144 
GLU 'L-peptide linking' y 'GLUTAMIC ACID' ?              'C5 H9 N O4'     147.129 
GLY 'peptide linking'   y GLYCINE         ?              'C2 H5 N O2'     75.067  
HIS 'L-peptide linking' y HISTIDINE       ?              'C6 H10 N3 O2 1' 156.162 
HOH non-polymer         . WATER           ?              'H2 O'           18.015  
ILE 'L-peptide linking' y ISOLEUCINE      ?              'C6 H13 N O2'    131.173 
LEU 'L-peptide linking' y LEUCINE         ?              'C6 H13 N O2'    131.173 
LYS 'L-peptide linking' y LYSINE          ?              'C6 H15 N2 O2 1' 147.195 
MET 'L-peptide linking' y METHIONINE      ?              'C5 H11 N O2 S'  149.211 
ODI non-polymer         . OCTANE-1,8-DIOL 1,8-OCTANEDIOL 'C8 H18 O2'      146.227 
PHE 'L-peptide linking' y PHENYLALANINE   ?              'C9 H11 N O2'    165.189 
PRO 'L-peptide linking' y PROLINE         ?              'C5 H9 N O2'     115.130 
SER 'L-peptide linking' y SERINE          ?              'C3 H7 N O3'     105.093 
THR 'L-peptide linking' y THREONINE       ?              'C4 H9 N O3'     119.119 
TRP 'L-peptide linking' y TRYPTOPHAN      ?              'C11 H12 N2 O2'  204.225 
TYR 'L-peptide linking' y TYROSINE        ?              'C9 H11 N O3'    181.189 
VAL 'L-peptide linking' y VALINE          ?              'C5 H11 N O2'    117.146 
# 
loop_
_pdbx_poly_seq_scheme.asym_id 
_pdbx_poly_seq_scheme.entity_id 
_pdbx_poly_seq_scheme.seq_id 
_pdbx_poly_seq_scheme.mon_id 
_pdbx_poly_seq_scheme.ndb_seq_num 
_pdbx_poly_seq_scheme.pdb_seq_num 
_pdbx_poly_seq_scheme.auth_seq_num 
_pdbx_poly_seq_scheme.pdb_mon_id 
_pdbx_poly_seq_scheme.auth_mon_id 
_pdbx_poly_seq_scheme.pdb_strand_id 
_pdbx_poly_seq_scheme.pdb_ins_code 
_pdbx_poly_seq_scheme.hetero 
A 1 1   MET 1   -11 ?   ?   ?   A . n 
A 1 2   ARG 2   -10 ?   ?   ?   A . n 
A 1 3   GLY 3   -9  ?   ?   ?   A . n 
A 1 4   SER 4   -8  ?   ?   ?   A . n 
A 1 5   HIS 5   -7  ?   ?   ?   A . n 
A 1 6   HIS 6   -6  ?   ?   ?   A . n 
A 1 7   HIS 7   -5  ?   ?   ?   A . n 
A 1 8   HIS 8   -4  ?   ?   ?   A . n 
A 1 9   HIS 9   -3  ?   ?   ?   A . n 
A 1 10  HIS 10  -2  ?   ?   ?   A . n 
A 1 11  GLY 11  -1  ?   ?   ?   A . n 
A 1 12  SER 12  0   ?   ?   ?   A . n 
A 1 13  GLU 13  1   1   GLU GLU A . n 
A 1 14  GLU 14  2   2   GLU GLU A . n 
A 1 15  ALA 15  3   3   ALA ALA A . n 
A 1 16  SER 16  4   4   SER SER A . n 
A 1 17  SER 17  5   5   SER SER A . n 
A 1 18  THR 18  6   6   THR THR A . n 
A 1 19  GLY 19  7   7   GLY GLY A . n 
A 1 20  ARG 20  8   8   ARG ARG A . n 
A 1 21  ASN 21  9   9   ASN ASN A . n 
A 1 22  PHE 22  10  10  PHE PHE A . n 
A 1 23  ASN 23  11  11  ASN ASN A . n 
A 1 24  VAL 24  12  12  VAL VAL A . n 
A 1 25  GLU 25  13  13  GLU GLU A . n 
A 1 26  LYS 26  14  14  LYS LYS A . n 
A 1 27  ILE 27  15  15  ILE ILE A . n 
A 1 28  ASN 28  16  16  ASN ASN A . n 
A 1 29  GLY 29  17  17  GLY GLY A . n 
A 1 30  GLU 30  18  18  GLU GLU A . n 
A 1 31  TRP 31  19  19  TRP TRP A . n 
A 1 32  HIS 32  20  20  HIS HIS A . n 
A 1 33  THR 33  21  21  THR THR A . n 
A 1 34  ILE 34  22  22  ILE ILE A . n 
A 1 35  ILE 35  23  23  ILE ILE A . n 
A 1 36  LEU 36  24  24  LEU LEU A . n 
A 1 37  ALA 37  25  25  ALA ALA A . n 
A 1 38  SER 38  26  26  SER SER A . n 
A 1 39  ASP 39  27  27  ASP ASP A . n 
A 1 40  LYS 40  28  28  LYS LYS A . n 
A 1 41  ARG 41  29  29  ARG ARG A . n 
A 1 42  GLU 42  30  30  GLU GLU A . n 
A 1 43  LYS 43  31  31  LYS LYS A . n 
A 1 44  ILE 44  32  32  ILE ILE A . n 
A 1 45  GLU 45  33  33  GLU GLU A . n 
A 1 46  ASP 46  34  34  ASP ASP A . n 
A 1 47  ASN 47  35  35  ASN ASN A . n 
A 1 48  GLY 48  36  36  GLY GLY A . n 
A 1 49  ASN 49  37  37  ASN ASN A . n 
A 1 50  PHE 50  38  38  PHE PHE A . n 
A 1 51  ARG 51  39  39  ARG ARG A . n 
A 1 52  LEU 52  40  40  LEU LEU A . n 
A 1 53  PHE 53  41  41  PHE PHE A . n 
A 1 54  LEU 54  42  42  LEU LEU A . n 
A 1 55  GLU 55  43  43  GLU GLU A . n 
A 1 56  GLN 56  44  44  GLN GLN A . n 
A 1 57  ILE 57  45  45  ILE ILE A . n 
A 1 58  HIS 58  46  46  HIS HIS A . n 
A 1 59  VAL 59  47  47  VAL VAL A . n 
A 1 60  LEU 60  48  48  LEU LEU A . n 
A 1 61  GLU 61  49  49  GLU GLU A . n 
A 1 62  LYS 62  50  50  LYS LYS A . n 
A 1 63  SER 63  51  51  SER SER A . n 
A 1 64  LEU 64  52  52  LEU LEU A . n 
A 1 65  VAL 65  53  53  VAL VAL A . n 
A 1 66  LEU 66  54  54  LEU LEU A . n 
A 1 67  LYS 67  55  55  LYS LYS A . n 
A 1 68  PHE 68  56  56  PHE PHE A . n 
A 1 69  HIS 69  57  57  HIS HIS A . n 
A 1 70  THR 70  58  58  THR THR A . n 
A 1 71  VAL 71  59  59  VAL VAL A . n 
A 1 72  ARG 72  60  60  ARG ARG A . n 
A 1 73  ASP 73  61  61  ASP ASP A . n 
A 1 74  GLU 74  62  62  GLU GLU A . n 
A 1 75  GLU 75  63  63  GLU GLU A . n 
A 1 76  CYS 76  64  64  CYS CYS A . n 
A 1 77  SER 77  65  65  SER SER A . n 
A 1 78  GLU 78  66  66  GLU GLU A . n 
A 1 79  LEU 79  67  67  LEU LEU A . n 
A 1 80  SER 80  68  68  SER SER A . n 
A 1 81  MET 81  69  69  MET MET A . n 
A 1 82  VAL 82  70  70  VAL VAL A . n 
A 1 83  ALA 83  71  71  ALA ALA A . n 
A 1 84  ASP 84  72  72  ASP ASP A . n 
A 1 85  LYS 85  73  73  LYS LYS A . n 
A 1 86  THR 86  74  74  THR THR A . n 
A 1 87  GLU 87  75  75  GLU GLU A . n 
A 1 88  LYS 88  76  76  LYS LYS A . n 
A 1 89  ALA 89  77  77  ALA ALA A . n 
A 1 90  GLY 90  78  78  GLY GLY A . n 
A 1 91  GLU 91  79  79  GLU GLU A . n 
A 1 92  TYR 92  80  80  TYR TYR A . n 
A 1 93  SER 93  81  81  SER SER A . n 
A 1 94  VAL 94  82  82  VAL VAL A . n 
A 1 95  THR 95  83  83  THR THR A . n 
A 1 96  TYR 96  84  84  TYR TYR A . n 
A 1 97  ASP 97  85  85  ASP ASP A . n 
A 1 98  GLY 98  86  86  GLY GLY A . n 
A 1 99  PHE 99  87  87  PHE PHE A . n 
A 1 100 ASN 100 88  88  ASN ASN A . n 
A 1 101 THR 101 89  89  THR THR A . n 
A 1 102 PHE 102 90  90  PHE PHE A . n 
A 1 103 THR 103 91  91  THR THR A . n 
A 1 104 ILE 104 92  92  ILE ILE A . n 
A 1 105 PRO 105 93  93  PRO PRO A . n 
A 1 106 LYS 106 94  94  LYS LYS A . n 
A 1 107 THR 107 95  95  THR THR A . n 
A 1 108 ASP 108 96  96  ASP ASP A . n 
A 1 109 TYR 109 97  97  TYR TYR A . n 
A 1 110 ASP 110 98  98  ASP ASP A . n 
A 1 111 ASN 111 99  99  ASN ASN A . n 
A 1 112 PHE 112 100 100 PHE PHE A . n 
A 1 113 LEU 113 101 101 LEU LEU A . n 
A 1 114 MET 114 102 102 MET MET A . n 
A 1 115 ALA 115 103 103 ALA ALA A . n 
A 1 116 HIS 116 104 104 HIS HIS A . n 
A 1 117 LEU 117 105 105 LEU LEU A . n 
A 1 118 ILE 118 106 106 ILE ILE A . n 
A 1 119 ASN 119 107 107 ASN ASN A . n 
A 1 120 GLU 120 108 108 GLU GLU A . n 
A 1 121 LYS 121 109 109 LYS LYS A . n 
A 1 122 ASP 122 110 110 ASP ASP A . n 
A 1 123 GLY 123 111 111 GLY GLY A . n 
A 1 124 GLU 124 112 112 GLU GLU A . n 
A 1 125 THR 125 113 113 THR THR A . n 
A 1 126 PHE 126 114 114 PHE PHE A . n 
A 1 127 GLN 127 115 115 GLN GLN A . n 
A 1 128 LEU 128 116 116 LEU LEU A . n 
A 1 129 MET 129 117 117 MET MET A . n 
A 1 130 GLY 130 118 118 GLY GLY A . n 
A 1 131 LEU 131 119 119 LEU LEU A . n 
A 1 132 TYR 132 120 120 TYR TYR A . n 
A 1 133 GLY 133 121 121 GLY GLY A . n 
A 1 134 ARG 134 122 122 ARG ARG A . n 
A 1 135 GLU 135 123 123 GLU GLU A . n 
A 1 136 PRO 136 124 124 PRO PRO A . n 
A 1 137 ASP 137 125 125 ASP ASP A . n 
A 1 138 LEU 138 126 126 LEU LEU A . n 
A 1 139 SER 139 127 127 SER SER A . n 
A 1 140 SER 140 128 128 SER SER A . n 
A 1 141 ASP 141 129 129 ASP ASP A . n 
A 1 142 ILE 142 130 130 ILE ILE A . n 
A 1 143 LYS 143 131 131 LYS LYS A . n 
A 1 144 GLU 144 132 132 GLU GLU A . n 
A 1 145 ARG 145 133 133 ARG ARG A . n 
A 1 146 PHE 146 134 134 PHE PHE A . n 
A 1 147 ALA 147 135 135 ALA ALA A . n 
A 1 148 GLN 148 136 136 GLN GLN A . n 
A 1 149 LEU 149 137 137 LEU LEU A . n 
A 1 150 CYS 150 138 138 CYS CYS A . n 
A 1 151 GLU 151 139 139 GLU GLU A . n 
A 1 152 GLU 152 140 140 GLU GLU A . n 
A 1 153 HIS 153 141 141 HIS HIS A . n 
A 1 154 GLY 154 142 142 GLY GLY A . n 
A 1 155 ILE 155 143 143 ILE ILE A . n 
A 1 156 LEU 156 144 144 LEU LEU A . n 
A 1 157 ARG 157 145 145 ARG ARG A . n 
A 1 158 GLU 158 146 146 GLU GLU A . n 
A 1 159 ASN 159 147 147 ASN ASN A . n 
A 1 160 ILE 160 148 148 ILE ILE A . n 
A 1 161 ILE 161 149 149 ILE ILE A . n 
A 1 162 ASP 162 150 150 ASP ASP A . n 
A 1 163 LEU 163 151 151 LEU LEU A . n 
A 1 164 SER 164 152 152 SER SER A . n 
A 1 165 ASN 165 153 153 ASN ASN A . n 
A 1 166 ALA 166 154 154 ALA ALA A . n 
A 1 167 ASN 167 155 155 ASN ASN A . n 
A 1 168 ARG 168 156 156 ARG ARG A . n 
A 1 169 CYS 169 157 157 CYS CYS A . n 
A 1 170 LEU 170 158 ?   ?   ?   A . n 
A 1 171 GLN 171 159 ?   ?   ?   A . n 
A 1 172 ALA 172 160 ?   ?   ?   A . n 
A 1 173 ARG 173 161 ?   ?   ?   A . n 
A 1 174 GLU 174 162 ?   ?   ?   A . n 
# 
loop_
_pdbx_nonpoly_scheme.asym_id 
_pdbx_nonpoly_scheme.entity_id 
_pdbx_nonpoly_scheme.mon_id 
_pdbx_nonpoly_scheme.ndb_seq_num 
_pdbx_nonpoly_scheme.pdb_seq_num 
_pdbx_nonpoly_scheme.auth_seq_num 
_pdbx_nonpoly_scheme.pdb_mon_id 
_pdbx_nonpoly_scheme.auth_mon_id 
_pdbx_nonpoly_scheme.pdb_strand_id 
_pdbx_nonpoly_scheme.pdb_ins_code 
B 2 CD  1   200 200 CD  CD  A . 
C 2 CD  1   201 201 CD  CD  A . 
D 2 CD  1   202 202 CD  CD  A . 
E 2 CD  1   311 311 CD  CD  A . 
F 3 ODI 1   312 1   ODI DRG A . 
G 4 HOH 1   313 203 HOH WAT A . 
G 4 HOH 2   314 204 HOH WAT A . 
G 4 HOH 3   315 207 HOH WAT A . 
G 4 HOH 4   316 208 HOH WAT A . 
G 4 HOH 5   317 209 HOH WAT A . 
G 4 HOH 6   318 210 HOH WAT A . 
G 4 HOH 7   319 211 HOH WAT A . 
G 4 HOH 8   320 212 HOH WAT A . 
G 4 HOH 9   321 213 HOH WAT A . 
G 4 HOH 10  322 214 HOH WAT A . 
G 4 HOH 11  323 215 HOH WAT A . 
G 4 HOH 12  324 217 HOH WAT A . 
G 4 HOH 13  325 218 HOH WAT A . 
G 4 HOH 14  326 220 HOH WAT A . 
G 4 HOH 15  327 221 HOH WAT A . 
G 4 HOH 16  328 222 HOH WAT A . 
G 4 HOH 17  329 223 HOH WAT A . 
G 4 HOH 18  330 224 HOH WAT A . 
G 4 HOH 19  331 225 HOH WAT A . 
G 4 HOH 20  332 226 HOH WAT A . 
G 4 HOH 21  333 227 HOH WAT A . 
G 4 HOH 22  334 228 HOH WAT A . 
G 4 HOH 23  335 229 HOH WAT A . 
G 4 HOH 24  336 230 HOH WAT A . 
G 4 HOH 25  337 232 HOH WAT A . 
G 4 HOH 26  338 233 HOH WAT A . 
G 4 HOH 27  339 234 HOH WAT A . 
G 4 HOH 28  340 235 HOH WAT A . 
G 4 HOH 29  341 236 HOH WAT A . 
G 4 HOH 30  342 237 HOH WAT A . 
G 4 HOH 31  343 238 HOH WAT A . 
G 4 HOH 32  344 239 HOH WAT A . 
G 4 HOH 33  345 240 HOH WAT A . 
G 4 HOH 34  346 241 HOH WAT A . 
G 4 HOH 35  347 242 HOH WAT A . 
G 4 HOH 36  348 244 HOH WAT A . 
G 4 HOH 37  349 245 HOH WAT A . 
G 4 HOH 38  350 246 HOH WAT A . 
G 4 HOH 39  351 247 HOH WAT A . 
G 4 HOH 40  352 248 HOH WAT A . 
G 4 HOH 41  353 249 HOH WAT A . 
G 4 HOH 42  354 250 HOH WAT A . 
G 4 HOH 43  355 251 HOH WAT A . 
G 4 HOH 44  356 252 HOH WAT A . 
G 4 HOH 45  357 253 HOH WAT A . 
G 4 HOH 46  358 254 HOH WAT A . 
G 4 HOH 47  359 255 HOH WAT A . 
G 4 HOH 48  360 256 HOH WAT A . 
G 4 HOH 49  361 257 HOH WAT A . 
G 4 HOH 50  362 258 HOH WAT A . 
G 4 HOH 51  363 259 HOH WAT A . 
G 4 HOH 52  364 260 HOH WAT A . 
G 4 HOH 53  365 261 HOH WAT A . 
G 4 HOH 54  366 262 HOH WAT A . 
G 4 HOH 55  367 263 HOH WAT A . 
G 4 HOH 56  368 264 HOH WAT A . 
G 4 HOH 57  369 265 HOH WAT A . 
G 4 HOH 58  370 266 HOH WAT A . 
G 4 HOH 59  371 267 HOH WAT A . 
G 4 HOH 60  372 268 HOH WAT A . 
G 4 HOH 61  373 269 HOH WAT A . 
G 4 HOH 62  374 270 HOH WAT A . 
G 4 HOH 63  375 271 HOH WAT A . 
G 4 HOH 64  376 272 HOH WAT A . 
G 4 HOH 65  377 274 HOH WAT A . 
G 4 HOH 66  378 275 HOH WAT A . 
G 4 HOH 67  379 276 HOH WAT A . 
G 4 HOH 68  380 277 HOH WAT A . 
G 4 HOH 69  381 278 HOH WAT A . 
G 4 HOH 70  382 279 HOH WAT A . 
G 4 HOH 71  383 280 HOH WAT A . 
G 4 HOH 72  384 281 HOH WAT A . 
G 4 HOH 73  385 282 HOH WAT A . 
G 4 HOH 74  386 283 HOH WAT A . 
G 4 HOH 75  387 284 HOH WAT A . 
G 4 HOH 76  388 285 HOH WAT A . 
G 4 HOH 77  389 286 HOH WAT A . 
G 4 HOH 78  390 287 HOH WAT A . 
G 4 HOH 79  391 288 HOH WAT A . 
G 4 HOH 80  392 289 HOH WAT A . 
G 4 HOH 81  393 290 HOH WAT A . 
G 4 HOH 82  394 291 HOH WAT A . 
G 4 HOH 83  395 292 HOH WAT A . 
G 4 HOH 84  396 293 HOH WAT A . 
G 4 HOH 85  397 294 HOH WAT A . 
G 4 HOH 86  398 295 HOH WAT A . 
G 4 HOH 87  399 296 HOH WAT A . 
G 4 HOH 88  400 297 HOH WAT A . 
G 4 HOH 89  401 298 HOH WAT A . 
G 4 HOH 90  402 299 HOH WAT A . 
G 4 HOH 91  403 300 HOH WAT A . 
G 4 HOH 92  404 301 HOH WAT A . 
G 4 HOH 93  405 302 HOH WAT A . 
G 4 HOH 94  406 303 HOH WAT A . 
G 4 HOH 95  407 304 HOH WAT A . 
G 4 HOH 96  408 305 HOH WAT A . 
G 4 HOH 97  409 306 HOH WAT A . 
G 4 HOH 98  410 307 HOH WAT A . 
G 4 HOH 99  411 308 HOH WAT A . 
G 4 HOH 100 412 309 HOH WAT A . 
G 4 HOH 101 413 310 HOH WAT A . 
G 4 HOH 102 414 312 HOH WAT A . 
G 4 HOH 103 415 313 HOH WAT A . 
G 4 HOH 104 416 314 HOH WAT A . 
G 4 HOH 105 417 315 HOH WAT A . 
G 4 HOH 106 418 317 HOH WAT A . 
G 4 HOH 107 419 318 HOH WAT A . 
G 4 HOH 108 420 320 HOH WAT A . 
G 4 HOH 109 421 321 HOH WAT A . 
G 4 HOH 110 422 322 HOH WAT A . 
G 4 HOH 111 423 323 HOH WAT A . 
G 4 HOH 112 424 324 HOH WAT A . 
G 4 HOH 113 425 325 HOH WAT A . 
G 4 HOH 114 426 326 HOH WAT A . 
G 4 HOH 115 427 327 HOH WAT A . 
G 4 HOH 116 428 328 HOH WAT A . 
G 4 HOH 117 429 329 HOH WAT A . 
G 4 HOH 118 430 331 HOH WAT A . 
G 4 HOH 119 431 332 HOH WAT A . 
G 4 HOH 120 432 333 HOH WAT A . 
G 4 HOH 121 433 334 HOH WAT A . 
G 4 HOH 122 434 335 HOH WAT A . 
G 4 HOH 123 435 336 HOH WAT A . 
G 4 HOH 124 436 337 HOH WAT A . 
G 4 HOH 125 437 338 HOH WAT A . 
G 4 HOH 126 438 339 HOH WAT A . 
G 4 HOH 127 439 340 HOH WAT A . 
G 4 HOH 128 440 341 HOH WAT A . 
G 4 HOH 129 441 342 HOH WAT A . 
G 4 HOH 130 442 343 HOH WAT A . 
G 4 HOH 131 443 344 HOH WAT A . 
G 4 HOH 132 444 345 HOH WAT A . 
G 4 HOH 133 445 346 HOH WAT A . 
G 4 HOH 134 446 347 HOH WAT A . 
G 4 HOH 135 447 348 HOH WAT A . 
G 4 HOH 136 448 349 HOH WAT A . 
G 4 HOH 137 449 350 HOH WAT A . 
G 4 HOH 138 450 351 HOH WAT A . 
G 4 HOH 139 451 352 HOH WAT A . 
G 4 HOH 140 452 353 HOH WAT A . 
G 4 HOH 141 453 354 HOH WAT A . 
G 4 HOH 142 454 355 HOH WAT A . 
G 4 HOH 143 455 356 HOH WAT A . 
G 4 HOH 144 456 357 HOH WAT A . 
G 4 HOH 145 457 358 HOH WAT A . 
G 4 HOH 146 458 359 HOH WAT A . 
G 4 HOH 147 459 360 HOH WAT A . 
G 4 HOH 148 460 361 HOH WAT A . 
G 4 HOH 149 461 362 HOH WAT A . 
G 4 HOH 150 462 363 HOH WAT A . 
G 4 HOH 151 463 364 HOH WAT A . 
G 4 HOH 152 464 365 HOH WAT A . 
G 4 HOH 153 465 366 HOH WAT A . 
G 4 HOH 154 466 367 HOH WAT A . 
G 4 HOH 155 467 368 HOH WAT A . 
G 4 HOH 156 468 369 HOH WAT A . 
G 4 HOH 157 469 370 HOH WAT A . 
G 4 HOH 158 470 371 HOH WAT A . 
G 4 HOH 159 471 372 HOH WAT A . 
G 4 HOH 160 472 381 HOH WAT A . 
G 4 HOH 161 473 382 HOH WAT A . 
G 4 HOH 162 474 383 HOH WAT A . 
G 4 HOH 163 475 384 HOH WAT A . 
G 4 HOH 164 476 385 HOH WAT A . 
G 4 HOH 165 477 386 HOH WAT A . 
G 4 HOH 166 478 387 HOH WAT A . 
G 4 HOH 167 479 388 HOH WAT A . 
G 4 HOH 168 480 389 HOH WAT A . 
G 4 HOH 169 481 390 HOH WAT A . 
G 4 HOH 170 482 391 HOH WAT A . 
G 4 HOH 171 483 392 HOH WAT A . 
G 4 HOH 172 484 393 HOH WAT A . 
G 4 HOH 173 485 394 HOH WAT A . 
G 4 HOH 174 486 395 HOH WAT A . 
# 
loop_
_software.name 
_software.classification 
_software.version 
_software.citation_id 
_software.pdbx_ordinal 
CrystalClear 'data collection' .              ? 1 
SCALA        'data scaling'    .              ? 2 
CNS          refinement        .              ? 3 
CrystalClear 'data reduction'  '(MSC/RIGAKU)' ? 4 
CCP4         'data scaling'    '(SCALA)'      ? 5 
CNS          phasing           .              ? 6 
# 
_cell.entry_id           2DM5 
_cell.length_a           53.522 
_cell.length_b           53.522 
_cell.length_c           137.192 
_cell.angle_alpha        90.00 
_cell.angle_beta         90.00 
_cell.angle_gamma        90.00 
_cell.Z_PDB              8 
_cell.pdbx_unique_axis   ? 
_cell.length_a_esd       ? 
_cell.length_b_esd       ? 
_cell.length_c_esd       ? 
_cell.angle_alpha_esd    ? 
_cell.angle_beta_esd     ? 
_cell.angle_gamma_esd    ? 
# 
_symmetry.entry_id                         2DM5 
_symmetry.space_group_name_H-M             'P 43 21 2' 
_symmetry.pdbx_full_space_group_name_H-M   ? 
_symmetry.cell_setting                     ? 
_symmetry.Int_Tables_number                96 
_symmetry.space_group_name_Hall            ? 
# 
_exptl.entry_id          2DM5 
_exptl.method            'X-RAY DIFFRACTION' 
_exptl.crystals_number   1 
# 
_exptl_crystal.id                    1 
_exptl_crystal.density_meas          ? 
_exptl_crystal.density_Matthews      2.44 
_exptl_crystal.density_percent_sol   49.57 
_exptl_crystal.description           ? 
_exptl_crystal.F_000                 ? 
_exptl_crystal.preparation           ? 
# 
_exptl_crystal_grow.crystal_id      1 
_exptl_crystal_grow.method          'VAPOR DIFFUSION, HANGING DROP' 
_exptl_crystal_grow.temp            291 
_exptl_crystal_grow.temp_details    ? 
_exptl_crystal_grow.pH              4.8 
_exptl_crystal_grow.pdbx_details    'CADMIUM CHLORIDE, MALATE, HCL, pH 4.8, VAPOR DIFFUSION, HANGING DROP, temperature 291K' 
_exptl_crystal_grow.pdbx_pH_range   . 
# 
_diffrn.id                     1 
_diffrn.ambient_temp           100 
_diffrn.ambient_temp_details   ? 
_diffrn.crystal_id             1 
# 
_diffrn_detector.diffrn_id              1 
_diffrn_detector.detector               'IMAGE PLATE' 
_diffrn_detector.type                   'RIGAKU RAXIS IV' 
_diffrn_detector.pdbx_collection_date   2006-01-03 
_diffrn_detector.details                'confocal max flux (osmic)' 
# 
_diffrn_radiation.diffrn_id                        1 
_diffrn_radiation.wavelength_id                    1 
_diffrn_radiation.pdbx_monochromatic_or_laue_m_l   M 
_diffrn_radiation.monochromator                    'Ni filter' 
_diffrn_radiation.pdbx_diffrn_protocol             'SINGLE WAVELENGTH' 
_diffrn_radiation.pdbx_scattering_type             x-ray 
# 
_diffrn_radiation_wavelength.id           1 
_diffrn_radiation_wavelength.wavelength   1.5418 
_diffrn_radiation_wavelength.wt           1.0 
# 
_diffrn_source.diffrn_id                   1 
_diffrn_source.source                      'ROTATING ANODE' 
_diffrn_source.type                        'RIGAKU RUH3R' 
_diffrn_source.pdbx_synchrotron_site       ? 
_diffrn_source.pdbx_synchrotron_beamline   ? 
_diffrn_source.pdbx_wavelength             ? 
_diffrn_source.pdbx_wavelength_list        1.5418 
# 
_reflns.entry_id                     2DM5 
_reflns.observed_criterion_sigma_I   0 
_reflns.observed_criterion_sigma_F   0 
_reflns.d_resolution_low             49 
_reflns.d_resolution_high            1.7 
_reflns.number_obs                   22732 
_reflns.number_all                   22732 
_reflns.percent_possible_obs         99.6 
_reflns.pdbx_Rmerge_I_obs            ? 
_reflns.pdbx_Rsym_value              0.073 
_reflns.pdbx_netI_over_sigmaI        7.7 
_reflns.B_iso_Wilson_estimate        18.9 
_reflns.pdbx_redundancy              5.9 
_reflns.R_free_details               ? 
_reflns.limit_h_max                  ? 
_reflns.limit_h_min                  ? 
_reflns.limit_k_max                  ? 
_reflns.limit_k_min                  ? 
_reflns.limit_l_max                  ? 
_reflns.limit_l_min                  ? 
_reflns.observed_criterion_F_max     ? 
_reflns.observed_criterion_F_min     ? 
_reflns.pdbx_chi_squared             ? 
_reflns.pdbx_scaling_rejects         ? 
_reflns.pdbx_diffrn_id               1 
_reflns.pdbx_ordinal                 1 
# 
_reflns_shell.d_res_high             1.7 
_reflns_shell.d_res_low              1.79 
_reflns_shell.percent_possible_all   98 
_reflns_shell.Rmerge_I_obs           ? 
_reflns_shell.pdbx_Rsym_value        0.292 
_reflns_shell.meanI_over_sigI_obs    2.4 
_reflns_shell.pdbx_redundancy        2.8 
_reflns_shell.percent_possible_obs   ? 
_reflns_shell.number_unique_all      3195 
_reflns_shell.number_measured_all    ? 
_reflns_shell.number_measured_obs    ? 
_reflns_shell.number_unique_obs      ? 
_reflns_shell.pdbx_chi_squared       ? 
_reflns_shell.pdbx_diffrn_id         ? 
_reflns_shell.pdbx_ordinal           1 
# 
_refine.entry_id                                 2DM5 
_refine.ls_number_reflns_obs                     22732 
_refine.ls_number_reflns_all                     22732 
_refine.pdbx_ls_sigma_I                          0 
_refine.pdbx_ls_sigma_F                          0 
_refine.pdbx_data_cutoff_high_absF               ? 
_refine.pdbx_data_cutoff_low_absF                ? 
_refine.pdbx_data_cutoff_high_rms_absF           ? 
_refine.ls_d_res_low                             25.42 
_refine.ls_d_res_high                            1.7 
_refine.ls_percent_reflns_obs                    99.5 
_refine.ls_R_factor_obs                          0.19 
_refine.ls_R_factor_all                          ? 
_refine.ls_R_factor_R_work                       0.19 
_refine.ls_R_factor_R_free                       0.2 
_refine.ls_R_factor_R_free_error                 ? 
_refine.ls_R_factor_R_free_error_details         ? 
_refine.ls_percent_reflns_R_free                 ? 
_refine.ls_number_reflns_R_free                  1145 
_refine.ls_number_parameters                     ? 
_refine.ls_number_restraints                     ? 
_refine.occupancy_min                            ? 
_refine.occupancy_max                            ? 
_refine.correlation_coeff_Fo_to_Fc               ? 
_refine.correlation_coeff_Fo_to_Fc_free          ? 
_refine.B_iso_mean                               24.9 
_refine.aniso_B[1][1]                            2.26 
_refine.aniso_B[2][2]                            2.26 
_refine.aniso_B[3][3]                            -4.52 
_refine.aniso_B[1][2]                            0 
_refine.aniso_B[1][3]                            0 
_refine.aniso_B[2][3]                            0 
_refine.solvent_model_details                    ? 
_refine.solvent_model_param_ksol                 ? 
_refine.solvent_model_param_bsol                 ? 
_refine.pdbx_solvent_vdw_probe_radii             ? 
_refine.pdbx_solvent_ion_probe_radii             ? 
_refine.pdbx_solvent_shrinkage_radii             ? 
_refine.pdbx_ls_cross_valid_method               THROUGHOUT 
_refine.details                                  ? 
_refine.pdbx_starting_model                      'PDB ENTRY 1QY0' 
_refine.pdbx_method_to_determine_struct          'MOLECULAR REPLACEMENT' 
_refine.pdbx_isotropic_thermal_model             isotropic 
_refine.pdbx_stereochemistry_target_values       'Engh & Huber' 
_refine.pdbx_stereochem_target_val_spec_case     ? 
_refine.pdbx_R_Free_selection_details            RANDOM 
_refine.pdbx_overall_ESU_R                       ? 
_refine.pdbx_overall_ESU_R_Free                  ? 
_refine.overall_SU_ML                            ? 
_refine.overall_SU_B                             ? 
_refine.ls_redundancy_reflns_obs                 ? 
_refine.B_iso_min                                ? 
_refine.B_iso_max                                ? 
_refine.overall_SU_R_Cruickshank_DPI             ? 
_refine.overall_SU_R_free                        ? 
_refine.ls_wR_factor_R_free                      ? 
_refine.ls_wR_factor_R_work                      ? 
_refine.overall_FOM_free_R_set                   ? 
_refine.overall_FOM_work_R_set                   ? 
_refine.pdbx_refine_id                           'X-RAY DIFFRACTION' 
_refine.pdbx_diffrn_id                           1 
_refine.pdbx_TLS_residual_ADP_flag               ? 
_refine.pdbx_overall_phase_error                 ? 
_refine.pdbx_overall_SU_R_free_Cruickshank_DPI   ? 
_refine.pdbx_overall_SU_R_Blow_DPI               ? 
_refine.pdbx_overall_SU_R_free_Blow_DPI          ? 
# 
_refine_analyze.entry_id                        2DM5 
_refine_analyze.Luzzati_coordinate_error_obs    0.19 
_refine_analyze.Luzzati_sigma_a_obs             0.13 
_refine_analyze.Luzzati_d_res_low_obs           5 
_refine_analyze.Luzzati_coordinate_error_free   0.2 
_refine_analyze.Luzzati_sigma_a_free            0.15 
_refine_analyze.Luzzati_d_res_low_free          ? 
_refine_analyze.number_disordered_residues      ? 
_refine_analyze.occupancy_sum_hydrogen          ? 
_refine_analyze.occupancy_sum_non_hydrogen      ? 
_refine_analyze.pdbx_Luzzati_d_res_high_obs     ? 
_refine_analyze.pdbx_refine_id                  'X-RAY DIFFRACTION' 
# 
_refine_hist.pdbx_refine_id                   'X-RAY DIFFRACTION' 
_refine_hist.cycle_id                         LAST 
_refine_hist.pdbx_number_atoms_protein        1272 
_refine_hist.pdbx_number_atoms_nucleic_acid   0 
_refine_hist.pdbx_number_atoms_ligand         14 
_refine_hist.number_atoms_solvent             174 
_refine_hist.number_atoms_total               1460 
_refine_hist.d_res_high                       1.7 
_refine_hist.d_res_low                        25.42 
# 
loop_
_refine_ls_restr.type 
_refine_ls_restr.dev_ideal 
_refine_ls_restr.dev_ideal_target 
_refine_ls_restr.weight 
_refine_ls_restr.number 
_refine_ls_restr.pdbx_refine_id 
_refine_ls_restr.pdbx_restraint_function 
c_bond_d    0.013 ? ? ? 'X-RAY DIFFRACTION' ? 
c_angle_deg 1.68  ? ? ? 'X-RAY DIFFRACTION' ? 
# 
_refine_ls_shell.pdbx_total_number_of_bins_used   ? 
_refine_ls_shell.d_res_high                       1.7 
_refine_ls_shell.d_res_low                        1.76 
_refine_ls_shell.number_reflns_R_work             ? 
_refine_ls_shell.R_factor_R_work                  0.326 
_refine_ls_shell.percent_reflns_obs               96.9 
_refine_ls_shell.R_factor_R_free                  0.309 
_refine_ls_shell.R_factor_R_free_error            0.027 
_refine_ls_shell.percent_reflns_R_free            ? 
_refine_ls_shell.number_reflns_R_free             136 
_refine_ls_shell.number_reflns_all                ? 
_refine_ls_shell.R_factor_all                     ? 
_refine_ls_shell.number_reflns_obs                2161 
_refine_ls_shell.redundancy_reflns_obs            ? 
_refine_ls_shell.pdbx_refine_id                   'X-RAY DIFFRACTION' 
# 
_struct.entry_id                  2DM5 
_struct.title                     
'Thermodynamic Penalty Arising From Burial of a Ligand Polar Group Within a Hydrophobic Pocket of a Protein Receptor' 
_struct.pdbx_model_details        ? 
_struct.pdbx_CASP_flag            ? 
_struct.pdbx_model_type_details   ? 
# 
_struct_keywords.entry_id        2DM5 
_struct_keywords.pdbx_keywords   'TRANSPORT PROTEIN' 
_struct_keywords.text            'BETA BARREL, LIPOCALIN, TRANSPORT PROTEIN' 
# 
loop_
_struct_asym.id 
_struct_asym.pdbx_blank_PDB_chainid_flag 
_struct_asym.pdbx_modified 
_struct_asym.entity_id 
_struct_asym.details 
A N N 1 ? 
B N N 2 ? 
C N N 2 ? 
D N N 2 ? 
E N N 2 ? 
F N N 3 ? 
G N N 4 ? 
# 
_struct_ref.id                         1 
_struct_ref.db_name                    UNP 
_struct_ref.db_code                    MUP2_MOUSE 
_struct_ref.pdbx_db_accession          P11589 
_struct_ref.entity_id                  1 
_struct_ref.pdbx_align_begin           19 
_struct_ref.pdbx_db_isoform            ? 
_struct_ref.pdbx_seq_one_letter_code   ? 
# 
_struct_ref_seq.align_id                      1 
_struct_ref_seq.ref_id                        1 
_struct_ref_seq.pdbx_PDB_id_code              2DM5 
_struct_ref_seq.pdbx_strand_id                A 
_struct_ref_seq.seq_align_beg                 13 
_struct_ref_seq.pdbx_seq_align_beg_ins_code   ? 
_struct_ref_seq.seq_align_end                 174 
_struct_ref_seq.pdbx_seq_align_end_ins_code   ? 
_struct_ref_seq.pdbx_db_accession             P11589 
_struct_ref_seq.db_align_beg                  19 
_struct_ref_seq.pdbx_db_align_beg_ins_code    ? 
_struct_ref_seq.db_align_end                  180 
_struct_ref_seq.pdbx_db_align_end_ins_code    ? 
_struct_ref_seq.pdbx_auth_seq_align_beg       1 
_struct_ref_seq.pdbx_auth_seq_align_end       162 
# 
loop_
_struct_ref_seq_dif.align_id 
_struct_ref_seq_dif.pdbx_pdb_id_code 
_struct_ref_seq_dif.mon_id 
_struct_ref_seq_dif.pdbx_pdb_strand_id 
_struct_ref_seq_dif.seq_num 
_struct_ref_seq_dif.pdbx_pdb_ins_code 
_struct_ref_seq_dif.pdbx_seq_db_name 
_struct_ref_seq_dif.pdbx_seq_db_accession_code 
_struct_ref_seq_dif.db_mon_id 
_struct_ref_seq_dif.pdbx_seq_db_seq_num 
_struct_ref_seq_dif.details 
_struct_ref_seq_dif.pdbx_auth_seq_num 
_struct_ref_seq_dif.pdbx_ordinal 
1 2DM5 MET A 1  ? UNP P11589 ? ? 'expression tag' -11 1  
1 2DM5 ARG A 2  ? UNP P11589 ? ? 'expression tag' -10 2  
1 2DM5 GLY A 3  ? UNP P11589 ? ? 'expression tag' -9  3  
1 2DM5 SER A 4  ? UNP P11589 ? ? 'expression tag' -8  4  
1 2DM5 HIS A 5  ? UNP P11589 ? ? 'expression tag' -7  5  
1 2DM5 HIS A 6  ? UNP P11589 ? ? 'expression tag' -6  6  
1 2DM5 HIS A 7  ? UNP P11589 ? ? 'expression tag' -5  7  
1 2DM5 HIS A 8  ? UNP P11589 ? ? 'expression tag' -4  8  
1 2DM5 HIS A 9  ? UNP P11589 ? ? 'expression tag' -3  9  
1 2DM5 HIS A 10 ? UNP P11589 ? ? 'expression tag' -2  10 
1 2DM5 GLY A 11 ? UNP P11589 ? ? 'expression tag' -1  11 
1 2DM5 SER A 12 ? UNP P11589 ? ? 'expression tag' 0   12 
# 
_pdbx_struct_assembly.id                   1 
_pdbx_struct_assembly.details              author_defined_assembly 
_pdbx_struct_assembly.method_details       ? 
_pdbx_struct_assembly.oligomeric_details   monomeric 
_pdbx_struct_assembly.oligomeric_count     1 
# 
_pdbx_struct_assembly_gen.assembly_id       1 
_pdbx_struct_assembly_gen.oper_expression   1 
_pdbx_struct_assembly_gen.asym_id_list      A,B,C,D,E,F,G 
# 
_pdbx_struct_oper_list.id                   1 
_pdbx_struct_oper_list.type                 'identity operation' 
_pdbx_struct_oper_list.name                 1_555 
_pdbx_struct_oper_list.symmetry_operation   x,y,z 
_pdbx_struct_oper_list.matrix[1][1]         1.0000000000 
_pdbx_struct_oper_list.matrix[1][2]         0.0000000000 
_pdbx_struct_oper_list.matrix[1][3]         0.0000000000 
_pdbx_struct_oper_list.vector[1]            0.0000000000 
_pdbx_struct_oper_list.matrix[2][1]         0.0000000000 
_pdbx_struct_oper_list.matrix[2][2]         1.0000000000 
_pdbx_struct_oper_list.matrix[2][3]         0.0000000000 
_pdbx_struct_oper_list.vector[2]            0.0000000000 
_pdbx_struct_oper_list.matrix[3][1]         0.0000000000 
_pdbx_struct_oper_list.matrix[3][2]         0.0000000000 
_pdbx_struct_oper_list.matrix[3][3]         1.0000000000 
_pdbx_struct_oper_list.vector[3]            0.0000000000 
# 
loop_
_struct_conf.conf_type_id 
_struct_conf.id 
_struct_conf.pdbx_PDB_helix_id 
_struct_conf.beg_label_comp_id 
_struct_conf.beg_label_asym_id 
_struct_conf.beg_label_seq_id 
_struct_conf.pdbx_beg_PDB_ins_code 
_struct_conf.end_label_comp_id 
_struct_conf.end_label_asym_id 
_struct_conf.end_label_seq_id 
_struct_conf.pdbx_end_PDB_ins_code 
_struct_conf.beg_auth_comp_id 
_struct_conf.beg_auth_asym_id 
_struct_conf.beg_auth_seq_id 
_struct_conf.end_auth_comp_id 
_struct_conf.end_auth_asym_id 
_struct_conf.end_auth_seq_id 
_struct_conf.pdbx_PDB_helix_class 
_struct_conf.details 
_struct_conf.pdbx_PDB_helix_length 
HELX_P HELX_P1 1 ASN A 23  ? ASN A 28  ? ASN A 11  ASN A 16  5 ? 6  
HELX_P HELX_P2 2 LYS A 40  ? GLU A 45  ? LYS A 28  GLU A 33  5 ? 6  
HELX_P HELX_P3 3 SER A 139 ? HIS A 153 ? SER A 127 HIS A 141 1 ? 15 
HELX_P HELX_P4 4 LEU A 156 ? GLU A 158 ? LEU A 144 GLU A 146 5 ? 3  
# 
_struct_conf_type.id          HELX_P 
_struct_conf_type.criteria    ? 
_struct_conf_type.reference   ? 
# 
loop_
_struct_conn.id 
_struct_conn.conn_type_id 
_struct_conn.pdbx_leaving_atom_flag 
_struct_conn.pdbx_PDB_id 
_struct_conn.ptnr1_label_asym_id 
_struct_conn.ptnr1_label_comp_id 
_struct_conn.ptnr1_label_seq_id 
_struct_conn.ptnr1_label_atom_id 
_struct_conn.pdbx_ptnr1_label_alt_id 
_struct_conn.pdbx_ptnr1_PDB_ins_code 
_struct_conn.pdbx_ptnr1_standard_comp_id 
_struct_conn.ptnr1_symmetry 
_struct_conn.ptnr2_label_asym_id 
_struct_conn.ptnr2_label_comp_id 
_struct_conn.ptnr2_label_seq_id 
_struct_conn.ptnr2_label_atom_id 
_struct_conn.pdbx_ptnr2_label_alt_id 
_struct_conn.pdbx_ptnr2_PDB_ins_code 
_struct_conn.ptnr1_auth_asym_id 
_struct_conn.ptnr1_auth_comp_id 
_struct_conn.ptnr1_auth_seq_id 
_struct_conn.ptnr2_auth_asym_id 
_struct_conn.ptnr2_auth_comp_id 
_struct_conn.ptnr2_auth_seq_id 
_struct_conn.ptnr2_symmetry 
_struct_conn.pdbx_ptnr3_label_atom_id 
_struct_conn.pdbx_ptnr3_label_seq_id 
_struct_conn.pdbx_ptnr3_label_comp_id 
_struct_conn.pdbx_ptnr3_label_asym_id 
_struct_conn.pdbx_ptnr3_label_alt_id 
_struct_conn.pdbx_ptnr3_PDB_ins_code 
_struct_conn.details 
_struct_conn.pdbx_dist_value 
_struct_conn.pdbx_value_order 
_struct_conn.pdbx_role 
disulf1  disulf ? ? A CYS 76  SG  ? ? ? 1_555 A CYS 169 SG ? ? A CYS 64  A CYS 157 1_555 ? ? ? ? ? ? ? 2.038 ? ? 
metalc1  metalc ? ? A GLU 25  OE1 ? ? ? 1_555 C CD  .   CD ? ? A GLU 13  A CD  201 1_555 ? ? ? ? ? ? ? 2.345 ? ? 
metalc2  metalc ? ? A GLU 25  OE2 ? ? ? 1_555 C CD  .   CD ? ? A GLU 13  A CD  201 1_555 ? ? ? ? ? ? ? 2.577 ? ? 
metalc3  metalc ? ? A GLU 30  OE1 ? ? ? 5_645 B CD  .   CD ? ? A GLU 18  A CD  200 1_555 ? ? ? ? ? ? ? 2.356 ? ? 
metalc4  metalc ? ? A GLU 30  OE2 ? ? ? 5_645 B CD  .   CD ? ? A GLU 18  A CD  200 1_555 ? ? ? ? ? ? ? 2.446 ? ? 
metalc5  metalc ? ? A HIS 116 ND1 ? ? ? 1_555 D CD  .   CD ? ? A HIS 104 A CD  202 1_555 ? ? ? ? ? ? ? 2.417 ? ? 
metalc6  metalc ? ? A ASP 122 OD1 ? ? ? 8_675 C CD  .   CD ? ? A ASP 110 A CD  201 1_555 ? ? ? ? ? ? ? 2.307 ? ? 
metalc7  metalc ? ? A GLU 151 OE1 ? ? ? 1_555 B CD  .   CD ? ? A GLU 139 A CD  200 1_555 ? ? ? ? ? ? ? 2.473 ? ? 
metalc8  metalc ? ? A GLU 151 OE2 ? ? ? 1_555 B CD  .   CD ? ? A GLU 139 A CD  200 1_555 ? ? ? ? ? ? ? 2.264 ? ? 
metalc9  metalc ? ? A HIS 153 NE2 ? ? ? 1_555 E CD  .   CD ? ? A HIS 141 A CD  311 1_555 ? ? ? ? ? ? ? 2.406 ? ? 
metalc10 metalc ? ? B CD  .   CD  ? ? ? 1_555 G HOH .   O  ? ? A CD  200 A HOH 472 1_555 ? ? ? ? ? ? ? 2.252 ? ? 
metalc11 metalc ? ? B CD  .   CD  ? ? ? 1_555 G HOH .   O  ? ? A CD  200 A HOH 474 1_555 ? ? ? ? ? ? ? 2.306 ? ? 
metalc12 metalc ? ? B CD  .   CD  ? ? ? 1_555 G HOH .   O  ? ? A CD  200 A HOH 476 1_555 ? ? ? ? ? ? ? 2.292 ? ? 
metalc13 metalc ? ? C CD  .   CD  ? ? ? 1_555 G HOH .   O  ? ? A CD  201 A HOH 415 1_555 ? ? ? ? ? ? ? 2.247 ? ? 
metalc14 metalc ? ? C CD  .   CD  ? ? ? 1_555 G HOH .   O  ? ? A CD  201 A HOH 463 1_555 ? ? ? ? ? ? ? 3.057 ? ? 
metalc15 metalc ? ? C CD  .   CD  ? ? ? 1_555 G HOH .   O  ? ? A CD  201 A HOH 475 1_555 ? ? ? ? ? ? ? 2.372 ? ? 
metalc16 metalc ? ? D CD  .   CD  ? ? ? 1_555 G HOH .   O  ? ? A CD  202 A HOH 315 8_665 ? ? ? ? ? ? ? 2.429 ? ? 
metalc17 metalc ? ? D CD  .   CD  ? ? ? 1_555 G HOH .   O  ? ? A CD  202 A HOH 326 1_555 ? ? ? ? ? ? ? 2.155 ? ? 
metalc18 metalc ? ? D CD  .   CD  ? ? ? 1_555 G HOH .   O  ? ? A CD  202 A HOH 394 1_555 ? ? ? ? ? ? ? 2.510 ? ? 
metalc19 metalc ? ? E CD  .   CD  ? ? ? 1_555 G HOH .   O  ? ? A CD  311 A HOH 315 8_665 ? ? ? ? ? ? ? 2.743 ? ? 
metalc20 metalc ? ? E CD  .   CD  ? ? ? 1_555 G HOH .   O  ? ? A CD  311 A HOH 342 1_555 ? ? ? ? ? ? ? 2.490 ? ? 
metalc21 metalc ? ? E CD  .   CD  ? ? ? 1_555 G HOH .   O  ? ? A CD  311 A HOH 394 1_555 ? ? ? ? ? ? ? 2.425 ? ? 
# 
loop_
_struct_conn_type.id 
_struct_conn_type.criteria 
_struct_conn_type.reference 
disulf ? ? 
metalc ? ? 
# 
loop_
_pdbx_struct_conn_angle.id 
_pdbx_struct_conn_angle.ptnr1_label_atom_id 
_pdbx_struct_conn_angle.ptnr1_label_alt_id 
_pdbx_struct_conn_angle.ptnr1_label_asym_id 
_pdbx_struct_conn_angle.ptnr1_label_comp_id 
_pdbx_struct_conn_angle.ptnr1_label_seq_id 
_pdbx_struct_conn_angle.ptnr1_auth_atom_id 
_pdbx_struct_conn_angle.ptnr1_auth_asym_id 
_pdbx_struct_conn_angle.ptnr1_auth_comp_id 
_pdbx_struct_conn_angle.ptnr1_auth_seq_id 
_pdbx_struct_conn_angle.ptnr1_PDB_ins_code 
_pdbx_struct_conn_angle.ptnr1_symmetry 
_pdbx_struct_conn_angle.ptnr2_label_atom_id 
_pdbx_struct_conn_angle.ptnr2_label_alt_id 
_pdbx_struct_conn_angle.ptnr2_label_asym_id 
_pdbx_struct_conn_angle.ptnr2_label_comp_id 
_pdbx_struct_conn_angle.ptnr2_label_seq_id 
_pdbx_struct_conn_angle.ptnr2_auth_atom_id 
_pdbx_struct_conn_angle.ptnr2_auth_asym_id 
_pdbx_struct_conn_angle.ptnr2_auth_comp_id 
_pdbx_struct_conn_angle.ptnr2_auth_seq_id 
_pdbx_struct_conn_angle.ptnr2_PDB_ins_code 
_pdbx_struct_conn_angle.ptnr2_symmetry 
_pdbx_struct_conn_angle.ptnr3_label_atom_id 
_pdbx_struct_conn_angle.ptnr3_label_alt_id 
_pdbx_struct_conn_angle.ptnr3_label_asym_id 
_pdbx_struct_conn_angle.ptnr3_label_comp_id 
_pdbx_struct_conn_angle.ptnr3_label_seq_id 
_pdbx_struct_conn_angle.ptnr3_auth_atom_id 
_pdbx_struct_conn_angle.ptnr3_auth_asym_id 
_pdbx_struct_conn_angle.ptnr3_auth_comp_id 
_pdbx_struct_conn_angle.ptnr3_auth_seq_id 
_pdbx_struct_conn_angle.ptnr3_PDB_ins_code 
_pdbx_struct_conn_angle.ptnr3_symmetry 
_pdbx_struct_conn_angle.value 
_pdbx_struct_conn_angle.value_esd 
1  OE1 ? A GLU 25  ? A GLU 13  ? 1_555 CD ? C CD . ? A CD 201 ? 1_555 OE2 ? A GLU 25  ? A GLU 13  ? 1_555 53.2  ? 
2  OE1 ? A GLU 25  ? A GLU 13  ? 1_555 CD ? C CD . ? A CD 201 ? 1_555 OD1 ? A ASP 122 ? A ASP 110 ? 8_675 121.2 ? 
3  OE2 ? A GLU 25  ? A GLU 13  ? 1_555 CD ? C CD . ? A CD 201 ? 1_555 OD1 ? A ASP 122 ? A ASP 110 ? 8_675 80.6  ? 
4  OE1 ? A GLU 25  ? A GLU 13  ? 1_555 CD ? C CD . ? A CD 201 ? 1_555 O   ? G HOH .   ? A HOH 415 ? 1_555 85.8  ? 
5  OE2 ? A GLU 25  ? A GLU 13  ? 1_555 CD ? C CD . ? A CD 201 ? 1_555 O   ? G HOH .   ? A HOH 415 ? 1_555 110.8 ? 
6  OD1 ? A ASP 122 ? A ASP 110 ? 8_675 CD ? C CD . ? A CD 201 ? 1_555 O   ? G HOH .   ? A HOH 415 ? 1_555 78.5  ? 
7  OE1 ? A GLU 25  ? A GLU 13  ? 1_555 CD ? C CD . ? A CD 201 ? 1_555 O   ? G HOH .   ? A HOH 463 ? 1_555 88.6  ? 
8  OE2 ? A GLU 25  ? A GLU 13  ? 1_555 CD ? C CD . ? A CD 201 ? 1_555 O   ? G HOH .   ? A HOH 463 ? 1_555 137.3 ? 
9  OD1 ? A ASP 122 ? A ASP 110 ? 8_675 CD ? C CD . ? A CD 201 ? 1_555 O   ? G HOH .   ? A HOH 463 ? 1_555 141.5 ? 
10 O   ? G HOH .   ? A HOH 415 ? 1_555 CD ? C CD . ? A CD 201 ? 1_555 O   ? G HOH .   ? A HOH 463 ? 1_555 80.3  ? 
11 OE1 ? A GLU 25  ? A GLU 13  ? 1_555 CD ? C CD . ? A CD 201 ? 1_555 O   ? G HOH .   ? A HOH 475 ? 1_555 149.0 ? 
12 OE2 ? A GLU 25  ? A GLU 13  ? 1_555 CD ? C CD . ? A CD 201 ? 1_555 O   ? G HOH .   ? A HOH 475 ? 1_555 149.8 ? 
13 OD1 ? A ASP 122 ? A ASP 110 ? 8_675 CD ? C CD . ? A CD 201 ? 1_555 O   ? G HOH .   ? A HOH 475 ? 1_555 89.0  ? 
14 O   ? G HOH .   ? A HOH 415 ? 1_555 CD ? C CD . ? A CD 201 ? 1_555 O   ? G HOH .   ? A HOH 475 ? 1_555 94.6  ? 
15 O   ? G HOH .   ? A HOH 463 ? 1_555 CD ? C CD . ? A CD 201 ? 1_555 O   ? G HOH .   ? A HOH 475 ? 1_555 61.1  ? 
16 OE1 ? A GLU 30  ? A GLU 18  ? 5_645 CD ? B CD . ? A CD 200 ? 1_555 OE2 ? A GLU 30  ? A GLU 18  ? 5_645 54.5  ? 
17 OE1 ? A GLU 30  ? A GLU 18  ? 5_645 CD ? B CD . ? A CD 200 ? 1_555 OE1 ? A GLU 151 ? A GLU 139 ? 1_555 141.5 ? 
18 OE2 ? A GLU 30  ? A GLU 18  ? 5_645 CD ? B CD . ? A CD 200 ? 1_555 OE1 ? A GLU 151 ? A GLU 139 ? 1_555 87.0  ? 
19 OE1 ? A GLU 30  ? A GLU 18  ? 5_645 CD ? B CD . ? A CD 200 ? 1_555 OE2 ? A GLU 151 ? A GLU 139 ? 1_555 163.1 ? 
20 OE2 ? A GLU 30  ? A GLU 18  ? 5_645 CD ? B CD . ? A CD 200 ? 1_555 OE2 ? A GLU 151 ? A GLU 139 ? 1_555 141.8 ? 
21 OE1 ? A GLU 151 ? A GLU 139 ? 1_555 CD ? B CD . ? A CD 200 ? 1_555 OE2 ? A GLU 151 ? A GLU 139 ? 1_555 55.0  ? 
22 OE1 ? A GLU 30  ? A GLU 18  ? 5_645 CD ? B CD . ? A CD 200 ? 1_555 O   ? G HOH .   ? A HOH 472 ? 1_555 90.4  ? 
23 OE2 ? A GLU 30  ? A GLU 18  ? 5_645 CD ? B CD . ? A CD 200 ? 1_555 O   ? G HOH .   ? A HOH 472 ? 1_555 82.5  ? 
24 OE1 ? A GLU 151 ? A GLU 139 ? 1_555 CD ? B CD . ? A CD 200 ? 1_555 O   ? G HOH .   ? A HOH 472 ? 1_555 85.1  ? 
25 OE2 ? A GLU 151 ? A GLU 139 ? 1_555 CD ? B CD . ? A CD 200 ? 1_555 O   ? G HOH .   ? A HOH 472 ? 1_555 96.1  ? 
26 OE1 ? A GLU 30  ? A GLU 18  ? 5_645 CD ? B CD . ? A CD 200 ? 1_555 O   ? G HOH .   ? A HOH 474 ? 1_555 92.7  ? 
27 OE2 ? A GLU 30  ? A GLU 18  ? 5_645 CD ? B CD . ? A CD 200 ? 1_555 O   ? G HOH .   ? A HOH 474 ? 1_555 88.5  ? 
28 OE1 ? A GLU 151 ? A GLU 139 ? 1_555 CD ? B CD . ? A CD 200 ? 1_555 O   ? G HOH .   ? A HOH 474 ? 1_555 84.2  ? 
29 OE2 ? A GLU 151 ? A GLU 139 ? 1_555 CD ? B CD . ? A CD 200 ? 1_555 O   ? G HOH .   ? A HOH 474 ? 1_555 84.7  ? 
30 O   ? G HOH .   ? A HOH 472 ? 1_555 CD ? B CD . ? A CD 200 ? 1_555 O   ? G HOH .   ? A HOH 474 ? 1_555 166.3 ? 
31 OE1 ? A GLU 30  ? A GLU 18  ? 5_645 CD ? B CD . ? A CD 200 ? 1_555 O   ? G HOH .   ? A HOH 476 ? 1_555 80.2  ? 
32 OE2 ? A GLU 30  ? A GLU 18  ? 5_645 CD ? B CD . ? A CD 200 ? 1_555 O   ? G HOH .   ? A HOH 476 ? 1_555 134.5 ? 
33 OE1 ? A GLU 151 ? A GLU 139 ? 1_555 CD ? B CD . ? A CD 200 ? 1_555 O   ? G HOH .   ? A HOH 476 ? 1_555 137.9 ? 
34 OE2 ? A GLU 151 ? A GLU 139 ? 1_555 CD ? B CD . ? A CD 200 ? 1_555 O   ? G HOH .   ? A HOH 476 ? 1_555 83.0  ? 
35 O   ? G HOH .   ? A HOH 472 ? 1_555 CD ? B CD . ? A CD 200 ? 1_555 O   ? G HOH .   ? A HOH 476 ? 1_555 104.0 ? 
36 O   ? G HOH .   ? A HOH 474 ? 1_555 CD ? B CD . ? A CD 200 ? 1_555 O   ? G HOH .   ? A HOH 476 ? 1_555 89.6  ? 
37 ND1 ? A HIS 116 ? A HIS 104 ? 1_555 CD ? D CD . ? A CD 202 ? 1_555 O   ? G HOH .   ? A HOH 315 ? 8_665 103.3 ? 
38 ND1 ? A HIS 116 ? A HIS 104 ? 1_555 CD ? D CD . ? A CD 202 ? 1_555 O   ? G HOH .   ? A HOH 326 ? 1_555 76.1  ? 
39 O   ? G HOH .   ? A HOH 315 ? 8_665 CD ? D CD . ? A CD 202 ? 1_555 O   ? G HOH .   ? A HOH 326 ? 1_555 158.7 ? 
40 ND1 ? A HIS 116 ? A HIS 104 ? 1_555 CD ? D CD . ? A CD 202 ? 1_555 O   ? G HOH .   ? A HOH 394 ? 1_555 100.2 ? 
41 O   ? G HOH .   ? A HOH 315 ? 8_665 CD ? D CD . ? A CD 202 ? 1_555 O   ? G HOH .   ? A HOH 394 ? 1_555 92.5  ? 
42 O   ? G HOH .   ? A HOH 326 ? 1_555 CD ? D CD . ? A CD 202 ? 1_555 O   ? G HOH .   ? A HOH 394 ? 1_555 108.6 ? 
43 NE2 ? A HIS 153 ? A HIS 141 ? 1_555 CD ? E CD . ? A CD 311 ? 1_555 O   ? G HOH .   ? A HOH 315 ? 8_665 85.4  ? 
44 NE2 ? A HIS 153 ? A HIS 141 ? 1_555 CD ? E CD . ? A CD 311 ? 1_555 O   ? G HOH .   ? A HOH 342 ? 1_555 91.3  ? 
45 O   ? G HOH .   ? A HOH 315 ? 8_665 CD ? E CD . ? A CD 311 ? 1_555 O   ? G HOH .   ? A HOH 342 ? 1_555 176.7 ? 
46 NE2 ? A HIS 153 ? A HIS 141 ? 1_555 CD ? E CD . ? A CD 311 ? 1_555 O   ? G HOH .   ? A HOH 394 ? 1_555 102.1 ? 
47 O   ? G HOH .   ? A HOH 315 ? 8_665 CD ? E CD . ? A CD 311 ? 1_555 O   ? G HOH .   ? A HOH 394 ? 1_555 87.1  ? 
48 O   ? G HOH .   ? A HOH 342 ? 1_555 CD ? E CD . ? A CD 311 ? 1_555 O   ? G HOH .   ? A HOH 394 ? 1_555 92.9  ? 
# 
_pdbx_modification_feature.ordinal                            1 
_pdbx_modification_feature.label_comp_id                      CYS 
_pdbx_modification_feature.label_asym_id                      A 
_pdbx_modification_feature.label_seq_id                       76 
_pdbx_modification_feature.label_alt_id                       ? 
_pdbx_modification_feature.modified_residue_label_comp_id     CYS 
_pdbx_modification_feature.modified_residue_label_asym_id     A 
_pdbx_modification_feature.modified_residue_label_seq_id      169 
_pdbx_modification_feature.modified_residue_label_alt_id      ? 
_pdbx_modification_feature.auth_comp_id                       CYS 
_pdbx_modification_feature.auth_asym_id                       A 
_pdbx_modification_feature.auth_seq_id                        64 
_pdbx_modification_feature.PDB_ins_code                       ? 
_pdbx_modification_feature.symmetry                           1_555 
_pdbx_modification_feature.modified_residue_auth_comp_id      CYS 
_pdbx_modification_feature.modified_residue_auth_asym_id      A 
_pdbx_modification_feature.modified_residue_auth_seq_id       157 
_pdbx_modification_feature.modified_residue_PDB_ins_code      ? 
_pdbx_modification_feature.modified_residue_symmetry          1_555 
_pdbx_modification_feature.comp_id_linking_atom               SG 
_pdbx_modification_feature.modified_residue_id_linking_atom   SG 
_pdbx_modification_feature.modified_residue_id                . 
_pdbx_modification_feature.ref_pcm_id                         . 
_pdbx_modification_feature.ref_comp_id                        . 
_pdbx_modification_feature.type                               None 
_pdbx_modification_feature.category                           'Disulfide bridge' 
# 
_struct_sheet.id               A 
_struct_sheet.type             ? 
_struct_sheet.number_strands   10 
_struct_sheet.details          ? 
# 
loop_
_struct_sheet_order.sheet_id 
_struct_sheet_order.range_id_1 
_struct_sheet_order.range_id_2 
_struct_sheet_order.offset 
_struct_sheet_order.sense 
A 1 2  ? anti-parallel 
A 2 3  ? anti-parallel 
A 3 4  ? anti-parallel 
A 4 5  ? anti-parallel 
A 5 6  ? anti-parallel 
A 6 7  ? anti-parallel 
A 7 8  ? anti-parallel 
A 8 9  ? anti-parallel 
A 9 10 ? anti-parallel 
# 
loop_
_struct_sheet_range.sheet_id 
_struct_sheet_range.id 
_struct_sheet_range.beg_label_comp_id 
_struct_sheet_range.beg_label_asym_id 
_struct_sheet_range.beg_label_seq_id 
_struct_sheet_range.pdbx_beg_PDB_ins_code 
_struct_sheet_range.end_label_comp_id 
_struct_sheet_range.end_label_asym_id 
_struct_sheet_range.end_label_seq_id 
_struct_sheet_range.pdbx_end_PDB_ins_code 
_struct_sheet_range.beg_auth_comp_id 
_struct_sheet_range.beg_auth_asym_id 
_struct_sheet_range.beg_auth_seq_id 
_struct_sheet_range.end_auth_comp_id 
_struct_sheet_range.end_auth_asym_id 
_struct_sheet_range.end_auth_seq_id 
A 1  GLY A 29  ? GLU A 30  ? GLY A 17  GLU A 18  
A 2  PHE A 53  ? VAL A 59  ? PHE A 41  VAL A 47  
A 3  SER A 63  ? ARG A 72  ? SER A 51  ARG A 60  
A 4  GLU A 75  ? LYS A 85  ? GLU A 63  LYS A 73  
A 5  TYR A 92  ? THR A 95  ? TYR A 80  THR A 83  
A 6  PHE A 99  ? THR A 107 ? PHE A 87  THR A 95  
A 7  PHE A 112 ? LYS A 121 ? PHE A 100 LYS A 109 
A 8  GLU A 124 ? GLY A 133 ? GLU A 112 GLY A 121 
A 9  HIS A 32  ? SER A 38  ? HIS A 20  SER A 26  
A 10 ILE A 160 ? ASP A 162 ? ILE A 148 ASP A 150 
# 
loop_
_pdbx_struct_sheet_hbond.sheet_id 
_pdbx_struct_sheet_hbond.range_id_1 
_pdbx_struct_sheet_hbond.range_id_2 
_pdbx_struct_sheet_hbond.range_1_label_atom_id 
_pdbx_struct_sheet_hbond.range_1_label_comp_id 
_pdbx_struct_sheet_hbond.range_1_label_asym_id 
_pdbx_struct_sheet_hbond.range_1_label_seq_id 
_pdbx_struct_sheet_hbond.range_1_PDB_ins_code 
_pdbx_struct_sheet_hbond.range_1_auth_atom_id 
_pdbx_struct_sheet_hbond.range_1_auth_comp_id 
_pdbx_struct_sheet_hbond.range_1_auth_asym_id 
_pdbx_struct_sheet_hbond.range_1_auth_seq_id 
_pdbx_struct_sheet_hbond.range_2_label_atom_id 
_pdbx_struct_sheet_hbond.range_2_label_comp_id 
_pdbx_struct_sheet_hbond.range_2_label_asym_id 
_pdbx_struct_sheet_hbond.range_2_label_seq_id 
_pdbx_struct_sheet_hbond.range_2_PDB_ins_code 
_pdbx_struct_sheet_hbond.range_2_auth_atom_id 
_pdbx_struct_sheet_hbond.range_2_auth_comp_id 
_pdbx_struct_sheet_hbond.range_2_auth_asym_id 
_pdbx_struct_sheet_hbond.range_2_auth_seq_id 
A 1 2  N GLY A 29  ? N GLY A 17  O ILE A 57  ? O ILE A 45  
A 2 3  N GLU A 55  ? N GLU A 43  O LYS A 67  ? O LYS A 55  
A 3 4  N PHE A 68  ? N PHE A 56  O LEU A 79  ? O LEU A 67  
A 4 5  N ASP A 84  ? N ASP A 72  O SER A 93  ? O SER A 81  
A 5 6  N TYR A 92  ? N TYR A 80  O PHE A 102 ? O PHE A 90  
A 6 7  N THR A 101 ? N THR A 89  O ILE A 118 ? O ILE A 106 
A 7 8  N LEU A 117 ? N LEU A 105 O LEU A 128 ? O LEU A 116 
A 8 9  O LEU A 131 ? O LEU A 119 N ILE A 34  ? N ILE A 22  
A 9 10 N LEU A 36  ? N LEU A 24  O ILE A 161 ? O ILE A 149 
# 
loop_
_struct_site.id 
_struct_site.pdbx_evidence_code 
_struct_site.pdbx_auth_asym_id 
_struct_site.pdbx_auth_comp_id 
_struct_site.pdbx_auth_seq_id 
_struct_site.pdbx_auth_ins_code 
_struct_site.pdbx_num_residues 
_struct_site.details 
AC1 Software A CD  200 ? 5 'BINDING SITE FOR RESIDUE CD A 200'  
AC2 Software A CD  201 ? 5 'BINDING SITE FOR RESIDUE CD A 201'  
AC3 Software A CD  202 ? 5 'BINDING SITE FOR RESIDUE CD A 202'  
AC4 Software A CD  311 ? 5 'BINDING SITE FOR RESIDUE CD A 311'  
AC5 Software A ODI 312 ? 7 'BINDING SITE FOR RESIDUE ODI A 312' 
# 
loop_
_struct_site_gen.id 
_struct_site_gen.site_id 
_struct_site_gen.pdbx_num_res 
_struct_site_gen.label_comp_id 
_struct_site_gen.label_asym_id 
_struct_site_gen.label_seq_id 
_struct_site_gen.pdbx_auth_ins_code 
_struct_site_gen.auth_comp_id 
_struct_site_gen.auth_asym_id 
_struct_site_gen.auth_seq_id 
_struct_site_gen.label_atom_id 
_struct_site_gen.label_alt_id 
_struct_site_gen.symmetry 
_struct_site_gen.details 
1  AC1 5 GLU A 30  ? GLU A 18  . ? 5_645 ? 
2  AC1 5 GLU A 151 ? GLU A 139 . ? 1_555 ? 
3  AC1 5 HOH G .   ? HOH A 472 . ? 1_555 ? 
4  AC1 5 HOH G .   ? HOH A 474 . ? 1_555 ? 
5  AC1 5 HOH G .   ? HOH A 476 . ? 1_555 ? 
6  AC2 5 GLU A 25  ? GLU A 13  . ? 1_555 ? 
7  AC2 5 ASP A 122 ? ASP A 110 . ? 8_675 ? 
8  AC2 5 HOH G .   ? HOH A 415 . ? 1_555 ? 
9  AC2 5 HOH G .   ? HOH A 463 . ? 1_555 ? 
10 AC2 5 HOH G .   ? HOH A 475 . ? 1_555 ? 
11 AC3 5 HIS A 116 ? HIS A 104 . ? 1_555 ? 
12 AC3 5 CD  E .   ? CD  A 311 . ? 1_555 ? 
13 AC3 5 HOH G .   ? HOH A 315 . ? 8_665 ? 
14 AC3 5 HOH G .   ? HOH A 326 . ? 1_555 ? 
15 AC3 5 HOH G .   ? HOH A 394 . ? 1_555 ? 
16 AC4 5 HIS A 153 ? HIS A 141 . ? 1_555 ? 
17 AC4 5 CD  D .   ? CD  A 202 . ? 1_555 ? 
18 AC4 5 HOH G .   ? HOH A 315 . ? 8_665 ? 
19 AC4 5 HOH G .   ? HOH A 342 . ? 1_555 ? 
20 AC4 5 HOH G .   ? HOH A 394 . ? 1_555 ? 
21 AC5 7 PHE A 50  ? PHE A 38  . ? 1_555 ? 
22 AC5 7 LEU A 52  ? LEU A 40  . ? 1_555 ? 
23 AC5 7 PHE A 102 ? PHE A 90  . ? 1_555 ? 
24 AC5 7 LEU A 117 ? LEU A 105 . ? 1_555 ? 
25 AC5 7 LEU A 128 ? LEU A 116 . ? 1_555 ? 
26 AC5 7 TYR A 132 ? TYR A 120 . ? 1_555 ? 
27 AC5 7 HOH G .   ? HOH A 319 . ? 1_555 ? 
# 
_pdbx_entry_details.entry_id                   2DM5 
_pdbx_entry_details.compound_details           ? 
_pdbx_entry_details.source_details             ? 
_pdbx_entry_details.nonpolymer_details         ? 
_pdbx_entry_details.sequence_details           ? 
_pdbx_entry_details.has_ligand_of_interest     ? 
_pdbx_entry_details.has_protein_modification   Y 
# 
loop_
_pdbx_validate_close_contact.id 
_pdbx_validate_close_contact.PDB_model_num 
_pdbx_validate_close_contact.auth_atom_id_1 
_pdbx_validate_close_contact.auth_asym_id_1 
_pdbx_validate_close_contact.auth_comp_id_1 
_pdbx_validate_close_contact.auth_seq_id_1 
_pdbx_validate_close_contact.PDB_ins_code_1 
_pdbx_validate_close_contact.label_alt_id_1 
_pdbx_validate_close_contact.auth_atom_id_2 
_pdbx_validate_close_contact.auth_asym_id_2 
_pdbx_validate_close_contact.auth_comp_id_2 
_pdbx_validate_close_contact.auth_seq_id_2 
_pdbx_validate_close_contact.PDB_ins_code_2 
_pdbx_validate_close_contact.label_alt_id_2 
_pdbx_validate_close_contact.dist 
1 1 CD  A GLN 115 ? ? O A HOH 332 ? ? 1.98 
2 1 NE2 A GLN 115 ? ? O A HOH 332 ? ? 1.98 
3 1 O   A HOH 314 ? ? O A HOH 482 ? ? 2.03 
4 1 CZ  A ARG 29  ? ? O A HOH 417 ? ? 2.15 
# 
loop_
_pdbx_validate_torsion.id 
_pdbx_validate_torsion.PDB_model_num 
_pdbx_validate_torsion.auth_comp_id 
_pdbx_validate_torsion.auth_asym_id 
_pdbx_validate_torsion.auth_seq_id 
_pdbx_validate_torsion.PDB_ins_code 
_pdbx_validate_torsion.label_alt_id 
_pdbx_validate_torsion.phi 
_pdbx_validate_torsion.psi 
1 1 THR A 74  ? ? -105.72 -168.80 
2 1 TYR A 84  ? ? -168.99 115.52  
3 1 TYR A 97  ? ? 67.74   -42.96  
4 1 ASN A 99  ? ? -127.14 -54.84  
5 1 ALA A 154 ? ? -145.67 26.60   
# 
loop_
_pdbx_struct_special_symmetry.id 
_pdbx_struct_special_symmetry.PDB_model_num 
_pdbx_struct_special_symmetry.auth_asym_id 
_pdbx_struct_special_symmetry.auth_comp_id 
_pdbx_struct_special_symmetry.auth_seq_id 
_pdbx_struct_special_symmetry.PDB_ins_code 
_pdbx_struct_special_symmetry.label_asym_id 
_pdbx_struct_special_symmetry.label_comp_id 
_pdbx_struct_special_symmetry.label_seq_id 
1 1 A HOH 473 ? G HOH . 
2 1 A HOH 479 ? G HOH . 
# 
loop_
_pdbx_unobs_or_zero_occ_residues.id 
_pdbx_unobs_or_zero_occ_residues.PDB_model_num 
_pdbx_unobs_or_zero_occ_residues.polymer_flag 
_pdbx_unobs_or_zero_occ_residues.occupancy_flag 
_pdbx_unobs_or_zero_occ_residues.auth_asym_id 
_pdbx_unobs_or_zero_occ_residues.auth_comp_id 
_pdbx_unobs_or_zero_occ_residues.auth_seq_id 
_pdbx_unobs_or_zero_occ_residues.PDB_ins_code 
_pdbx_unobs_or_zero_occ_residues.label_asym_id 
_pdbx_unobs_or_zero_occ_residues.label_comp_id 
_pdbx_unobs_or_zero_occ_residues.label_seq_id 
1  1 Y 1 A MET -11 ? A MET 1   
2  1 Y 1 A ARG -10 ? A ARG 2   
3  1 Y 1 A GLY -9  ? A GLY 3   
4  1 Y 1 A SER -8  ? A SER 4   
5  1 Y 1 A HIS -7  ? A HIS 5   
6  1 Y 1 A HIS -6  ? A HIS 6   
7  1 Y 1 A HIS -5  ? A HIS 7   
8  1 Y 1 A HIS -4  ? A HIS 8   
9  1 Y 1 A HIS -3  ? A HIS 9   
10 1 Y 1 A HIS -2  ? A HIS 10  
11 1 Y 1 A GLY -1  ? A GLY 11  
12 1 Y 1 A SER 0   ? A SER 12  
13 1 Y 1 A LEU 158 ? A LEU 170 
14 1 Y 1 A GLN 159 ? A GLN 171 
15 1 Y 1 A ALA 160 ? A ALA 172 
16 1 Y 1 A ARG 161 ? A ARG 173 
17 1 Y 1 A GLU 162 ? A GLU 174 
# 
loop_
_chem_comp_atom.comp_id 
_chem_comp_atom.atom_id 
_chem_comp_atom.type_symbol 
_chem_comp_atom.pdbx_aromatic_flag 
_chem_comp_atom.pdbx_stereo_config 
_chem_comp_atom.pdbx_ordinal 
ALA N    N  N N 1   
ALA CA   C  N S 2   
ALA C    C  N N 3   
ALA O    O  N N 4   
ALA CB   C  N N 5   
ALA OXT  O  N N 6   
ALA H    H  N N 7   
ALA H2   H  N N 8   
ALA HA   H  N N 9   
ALA HB1  H  N N 10  
ALA HB2  H  N N 11  
ALA HB3  H  N N 12  
ALA HXT  H  N N 13  
ARG N    N  N N 14  
ARG CA   C  N S 15  
ARG C    C  N N 16  
ARG O    O  N N 17  
ARG CB   C  N N 18  
ARG CG   C  N N 19  
ARG CD   C  N N 20  
ARG NE   N  N N 21  
ARG CZ   C  N N 22  
ARG NH1  N  N N 23  
ARG NH2  N  N N 24  
ARG OXT  O  N N 25  
ARG H    H  N N 26  
ARG H2   H  N N 27  
ARG HA   H  N N 28  
ARG HB2  H  N N 29  
ARG HB3  H  N N 30  
ARG HG2  H  N N 31  
ARG HG3  H  N N 32  
ARG HD2  H  N N 33  
ARG HD3  H  N N 34  
ARG HE   H  N N 35  
ARG HH11 H  N N 36  
ARG HH12 H  N N 37  
ARG HH21 H  N N 38  
ARG HH22 H  N N 39  
ARG HXT  H  N N 40  
ASN N    N  N N 41  
ASN CA   C  N S 42  
ASN C    C  N N 43  
ASN O    O  N N 44  
ASN CB   C  N N 45  
ASN CG   C  N N 46  
ASN OD1  O  N N 47  
ASN ND2  N  N N 48  
ASN OXT  O  N N 49  
ASN H    H  N N 50  
ASN H2   H  N N 51  
ASN HA   H  N N 52  
ASN HB2  H  N N 53  
ASN HB3  H  N N 54  
ASN HD21 H  N N 55  
ASN HD22 H  N N 56  
ASN HXT  H  N N 57  
ASP N    N  N N 58  
ASP CA   C  N S 59  
ASP C    C  N N 60  
ASP O    O  N N 61  
ASP CB   C  N N 62  
ASP CG   C  N N 63  
ASP OD1  O  N N 64  
ASP OD2  O  N N 65  
ASP OXT  O  N N 66  
ASP H    H  N N 67  
ASP H2   H  N N 68  
ASP HA   H  N N 69  
ASP HB2  H  N N 70  
ASP HB3  H  N N 71  
ASP HD2  H  N N 72  
ASP HXT  H  N N 73  
CD  CD   CD N N 74  
CYS N    N  N N 75  
CYS CA   C  N R 76  
CYS C    C  N N 77  
CYS O    O  N N 78  
CYS CB   C  N N 79  
CYS SG   S  N N 80  
CYS OXT  O  N N 81  
CYS H    H  N N 82  
CYS H2   H  N N 83  
CYS HA   H  N N 84  
CYS HB2  H  N N 85  
CYS HB3  H  N N 86  
CYS HG   H  N N 87  
CYS HXT  H  N N 88  
GLN N    N  N N 89  
GLN CA   C  N S 90  
GLN C    C  N N 91  
GLN O    O  N N 92  
GLN CB   C  N N 93  
GLN CG   C  N N 94  
GLN CD   C  N N 95  
GLN OE1  O  N N 96  
GLN NE2  N  N N 97  
GLN OXT  O  N N 98  
GLN H    H  N N 99  
GLN H2   H  N N 100 
GLN HA   H  N N 101 
GLN HB2  H  N N 102 
GLN HB3  H  N N 103 
GLN HG2  H  N N 104 
GLN HG3  H  N N 105 
GLN HE21 H  N N 106 
GLN HE22 H  N N 107 
GLN HXT  H  N N 108 
GLU N    N  N N 109 
GLU CA   C  N S 110 
GLU C    C  N N 111 
GLU O    O  N N 112 
GLU CB   C  N N 113 
GLU CG   C  N N 114 
GLU CD   C  N N 115 
GLU OE1  O  N N 116 
GLU OE2  O  N N 117 
GLU OXT  O  N N 118 
GLU H    H  N N 119 
GLU H2   H  N N 120 
GLU HA   H  N N 121 
GLU HB2  H  N N 122 
GLU HB3  H  N N 123 
GLU HG2  H  N N 124 
GLU HG3  H  N N 125 
GLU HE2  H  N N 126 
GLU HXT  H  N N 127 
GLY N    N  N N 128 
GLY CA   C  N N 129 
GLY C    C  N N 130 
GLY O    O  N N 131 
GLY OXT  O  N N 132 
GLY H    H  N N 133 
GLY H2   H  N N 134 
GLY HA2  H  N N 135 
GLY HA3  H  N N 136 
GLY HXT  H  N N 137 
HIS N    N  N N 138 
HIS CA   C  N S 139 
HIS C    C  N N 140 
HIS O    O  N N 141 
HIS CB   C  N N 142 
HIS CG   C  Y N 143 
HIS ND1  N  Y N 144 
HIS CD2  C  Y N 145 
HIS CE1  C  Y N 146 
HIS NE2  N  Y N 147 
HIS OXT  O  N N 148 
HIS H    H  N N 149 
HIS H2   H  N N 150 
HIS HA   H  N N 151 
HIS HB2  H  N N 152 
HIS HB3  H  N N 153 
HIS HD1  H  N N 154 
HIS HD2  H  N N 155 
HIS HE1  H  N N 156 
HIS HE2  H  N N 157 
HIS HXT  H  N N 158 
HOH O    O  N N 159 
HOH H1   H  N N 160 
HOH H2   H  N N 161 
ILE N    N  N N 162 
ILE CA   C  N S 163 
ILE C    C  N N 164 
ILE O    O  N N 165 
ILE CB   C  N S 166 
ILE CG1  C  N N 167 
ILE CG2  C  N N 168 
ILE CD1  C  N N 169 
ILE OXT  O  N N 170 
ILE H    H  N N 171 
ILE H2   H  N N 172 
ILE HA   H  N N 173 
ILE HB   H  N N 174 
ILE HG12 H  N N 175 
ILE HG13 H  N N 176 
ILE HG21 H  N N 177 
ILE HG22 H  N N 178 
ILE HG23 H  N N 179 
ILE HD11 H  N N 180 
ILE HD12 H  N N 181 
ILE HD13 H  N N 182 
ILE HXT  H  N N 183 
LEU N    N  N N 184 
LEU CA   C  N S 185 
LEU C    C  N N 186 
LEU O    O  N N 187 
LEU CB   C  N N 188 
LEU CG   C  N N 189 
LEU CD1  C  N N 190 
LEU CD2  C  N N 191 
LEU OXT  O  N N 192 
LEU H    H  N N 193 
LEU H2   H  N N 194 
LEU HA   H  N N 195 
LEU HB2  H  N N 196 
LEU HB3  H  N N 197 
LEU HG   H  N N 198 
LEU HD11 H  N N 199 
LEU HD12 H  N N 200 
LEU HD13 H  N N 201 
LEU HD21 H  N N 202 
LEU HD22 H  N N 203 
LEU HD23 H  N N 204 
LEU HXT  H  N N 205 
LYS N    N  N N 206 
LYS CA   C  N S 207 
LYS C    C  N N 208 
LYS O    O  N N 209 
LYS CB   C  N N 210 
LYS CG   C  N N 211 
LYS CD   C  N N 212 
LYS CE   C  N N 213 
LYS NZ   N  N N 214 
LYS OXT  O  N N 215 
LYS H    H  N N 216 
LYS H2   H  N N 217 
LYS HA   H  N N 218 
LYS HB2  H  N N 219 
LYS HB3  H  N N 220 
LYS HG2  H  N N 221 
LYS HG3  H  N N 222 
LYS HD2  H  N N 223 
LYS HD3  H  N N 224 
LYS HE2  H  N N 225 
LYS HE3  H  N N 226 
LYS HZ1  H  N N 227 
LYS HZ2  H  N N 228 
LYS HZ3  H  N N 229 
LYS HXT  H  N N 230 
MET N    N  N N 231 
MET CA   C  N S 232 
MET C    C  N N 233 
MET O    O  N N 234 
MET CB   C  N N 235 
MET CG   C  N N 236 
MET SD   S  N N 237 
MET CE   C  N N 238 
MET OXT  O  N N 239 
MET H    H  N N 240 
MET H2   H  N N 241 
MET HA   H  N N 242 
MET HB2  H  N N 243 
MET HB3  H  N N 244 
MET HG2  H  N N 245 
MET HG3  H  N N 246 
MET HE1  H  N N 247 
MET HE2  H  N N 248 
MET HE3  H  N N 249 
MET HXT  H  N N 250 
ODI OAA  O  N N 251 
ODI CAC  C  N N 252 
ODI CAE  C  N N 253 
ODI CAG  C  N N 254 
ODI CAI  C  N N 255 
ODI CAJ  C  N N 256 
ODI CAH  C  N N 257 
ODI CAF  C  N N 258 
ODI CAD  C  N N 259 
ODI OAB  O  N N 260 
ODI HAA  H  N N 261 
ODI HAC1 H  N N 262 
ODI HAC2 H  N N 263 
ODI HAE1 H  N N 264 
ODI HAE2 H  N N 265 
ODI HAG1 H  N N 266 
ODI HAG2 H  N N 267 
ODI HAI1 H  N N 268 
ODI HAI2 H  N N 269 
ODI HAJ1 H  N N 270 
ODI HAJ2 H  N N 271 
ODI HAH1 H  N N 272 
ODI HAH2 H  N N 273 
ODI HAF1 H  N N 274 
ODI HAF2 H  N N 275 
ODI HAD1 H  N N 276 
ODI HAD2 H  N N 277 
ODI HAB  H  N N 278 
PHE N    N  N N 279 
PHE CA   C  N S 280 
PHE C    C  N N 281 
PHE O    O  N N 282 
PHE CB   C  N N 283 
PHE CG   C  Y N 284 
PHE CD1  C  Y N 285 
PHE CD2  C  Y N 286 
PHE CE1  C  Y N 287 
PHE CE2  C  Y N 288 
PHE CZ   C  Y N 289 
PHE OXT  O  N N 290 
PHE H    H  N N 291 
PHE H2   H  N N 292 
PHE HA   H  N N 293 
PHE HB2  H  N N 294 
PHE HB3  H  N N 295 
PHE HD1  H  N N 296 
PHE HD2  H  N N 297 
PHE HE1  H  N N 298 
PHE HE2  H  N N 299 
PHE HZ   H  N N 300 
PHE HXT  H  N N 301 
PRO N    N  N N 302 
PRO CA   C  N S 303 
PRO C    C  N N 304 
PRO O    O  N N 305 
PRO CB   C  N N 306 
PRO CG   C  N N 307 
PRO CD   C  N N 308 
PRO OXT  O  N N 309 
PRO H    H  N N 310 
PRO HA   H  N N 311 
PRO HB2  H  N N 312 
PRO HB3  H  N N 313 
PRO HG2  H  N N 314 
PRO HG3  H  N N 315 
PRO HD2  H  N N 316 
PRO HD3  H  N N 317 
PRO HXT  H  N N 318 
SER N    N  N N 319 
SER CA   C  N S 320 
SER C    C  N N 321 
SER O    O  N N 322 
SER CB   C  N N 323 
SER OG   O  N N 324 
SER OXT  O  N N 325 
SER H    H  N N 326 
SER H2   H  N N 327 
SER HA   H  N N 328 
SER HB2  H  N N 329 
SER HB3  H  N N 330 
SER HG   H  N N 331 
SER HXT  H  N N 332 
THR N    N  N N 333 
THR CA   C  N S 334 
THR C    C  N N 335 
THR O    O  N N 336 
THR CB   C  N R 337 
THR OG1  O  N N 338 
THR CG2  C  N N 339 
THR OXT  O  N N 340 
THR H    H  N N 341 
THR H2   H  N N 342 
THR HA   H  N N 343 
THR HB   H  N N 344 
THR HG1  H  N N 345 
THR HG21 H  N N 346 
THR HG22 H  N N 347 
THR HG23 H  N N 348 
THR HXT  H  N N 349 
TRP N    N  N N 350 
TRP CA   C  N S 351 
TRP C    C  N N 352 
TRP O    O  N N 353 
TRP CB   C  N N 354 
TRP CG   C  Y N 355 
TRP CD1  C  Y N 356 
TRP CD2  C  Y N 357 
TRP NE1  N  Y N 358 
TRP CE2  C  Y N 359 
TRP CE3  C  Y N 360 
TRP CZ2  C  Y N 361 
TRP CZ3  C  Y N 362 
TRP CH2  C  Y N 363 
TRP OXT  O  N N 364 
TRP H    H  N N 365 
TRP H2   H  N N 366 
TRP HA   H  N N 367 
TRP HB2  H  N N 368 
TRP HB3  H  N N 369 
TRP HD1  H  N N 370 
TRP HE1  H  N N 371 
TRP HE3  H  N N 372 
TRP HZ2  H  N N 373 
TRP HZ3  H  N N 374 
TRP HH2  H  N N 375 
TRP HXT  H  N N 376 
TYR N    N  N N 377 
TYR CA   C  N S 378 
TYR C    C  N N 379 
TYR O    O  N N 380 
TYR CB   C  N N 381 
TYR CG   C  Y N 382 
TYR CD1  C  Y N 383 
TYR CD2  C  Y N 384 
TYR CE1  C  Y N 385 
TYR CE2  C  Y N 386 
TYR CZ   C  Y N 387 
TYR OH   O  N N 388 
TYR OXT  O  N N 389 
TYR H    H  N N 390 
TYR H2   H  N N 391 
TYR HA   H  N N 392 
TYR HB2  H  N N 393 
TYR HB3  H  N N 394 
TYR HD1  H  N N 395 
TYR HD2  H  N N 396 
TYR HE1  H  N N 397 
TYR HE2  H  N N 398 
TYR HH   H  N N 399 
TYR HXT  H  N N 400 
VAL N    N  N N 401 
VAL CA   C  N S 402 
VAL C    C  N N 403 
VAL O    O  N N 404 
VAL CB   C  N N 405 
VAL CG1  C  N N 406 
VAL CG2  C  N N 407 
VAL OXT  O  N N 408 
VAL H    H  N N 409 
VAL H2   H  N N 410 
VAL HA   H  N N 411 
VAL HB   H  N N 412 
VAL HG11 H  N N 413 
VAL HG12 H  N N 414 
VAL HG13 H  N N 415 
VAL HG21 H  N N 416 
VAL HG22 H  N N 417 
VAL HG23 H  N N 418 
VAL HXT  H  N N 419 
# 
loop_
_chem_comp_bond.comp_id 
_chem_comp_bond.atom_id_1 
_chem_comp_bond.atom_id_2 
_chem_comp_bond.value_order 
_chem_comp_bond.pdbx_aromatic_flag 
_chem_comp_bond.pdbx_stereo_config 
_chem_comp_bond.pdbx_ordinal 
ALA N   CA   sing N N 1   
ALA N   H    sing N N 2   
ALA N   H2   sing N N 3   
ALA CA  C    sing N N 4   
ALA CA  CB   sing N N 5   
ALA CA  HA   sing N N 6   
ALA C   O    doub N N 7   
ALA C   OXT  sing N N 8   
ALA CB  HB1  sing N N 9   
ALA CB  HB2  sing N N 10  
ALA CB  HB3  sing N N 11  
ALA OXT HXT  sing N N 12  
ARG N   CA   sing N N 13  
ARG N   H    sing N N 14  
ARG N   H2   sing N N 15  
ARG CA  C    sing N N 16  
ARG CA  CB   sing N N 17  
ARG CA  HA   sing N N 18  
ARG C   O    doub N N 19  
ARG C   OXT  sing N N 20  
ARG CB  CG   sing N N 21  
ARG CB  HB2  sing N N 22  
ARG CB  HB3  sing N N 23  
ARG CG  CD   sing N N 24  
ARG CG  HG2  sing N N 25  
ARG CG  HG3  sing N N 26  
ARG CD  NE   sing N N 27  
ARG CD  HD2  sing N N 28  
ARG CD  HD3  sing N N 29  
ARG NE  CZ   sing N N 30  
ARG NE  HE   sing N N 31  
ARG CZ  NH1  sing N N 32  
ARG CZ  NH2  doub N N 33  
ARG NH1 HH11 sing N N 34  
ARG NH1 HH12 sing N N 35  
ARG NH2 HH21 sing N N 36  
ARG NH2 HH22 sing N N 37  
ARG OXT HXT  sing N N 38  
ASN N   CA   sing N N 39  
ASN N   H    sing N N 40  
ASN N   H2   sing N N 41  
ASN CA  C    sing N N 42  
ASN CA  CB   sing N N 43  
ASN CA  HA   sing N N 44  
ASN C   O    doub N N 45  
ASN C   OXT  sing N N 46  
ASN CB  CG   sing N N 47  
ASN CB  HB2  sing N N 48  
ASN CB  HB3  sing N N 49  
ASN CG  OD1  doub N N 50  
ASN CG  ND2  sing N N 51  
ASN ND2 HD21 sing N N 52  
ASN ND2 HD22 sing N N 53  
ASN OXT HXT  sing N N 54  
ASP N   CA   sing N N 55  
ASP N   H    sing N N 56  
ASP N   H2   sing N N 57  
ASP CA  C    sing N N 58  
ASP CA  CB   sing N N 59  
ASP CA  HA   sing N N 60  
ASP C   O    doub N N 61  
ASP C   OXT  sing N N 62  
ASP CB  CG   sing N N 63  
ASP CB  HB2  sing N N 64  
ASP CB  HB3  sing N N 65  
ASP CG  OD1  doub N N 66  
ASP CG  OD2  sing N N 67  
ASP OD2 HD2  sing N N 68  
ASP OXT HXT  sing N N 69  
CYS N   CA   sing N N 70  
CYS N   H    sing N N 71  
CYS N   H2   sing N N 72  
CYS CA  C    sing N N 73  
CYS CA  CB   sing N N 74  
CYS CA  HA   sing N N 75  
CYS C   O    doub N N 76  
CYS C   OXT  sing N N 77  
CYS CB  SG   sing N N 78  
CYS CB  HB2  sing N N 79  
CYS CB  HB3  sing N N 80  
CYS SG  HG   sing N N 81  
CYS OXT HXT  sing N N 82  
GLN N   CA   sing N N 83  
GLN N   H    sing N N 84  
GLN N   H2   sing N N 85  
GLN CA  C    sing N N 86  
GLN CA  CB   sing N N 87  
GLN CA  HA   sing N N 88  
GLN C   O    doub N N 89  
GLN C   OXT  sing N N 90  
GLN CB  CG   sing N N 91  
GLN CB  HB2  sing N N 92  
GLN CB  HB3  sing N N 93  
GLN CG  CD   sing N N 94  
GLN CG  HG2  sing N N 95  
GLN CG  HG3  sing N N 96  
GLN CD  OE1  doub N N 97  
GLN CD  NE2  sing N N 98  
GLN NE2 HE21 sing N N 99  
GLN NE2 HE22 sing N N 100 
GLN OXT HXT  sing N N 101 
GLU N   CA   sing N N 102 
GLU N   H    sing N N 103 
GLU N   H2   sing N N 104 
GLU CA  C    sing N N 105 
GLU CA  CB   sing N N 106 
GLU CA  HA   sing N N 107 
GLU C   O    doub N N 108 
GLU C   OXT  sing N N 109 
GLU CB  CG   sing N N 110 
GLU CB  HB2  sing N N 111 
GLU CB  HB3  sing N N 112 
GLU CG  CD   sing N N 113 
GLU CG  HG2  sing N N 114 
GLU CG  HG3  sing N N 115 
GLU CD  OE1  doub N N 116 
GLU CD  OE2  sing N N 117 
GLU OE2 HE2  sing N N 118 
GLU OXT HXT  sing N N 119 
GLY N   CA   sing N N 120 
GLY N   H    sing N N 121 
GLY N   H2   sing N N 122 
GLY CA  C    sing N N 123 
GLY CA  HA2  sing N N 124 
GLY CA  HA3  sing N N 125 
GLY C   O    doub N N 126 
GLY C   OXT  sing N N 127 
GLY OXT HXT  sing N N 128 
HIS N   CA   sing N N 129 
HIS N   H    sing N N 130 
HIS N   H2   sing N N 131 
HIS CA  C    sing N N 132 
HIS CA  CB   sing N N 133 
HIS CA  HA   sing N N 134 
HIS C   O    doub N N 135 
HIS C   OXT  sing N N 136 
HIS CB  CG   sing N N 137 
HIS CB  HB2  sing N N 138 
HIS CB  HB3  sing N N 139 
HIS CG  ND1  sing Y N 140 
HIS CG  CD2  doub Y N 141 
HIS ND1 CE1  doub Y N 142 
HIS ND1 HD1  sing N N 143 
HIS CD2 NE2  sing Y N 144 
HIS CD2 HD2  sing N N 145 
HIS CE1 NE2  sing Y N 146 
HIS CE1 HE1  sing N N 147 
HIS NE2 HE2  sing N N 148 
HIS OXT HXT  sing N N 149 
HOH O   H1   sing N N 150 
HOH O   H2   sing N N 151 
ILE N   CA   sing N N 152 
ILE N   H    sing N N 153 
ILE N   H2   sing N N 154 
ILE CA  C    sing N N 155 
ILE CA  CB   sing N N 156 
ILE CA  HA   sing N N 157 
ILE C   O    doub N N 158 
ILE C   OXT  sing N N 159 
ILE CB  CG1  sing N N 160 
ILE CB  CG2  sing N N 161 
ILE CB  HB   sing N N 162 
ILE CG1 CD1  sing N N 163 
ILE CG1 HG12 sing N N 164 
ILE CG1 HG13 sing N N 165 
ILE CG2 HG21 sing N N 166 
ILE CG2 HG22 sing N N 167 
ILE CG2 HG23 sing N N 168 
ILE CD1 HD11 sing N N 169 
ILE CD1 HD12 sing N N 170 
ILE CD1 HD13 sing N N 171 
ILE OXT HXT  sing N N 172 
LEU N   CA   sing N N 173 
LEU N   H    sing N N 174 
LEU N   H2   sing N N 175 
LEU CA  C    sing N N 176 
LEU CA  CB   sing N N 177 
LEU CA  HA   sing N N 178 
LEU C   O    doub N N 179 
LEU C   OXT  sing N N 180 
LEU CB  CG   sing N N 181 
LEU CB  HB2  sing N N 182 
LEU CB  HB3  sing N N 183 
LEU CG  CD1  sing N N 184 
LEU CG  CD2  sing N N 185 
LEU CG  HG   sing N N 186 
LEU CD1 HD11 sing N N 187 
LEU CD1 HD12 sing N N 188 
LEU CD1 HD13 sing N N 189 
LEU CD2 HD21 sing N N 190 
LEU CD2 HD22 sing N N 191 
LEU CD2 HD23 sing N N 192 
LEU OXT HXT  sing N N 193 
LYS N   CA   sing N N 194 
LYS N   H    sing N N 195 
LYS N   H2   sing N N 196 
LYS CA  C    sing N N 197 
LYS CA  CB   sing N N 198 
LYS CA  HA   sing N N 199 
LYS C   O    doub N N 200 
LYS C   OXT  sing N N 201 
LYS CB  CG   sing N N 202 
LYS CB  HB2  sing N N 203 
LYS CB  HB3  sing N N 204 
LYS CG  CD   sing N N 205 
LYS CG  HG2  sing N N 206 
LYS CG  HG3  sing N N 207 
LYS CD  CE   sing N N 208 
LYS CD  HD2  sing N N 209 
LYS CD  HD3  sing N N 210 
LYS CE  NZ   sing N N 211 
LYS CE  HE2  sing N N 212 
LYS CE  HE3  sing N N 213 
LYS NZ  HZ1  sing N N 214 
LYS NZ  HZ2  sing N N 215 
LYS NZ  HZ3  sing N N 216 
LYS OXT HXT  sing N N 217 
MET N   CA   sing N N 218 
MET N   H    sing N N 219 
MET N   H2   sing N N 220 
MET CA  C    sing N N 221 
MET CA  CB   sing N N 222 
MET CA  HA   sing N N 223 
MET C   O    doub N N 224 
MET C   OXT  sing N N 225 
MET CB  CG   sing N N 226 
MET CB  HB2  sing N N 227 
MET CB  HB3  sing N N 228 
MET CG  SD   sing N N 229 
MET CG  HG2  sing N N 230 
MET CG  HG3  sing N N 231 
MET SD  CE   sing N N 232 
MET CE  HE1  sing N N 233 
MET CE  HE2  sing N N 234 
MET CE  HE3  sing N N 235 
MET OXT HXT  sing N N 236 
ODI OAA CAC  sing N N 237 
ODI OAA HAA  sing N N 238 
ODI CAC CAE  sing N N 239 
ODI CAC HAC1 sing N N 240 
ODI CAC HAC2 sing N N 241 
ODI CAE CAG  sing N N 242 
ODI CAE HAE1 sing N N 243 
ODI CAE HAE2 sing N N 244 
ODI CAG CAI  sing N N 245 
ODI CAG HAG1 sing N N 246 
ODI CAG HAG2 sing N N 247 
ODI CAI CAJ  sing N N 248 
ODI CAI HAI1 sing N N 249 
ODI CAI HAI2 sing N N 250 
ODI CAJ CAH  sing N N 251 
ODI CAJ HAJ1 sing N N 252 
ODI CAJ HAJ2 sing N N 253 
ODI CAH CAF  sing N N 254 
ODI CAH HAH1 sing N N 255 
ODI CAH HAH2 sing N N 256 
ODI CAF CAD  sing N N 257 
ODI CAF HAF1 sing N N 258 
ODI CAF HAF2 sing N N 259 
ODI CAD OAB  sing N N 260 
ODI CAD HAD1 sing N N 261 
ODI CAD HAD2 sing N N 262 
ODI OAB HAB  sing N N 263 
PHE N   CA   sing N N 264 
PHE N   H    sing N N 265 
PHE N   H2   sing N N 266 
PHE CA  C    sing N N 267 
PHE CA  CB   sing N N 268 
PHE CA  HA   sing N N 269 
PHE C   O    doub N N 270 
PHE C   OXT  sing N N 271 
PHE CB  CG   sing N N 272 
PHE CB  HB2  sing N N 273 
PHE CB  HB3  sing N N 274 
PHE CG  CD1  doub Y N 275 
PHE CG  CD2  sing Y N 276 
PHE CD1 CE1  sing Y N 277 
PHE CD1 HD1  sing N N 278 
PHE CD2 CE2  doub Y N 279 
PHE CD2 HD2  sing N N 280 
PHE CE1 CZ   doub Y N 281 
PHE CE1 HE1  sing N N 282 
PHE CE2 CZ   sing Y N 283 
PHE CE2 HE2  sing N N 284 
PHE CZ  HZ   sing N N 285 
PHE OXT HXT  sing N N 286 
PRO N   CA   sing N N 287 
PRO N   CD   sing N N 288 
PRO N   H    sing N N 289 
PRO CA  C    sing N N 290 
PRO CA  CB   sing N N 291 
PRO CA  HA   sing N N 292 
PRO C   O    doub N N 293 
PRO C   OXT  sing N N 294 
PRO CB  CG   sing N N 295 
PRO CB  HB2  sing N N 296 
PRO CB  HB3  sing N N 297 
PRO CG  CD   sing N N 298 
PRO CG  HG2  sing N N 299 
PRO CG  HG3  sing N N 300 
PRO CD  HD2  sing N N 301 
PRO CD  HD3  sing N N 302 
PRO OXT HXT  sing N N 303 
SER N   CA   sing N N 304 
SER N   H    sing N N 305 
SER N   H2   sing N N 306 
SER CA  C    sing N N 307 
SER CA  CB   sing N N 308 
SER CA  HA   sing N N 309 
SER C   O    doub N N 310 
SER C   OXT  sing N N 311 
SER CB  OG   sing N N 312 
SER CB  HB2  sing N N 313 
SER CB  HB3  sing N N 314 
SER OG  HG   sing N N 315 
SER OXT HXT  sing N N 316 
THR N   CA   sing N N 317 
THR N   H    sing N N 318 
THR N   H2   sing N N 319 
THR CA  C    sing N N 320 
THR CA  CB   sing N N 321 
THR CA  HA   sing N N 322 
THR C   O    doub N N 323 
THR C   OXT  sing N N 324 
THR CB  OG1  sing N N 325 
THR CB  CG2  sing N N 326 
THR CB  HB   sing N N 327 
THR OG1 HG1  sing N N 328 
THR CG2 HG21 sing N N 329 
THR CG2 HG22 sing N N 330 
THR CG2 HG23 sing N N 331 
THR OXT HXT  sing N N 332 
TRP N   CA   sing N N 333 
TRP N   H    sing N N 334 
TRP N   H2   sing N N 335 
TRP CA  C    sing N N 336 
TRP CA  CB   sing N N 337 
TRP CA  HA   sing N N 338 
TRP C   O    doub N N 339 
TRP C   OXT  sing N N 340 
TRP CB  CG   sing N N 341 
TRP CB  HB2  sing N N 342 
TRP CB  HB3  sing N N 343 
TRP CG  CD1  doub Y N 344 
TRP CG  CD2  sing Y N 345 
TRP CD1 NE1  sing Y N 346 
TRP CD1 HD1  sing N N 347 
TRP CD2 CE2  doub Y N 348 
TRP CD2 CE3  sing Y N 349 
TRP NE1 CE2  sing Y N 350 
TRP NE1 HE1  sing N N 351 
TRP CE2 CZ2  sing Y N 352 
TRP CE3 CZ3  doub Y N 353 
TRP CE3 HE3  sing N N 354 
TRP CZ2 CH2  doub Y N 355 
TRP CZ2 HZ2  sing N N 356 
TRP CZ3 CH2  sing Y N 357 
TRP CZ3 HZ3  sing N N 358 
TRP CH2 HH2  sing N N 359 
TRP OXT HXT  sing N N 360 
TYR N   CA   sing N N 361 
TYR N   H    sing N N 362 
TYR N   H2   sing N N 363 
TYR CA  C    sing N N 364 
TYR CA  CB   sing N N 365 
TYR CA  HA   sing N N 366 
TYR C   O    doub N N 367 
TYR C   OXT  sing N N 368 
TYR CB  CG   sing N N 369 
TYR CB  HB2  sing N N 370 
TYR CB  HB3  sing N N 371 
TYR CG  CD1  doub Y N 372 
TYR CG  CD2  sing Y N 373 
TYR CD1 CE1  sing Y N 374 
TYR CD1 HD1  sing N N 375 
TYR CD2 CE2  doub Y N 376 
TYR CD2 HD2  sing N N 377 
TYR CE1 CZ   doub Y N 378 
TYR CE1 HE1  sing N N 379 
TYR CE2 CZ   sing Y N 380 
TYR CE2 HE2  sing N N 381 
TYR CZ  OH   sing N N 382 
TYR OH  HH   sing N N 383 
TYR OXT HXT  sing N N 384 
VAL N   CA   sing N N 385 
VAL N   H    sing N N 386 
VAL N   H2   sing N N 387 
VAL CA  C    sing N N 388 
VAL CA  CB   sing N N 389 
VAL CA  HA   sing N N 390 
VAL C   O    doub N N 391 
VAL C   OXT  sing N N 392 
VAL CB  CG1  sing N N 393 
VAL CB  CG2  sing N N 394 
VAL CB  HB   sing N N 395 
VAL CG1 HG11 sing N N 396 
VAL CG1 HG12 sing N N 397 
VAL CG1 HG13 sing N N 398 
VAL CG2 HG21 sing N N 399 
VAL CG2 HG22 sing N N 400 
VAL CG2 HG23 sing N N 401 
VAL OXT HXT  sing N N 402 
# 
_pdbx_initial_refinement_model.id               1 
_pdbx_initial_refinement_model.entity_id_list   ? 
_pdbx_initial_refinement_model.type             'experimental model' 
_pdbx_initial_refinement_model.source_name      PDB 
_pdbx_initial_refinement_model.accession_code   1QY0 
_pdbx_initial_refinement_model.details          'PDB ENTRY 1QY0' 
# 
_atom_sites.entry_id                    2DM5 
_atom_sites.fract_transf_matrix[1][1]   -0.00502559 
_atom_sites.fract_transf_matrix[1][2]   -0.01349305 
_atom_sites.fract_transf_matrix[1][3]   -0.01190685 
_atom_sites.fract_transf_matrix[2][1]   0.01798306 
_atom_sites.fract_transf_matrix[2][2]   -0.00330737 
_atom_sites.fract_transf_matrix[2][3]   -0.00384225 
_atom_sites.fract_transf_matrix[3][1]   0.00026023 
_atom_sites.fract_transf_matrix[3][2]   -0.00487401 
_atom_sites.fract_transf_matrix[3][3]   0.00541348 
_atom_sites.fract_transf_vector[1]      0.875882 
_atom_sites.fract_transf_vector[2]      0.434711 
_atom_sites.fract_transf_vector[3]      0.311988 
# 
loop_
_atom_type.symbol 
C  
CD 
N  
O  
S  
# 
loop_
_atom_site.group_PDB 
_atom_site.id 
_atom_site.type_symbol 
_atom_site.label_atom_id 
_atom_site.label_alt_id 
_atom_site.label_comp_id 
_atom_site.label_asym_id 
_atom_site.label_entity_id 
_atom_site.label_seq_id 
_atom_site.pdbx_PDB_ins_code 
_atom_site.Cartn_x 
_atom_site.Cartn_y 
_atom_site.Cartn_z 
_atom_site.occupancy 
_atom_site.B_iso_or_equiv 
_atom_site.pdbx_formal_charge 
_atom_site.auth_seq_id 
_atom_site.auth_comp_id 
_atom_site.auth_asym_id 
_atom_site.auth_atom_id 
_atom_site.pdbx_PDB_model_num 
ATOM   1    N  N   . GLU A 1 13  ? 12.257  7.703   14.315  1.00 51.80  ? 1   GLU A N   1 
ATOM   2    C  CA  . GLU A 1 13  ? 11.801  8.877   13.514  1.00 52.12  ? 1   GLU A CA  1 
ATOM   3    C  C   . GLU A 1 13  ? 10.777  8.435   12.469  1.00 47.68  ? 1   GLU A C   1 
ATOM   4    O  O   . GLU A 1 13  ? 10.753  7.272   12.055  1.00 46.53  ? 1   GLU A O   1 
ATOM   5    C  CB  . GLU A 1 13  ? 12.989  9.546   12.806  1.00 58.51  ? 1   GLU A CB  1 
ATOM   6    C  CG  . GLU A 1 13  ? 13.521  8.796   11.572  1.00 70.95  ? 1   GLU A CG  1 
ATOM   7    C  CD  . GLU A 1 13  ? 14.323  7.537   11.909  1.00 75.34  ? 1   GLU A CD  1 
ATOM   8    O  OE1 . GLU A 1 13  ? 13.793  6.645   12.616  1.00 79.23  ? 1   GLU A OE1 1 
ATOM   9    O  OE2 . GLU A 1 13  ? 15.487  7.436   11.454  1.00 76.28  ? 1   GLU A OE2 1 
ATOM   10   N  N   . GLU A 1 14  ? 9.920   9.361   12.058  1.00 35.19  ? 2   GLU A N   1 
ATOM   11   C  CA  . GLU A 1 14  ? 8.917   9.053   11.049  1.00 26.55  ? 2   GLU A CA  1 
ATOM   12   C  C   . GLU A 1 14  ? 9.095   10.008  9.891   1.00 29.58  ? 2   GLU A C   1 
ATOM   13   O  O   . GLU A 1 14  ? 9.642   11.114  10.047  1.00 29.42  ? 2   GLU A O   1 
ATOM   14   C  CB  . GLU A 1 14  ? 7.518   9.168   11.638  1.00 22.44  ? 2   GLU A CB  1 
ATOM   15   C  CG  . GLU A 1 14  ? 7.334   8.185   12.789  1.00 30.03  ? 2   GLU A CG  1 
ATOM   16   C  CD  . GLU A 1 14  ? 5.899   8.033   13.222  1.00 32.54  ? 2   GLU A CD  1 
ATOM   17   O  OE1 . GLU A 1 14  ? 5.054   8.853   12.797  1.00 29.88  ? 2   GLU A OE1 1 
ATOM   18   O  OE2 . GLU A 1 14  ? 5.626   7.087   14.000  1.00 28.65  ? 2   GLU A OE2 1 
ATOM   19   N  N   . ALA A 1 15  ? 8.635   9.590   8.727   1.00 17.71  ? 3   ALA A N   1 
ATOM   20   C  CA  . ALA A 1 15  ? 8.796   10.417  7.555   1.00 17.03  ? 3   ALA A CA  1 
ATOM   21   C  C   . ALA A 1 15  ? 7.677   10.182  6.553   1.00 21.56  ? 3   ALA A C   1 
ATOM   22   O  O   . ALA A 1 15  ? 6.915   9.237   6.668   1.00 18.03  ? 3   ALA A O   1 
ATOM   23   C  CB  . ALA A 1 15  ? 10.134  10.104  6.903   1.00 22.35  ? 3   ALA A CB  1 
ATOM   24   N  N   . SER A 1 16  ? 7.602   11.072  5.574   1.00 17.16  ? 4   SER A N   1 
ATOM   25   C  CA  . SER A 1 16  ? 6.638   10.970  4.473   1.00 17.03  ? 4   SER A CA  1 
ATOM   26   C  C   . SER A 1 16  ? 7.520   10.951  3.211   1.00 17.95  ? 4   SER A C   1 
ATOM   27   O  O   . SER A 1 16  ? 8.571   11.605  3.191   1.00 19.58  ? 4   SER A O   1 
ATOM   28   C  CB  . SER A 1 16  ? 5.731   12.201  4.453   1.00 22.11  ? 4   SER A CB  1 
ATOM   29   O  OG  . SER A 1 16  ? 5.074   12.293  3.204   1.00 36.37  ? 4   SER A OG  1 
ATOM   30   N  N   . SER A 1 17  ? 7.130   10.213  2.176   1.00 15.86  ? 5   SER A N   1 
ATOM   31   C  CA  . SER A 1 17  ? 7.956   10.163  0.959   1.00 15.47  ? 5   SER A CA  1 
ATOM   32   C  C   . SER A 1 17  ? 8.071   11.533  0.287   1.00 17.09  ? 5   SER A C   1 
ATOM   33   O  O   . SER A 1 17  ? 9.028   11.798  -0.445  1.00 19.88  ? 5   SER A O   1 
ATOM   34   C  CB  . SER A 1 17  ? 7.394   9.138   -0.042  1.00 14.67  ? 5   SER A CB  1 
ATOM   35   O  OG  . SER A 1 17  ? 6.096   9.522   -0.509  1.00 15.45  ? 5   SER A OG  1 
ATOM   36   N  N   . THR A 1 18  ? 7.106   12.403  0.556   1.00 17.68  ? 6   THR A N   1 
ATOM   37   C  CA  . THR A 1 18  ? 7.081   13.729  -0.037  1.00 19.95  ? 6   THR A CA  1 
ATOM   38   C  C   . THR A 1 18  ? 7.854   14.737  0.815   1.00 26.75  ? 6   THR A C   1 
ATOM   39   O  O   . THR A 1 18  ? 8.038   15.883  0.410   1.00 28.15  ? 6   THR A O   1 
ATOM   40   C  CB  . THR A 1 18  ? 5.608   14.222  -0.227  1.00 20.64  ? 6   THR A CB  1 
ATOM   41   O  OG1 . THR A 1 18  ? 4.915   14.158  1.019   1.00 31.90  ? 6   THR A OG1 1 
ATOM   42   C  CG2 . THR A 1 18  ? 4.863   13.352  -1.243  1.00 25.53  ? 6   THR A CG2 1 
ATOM   43   N  N   . GLY A 1 19  ? 8.315   14.296  1.985   1.00 24.56  ? 7   GLY A N   1 
ATOM   44   C  CA  . GLY A 1 19  ? 9.055   15.170  2.882   1.00 30.34  ? 7   GLY A CA  1 
ATOM   45   C  C   . GLY A 1 19  ? 10.550  15.293  2.608   1.00 30.99  ? 7   GLY A C   1 
ATOM   46   O  O   . GLY A 1 19  ? 11.180  14.427  1.995   1.00 29.62  ? 7   GLY A O   1 
ATOM   47   N  N   . ARG A 1 20  ? 11.129  16.381  3.097   1.00 34.29  ? 8   ARG A N   1 
ATOM   48   C  CA  . ARG A 1 20  ? 12.549  16.664  2.908   1.00 39.65  ? 8   ARG A CA  1 
ATOM   49   C  C   . ARG A 1 20  ? 13.512  15.585  3.414   1.00 35.99  ? 8   ARG A C   1 
ATOM   50   O  O   . ARG A 1 20  ? 14.498  15.252  2.753   1.00 40.28  ? 8   ARG A O   1 
ATOM   51   C  CB  . ARG A 1 20  ? 12.885  17.997  3.592   1.00 50.39  ? 8   ARG A CB  1 
ATOM   52   C  CG  . ARG A 1 20  ? 14.354  18.398  3.525   1.00 65.20  ? 8   ARG A CG  1 
ATOM   53   C  CD  . ARG A 1 20  ? 14.875  18.259  2.107   1.00 70.23  ? 8   ARG A CD  1 
ATOM   54   N  NE  . ARG A 1 20  ? 13.985  18.902  1.144   1.00 78.19  ? 8   ARG A NE  1 
ATOM   55   C  CZ  . ARG A 1 20  ? 14.033  18.696  -0.168  1.00 79.18  ? 8   ARG A CZ  1 
ATOM   56   N  NH1 . ARG A 1 20  ? 14.929  17.859  -0.677  1.00 78.29  ? 8   ARG A NH1 1 
ATOM   57   N  NH2 . ARG A 1 20  ? 13.188  19.328  -0.971  1.00 81.78  ? 8   ARG A NH2 1 
ATOM   58   N  N   . ASN A 1 21  ? 13.215  15.033  4.578   1.00 32.04  ? 9   ASN A N   1 
ATOM   59   C  CA  . ASN A 1 21  ? 14.090  14.042  5.194   1.00 32.75  ? 9   ASN A CA  1 
ATOM   60   C  C   . ASN A 1 21  ? 13.804  12.589  4.817   1.00 28.29  ? 9   ASN A C   1 
ATOM   61   O  O   . ASN A 1 21  ? 14.296  11.688  5.486   1.00 31.68  ? 9   ASN A O   1 
ATOM   62   C  CB  . ASN A 1 21  ? 13.997  14.187  6.710   1.00 38.16  ? 9   ASN A CB  1 
ATOM   63   C  CG  . ASN A 1 21  ? 12.569  14.002  7.217   1.00 53.07  ? 9   ASN A CG  1 
ATOM   64   O  OD1 . ASN A 1 21  ? 11.636  14.616  6.696   1.00 56.95  ? 9   ASN A OD1 1 
ATOM   65   N  ND2 . ASN A 1 21  ? 12.393  13.155  8.231   1.00 52.15  ? 9   ASN A ND2 1 
ATOM   66   N  N   . PHE A 1 22  ? 13.041  12.345  3.752   1.00 22.36  ? 10  PHE A N   1 
ATOM   67   C  CA  . PHE A 1 22  ? 12.736  10.954  3.380   1.00 21.94  ? 10  PHE A CA  1 
ATOM   68   C  C   . PHE A 1 22  ? 13.973  10.189  2.901   1.00 20.31  ? 10  PHE A C   1 
ATOM   69   O  O   . PHE A 1 22  ? 14.770  10.698  2.119   1.00 22.92  ? 10  PHE A O   1 
ATOM   70   C  CB  . PHE A 1 22  ? 11.641  10.915  2.296   1.00 19.48  ? 10  PHE A CB  1 
ATOM   71   C  CG  . PHE A 1 22  ? 11.144  9.511   1.972   1.00 16.62  ? 10  PHE A CG  1 
ATOM   72   C  CD1 . PHE A 1 22  ? 10.583  8.708   2.966   1.00 17.48  ? 10  PHE A CD1 1 
ATOM   73   C  CD2 . PHE A 1 22  ? 11.226  9.014   0.676   1.00 18.73  ? 10  PHE A CD2 1 
ATOM   74   C  CE1 . PHE A 1 22  ? 10.111  7.419   2.657   1.00 19.14  ? 10  PHE A CE1 1 
ATOM   75   C  CE2 . PHE A 1 22  ? 10.759  7.741   0.362   1.00 23.73  ? 10  PHE A CE2 1 
ATOM   76   C  CZ  . PHE A 1 22  ? 10.202  6.944   1.357   1.00 17.95  ? 10  PHE A CZ  1 
ATOM   77   N  N   . ASN A 1 23  ? 14.138  8.964   3.391   1.00 17.55  ? 11  ASN A N   1 
ATOM   78   C  CA  . ASN A 1 23  ? 15.272  8.139   3.006   1.00 19.19  ? 11  ASN A CA  1 
ATOM   79   C  C   . ASN A 1 23  ? 14.681  6.875   2.409   1.00 19.58  ? 11  ASN A C   1 
ATOM   80   O  O   . ASN A 1 23  ? 14.412  5.899   3.118   1.00 21.44  ? 11  ASN A O   1 
ATOM   81   C  CB  . ASN A 1 23  ? 16.116  7.817   4.232   1.00 24.12  ? 11  ASN A CB  1 
ATOM   82   C  CG  . ASN A 1 23  ? 17.366  7.061   3.872   1.00 27.32  ? 11  ASN A CG  1 
ATOM   83   O  OD1 . ASN A 1 23  ? 17.517  6.624   2.730   1.00 29.21  ? 11  ASN A OD1 1 
ATOM   84   N  ND2 . ASN A 1 23  ? 18.269  6.890   4.837   1.00 31.15  ? 11  ASN A ND2 1 
ATOM   85   N  N   . VAL A 1 24  ? 14.448  6.905   1.103   1.00 18.86  ? 12  VAL A N   1 
ATOM   86   C  CA  . VAL A 1 24  ? 13.804  5.776   0.423   1.00 18.72  ? 12  VAL A CA  1 
ATOM   87   C  C   . VAL A 1 24  ? 14.484  4.419   0.614   1.00 23.51  ? 12  VAL A C   1 
ATOM   88   O  O   . VAL A 1 24  ? 13.814  3.390   0.635   1.00 17.11  ? 12  VAL A O   1 
ATOM   89   C  CB  . VAL A 1 24  ? 13.633  6.059   -1.103  1.00 19.58  ? 12  VAL A CB  1 
ATOM   90   C  CG1 . VAL A 1 24  ? 15.002  6.145   -1.771  1.00 24.85  ? 12  VAL A CG1 1 
ATOM   91   C  CG2 . VAL A 1 24  ? 12.762  4.963   -1.753  1.00 19.34  ? 12  VAL A CG2 1 
ATOM   92   N  N   . GLU A 1 25  ? 15.806  4.405   0.775   1.00 19.54  ? 13  GLU A N   1 
ATOM   93   C  CA  . GLU A 1 25  ? 16.490  3.136   0.970   1.00 20.10  ? 13  GLU A CA  1 
ATOM   94   C  C   . GLU A 1 25  ? 15.989  2.407   2.207   1.00 13.71  ? 13  GLU A C   1 
ATOM   95   O  O   . GLU A 1 25  ? 16.044  1.176   2.273   1.00 16.68  ? 13  GLU A O   1 
ATOM   96   C  CB  . GLU A 1 25  ? 18.012  3.340   1.124   1.00 21.33  ? 13  GLU A CB  1 
ATOM   97   C  CG  . GLU A 1 25  ? 18.719  3.744   -0.129  1.00 25.95  ? 13  GLU A CG  1 
ATOM   98   C  CD  . GLU A 1 25  ? 20.192  3.998   0.162   1.00 29.99  ? 13  GLU A CD  1 
ATOM   99   O  OE1 . GLU A 1 25  ? 20.462  4.594   1.233   1.00 20.06  ? 13  GLU A OE1 1 
ATOM   100  O  OE2 . GLU A 1 25  ? 21.047  3.609   -0.658  1.00 50.25  ? 13  GLU A OE2 1 
ATOM   101  N  N   . LYS A 1 26  ? 15.541  3.164   3.201   1.00 15.67  ? 14  LYS A N   1 
ATOM   102  C  CA  . LYS A 1 26  ? 15.070  2.592   4.462   1.00 15.89  ? 14  LYS A CA  1 
ATOM   103  C  C   . LYS A 1 26  ? 13.749  1.813   4.337   1.00 16.97  ? 14  LYS A C   1 
ATOM   104  O  O   . LYS A 1 26  ? 13.372  1.125   5.276   1.00 16.86  ? 14  LYS A O   1 
ATOM   105  C  CB  . LYS A 1 26  ? 14.924  3.673   5.532   1.00 19.33  ? 14  LYS A CB  1 
ATOM   106  C  CG  . LYS A 1 26  ? 16.232  4.208   6.127   1.00 31.46  ? 14  LYS A CG  1 
ATOM   107  C  CD  . LYS A 1 26  ? 16.736  3.300   7.228   1.00 53.55  ? 14  LYS A CD  1 
ATOM   108  C  CE  . LYS A 1 26  ? 17.824  3.973   8.062   1.00 55.38  ? 14  LYS A CE  1 
ATOM   109  N  NZ  . LYS A 1 26  ? 17.315  5.174   8.776   1.00 58.90  ? 14  LYS A NZ  1 
ATOM   110  N  N   . ILE A 1 27  ? 13.047  1.924   3.205   1.00 15.57  ? 15  ILE A N   1 
ATOM   111  C  CA  . ILE A 1 27  ? 11.826  1.112   3.044   1.00 14.25  ? 15  ILE A CA  1 
ATOM   112  C  C   . ILE A 1 27  ? 12.124  -0.172  2.279   1.00 15.26  ? 15  ILE A C   1 
ATOM   113  O  O   . ILE A 1 27  ? 11.240  -0.968  1.995   1.00 13.40  ? 15  ILE A O   1 
ATOM   114  C  CB  . ILE A 1 27  ? 10.674  1.875   2.337   1.00 15.70  ? 15  ILE A CB  1 
ATOM   115  C  CG1 . ILE A 1 27  ? 11.017  2.159   0.875   1.00 17.84  ? 15  ILE A CG1 1 
ATOM   116  C  CG2 . ILE A 1 27  ? 10.371  3.150   3.096   1.00 12.95  ? 15  ILE A CG2 1 
ATOM   117  C  CD1 . ILE A 1 27  ? 9.813   2.712   0.118   1.00 18.80  ? 15  ILE A CD1 1 
ATOM   118  N  N   . ASN A 1 28  ? 13.392  -0.397  1.957   1.00 16.74  ? 16  ASN A N   1 
ATOM   119  C  CA  . ASN A 1 28  ? 13.743  -1.620  1.253   1.00 16.47  ? 16  ASN A CA  1 
ATOM   120  C  C   . ASN A 1 28  ? 13.463  -2.842  2.134   1.00 20.11  ? 16  ASN A C   1 
ATOM   121  O  O   . ASN A 1 28  ? 13.526  -2.763  3.367   1.00 18.09  ? 16  ASN A O   1 
ATOM   122  C  CB  . ASN A 1 28  ? 15.242  -1.610  0.908   1.00 15.43  ? 16  ASN A CB  1 
ATOM   123  C  CG  . ASN A 1 28  ? 15.666  -2.778  0.040   1.00 18.08  ? 16  ASN A CG  1 
ATOM   124  O  OD1 . ASN A 1 28  ? 15.354  -2.819  -1.155  1.00 19.16  ? 16  ASN A OD1 1 
ATOM   125  N  ND2 . ASN A 1 28  ? 16.402  -3.738  0.635   1.00 18.84  ? 16  ASN A ND2 1 
ATOM   126  N  N   . GLY A 1 29  ? 13.106  -3.954  1.497   1.00 12.72  ? 17  GLY A N   1 
ATOM   127  C  CA  . GLY A 1 29  ? 12.970  -5.183  2.256   1.00 13.94  ? 17  GLY A CA  1 
ATOM   128  C  C   . GLY A 1 29  ? 11.616  -5.804  2.463   1.00 16.70  ? 17  GLY A C   1 
ATOM   129  O  O   . GLY A 1 29  ? 10.673  -5.525  1.750   1.00 12.73  ? 17  GLY A O   1 
ATOM   130  N  N   . GLU A 1 30  ? 11.546  -6.637  3.490   1.00 13.30  ? 18  GLU A N   1 
ATOM   131  C  CA  . GLU A 1 30  ? 10.320  -7.360  3.822   1.00 13.64  ? 18  GLU A CA  1 
ATOM   132  C  C   . GLU A 1 30  ? 9.164   -6.442  4.296   1.00 15.75  ? 18  GLU A C   1 
ATOM   133  O  O   . GLU A 1 30  ? 9.362   -5.539  5.123   1.00 13.15  ? 18  GLU A O   1 
ATOM   134  C  CB  . GLU A 1 30  ? 10.643  -8.377  4.932   1.00 13.32  ? 18  GLU A CB  1 
ATOM   135  C  CG  . GLU A 1 30  ? 9.423   -9.115  5.490   1.00 13.80  ? 18  GLU A CG  1 
ATOM   136  C  CD  . GLU A 1 30  ? 9.741   -9.959  6.698   1.00 19.79  ? 18  GLU A CD  1 
ATOM   137  O  OE1 . GLU A 1 30  ? 8.835   -10.700 7.081   1.00 15.38  ? 18  GLU A OE1 1 
ATOM   138  O  OE2 . GLU A 1 30  ? 10.867  -9.878  7.260   1.00 16.32  ? 18  GLU A OE2 1 
ATOM   139  N  N   . TRP A 1 31  ? 7.968   -6.691  3.765   1.00 13.21  ? 19  TRP A N   1 
ATOM   140  C  CA  . TRP A 1 31  ? 6.767   -5.979  4.183   1.00 12.01  ? 19  TRP A CA  1 
ATOM   141  C  C   . TRP A 1 31  ? 5.606   -6.965  4.039   1.00 15.20  ? 19  TRP A C   1 
ATOM   142  O  O   . TRP A 1 31  ? 5.697   -7.936  3.277   1.00 17.63  ? 19  TRP A O   1 
ATOM   143  C  CB  . TRP A 1 31  ? 6.461   -4.731  3.306   1.00 15.16  ? 19  TRP A CB  1 
ATOM   144  C  CG  . TRP A 1 31  ? 7.398   -3.571  3.578   1.00 13.05  ? 19  TRP A CG  1 
ATOM   145  C  CD1 . TRP A 1 31  ? 8.465   -3.169  2.799   1.00 13.32  ? 19  TRP A CD1 1 
ATOM   146  C  CD2 . TRP A 1 31  ? 7.378   -2.694  4.715   1.00 14.91  ? 19  TRP A CD2 1 
ATOM   147  N  NE1 . TRP A 1 31  ? 9.098   -2.099  3.389   1.00 12.90  ? 19  TRP A NE1 1 
ATOM   148  C  CE2 . TRP A 1 31  ? 8.451   -1.788  4.562   1.00 15.64  ? 19  TRP A CE2 1 
ATOM   149  C  CE3 . TRP A 1 31  ? 6.553   -2.590  5.852   1.00 12.12  ? 19  TRP A CE3 1 
ATOM   150  C  CZ2 . TRP A 1 31  ? 8.727   -0.784  5.502   1.00 13.89  ? 19  TRP A CZ2 1 
ATOM   151  C  CZ3 . TRP A 1 31  ? 6.830   -1.587  6.795   1.00 10.19  ? 19  TRP A CZ3 1 
ATOM   152  C  CH2 . TRP A 1 31  ? 7.908   -0.699  6.612   1.00 13.95  ? 19  TRP A CH2 1 
ATOM   153  N  N   . HIS A 1 32  ? 4.529   -6.706  4.773   1.00 12.35  ? 20  HIS A N   1 
ATOM   154  C  CA  . HIS A 1 32  ? 3.324   -7.517  4.711   1.00 12.34  ? 20  HIS A CA  1 
ATOM   155  C  C   . HIS A 1 32  ? 2.112   -6.600  4.661   1.00 14.27  ? 20  HIS A C   1 
ATOM   156  O  O   . HIS A 1 32  ? 2.082   -5.543  5.305   1.00 11.61  ? 20  HIS A O   1 
ATOM   157  C  CB  . HIS A 1 32  ? 3.165   -8.384  5.963   1.00 13.97  ? 20  HIS A CB  1 
ATOM   158  C  CG  . HIS A 1 32  ? 4.295   -9.333  6.170   1.00 15.46  ? 20  HIS A CG  1 
ATOM   159  N  ND1 . HIS A 1 32  ? 4.294   -10.615 5.651   1.00 18.03  ? 20  HIS A ND1 1 
ATOM   160  C  CD2 . HIS A 1 32  ? 5.500   -9.158  6.758   1.00 13.40  ? 20  HIS A CD2 1 
ATOM   161  C  CE1 . HIS A 1 32  ? 5.460   -11.187 5.909   1.00 18.67  ? 20  HIS A CE1 1 
ATOM   162  N  NE2 . HIS A 1 32  ? 6.211   -10.326 6.578   1.00 17.17  ? 20  HIS A NE2 1 
ATOM   163  N  N   . THR A 1 33  ? 1.105   -6.999  3.901   1.00 12.61  ? 21  THR A N   1 
ATOM   164  C  CA  . THR A 1 33  ? -0.128  -6.218  3.880   1.00 15.49  ? 21  THR A CA  1 
ATOM   165  C  C   . THR A 1 33  ? -0.860  -6.489  5.184   1.00 12.62  ? 21  THR A C   1 
ATOM   166  O  O   . THR A 1 33  ? -1.179  -7.642  5.498   1.00 14.50  ? 21  THR A O   1 
ATOM   167  C  CB  . THR A 1 33  ? -1.054  -6.628  2.727   1.00 15.38  ? 21  THR A CB  1 
ATOM   168  O  OG1 . THR A 1 33  ? -0.456  -6.226  1.494   1.00 11.65  ? 21  THR A OG1 1 
ATOM   169  C  CG2 . THR A 1 33  ? -2.458  -5.924  2.872   1.00 14.34  ? 21  THR A CG2 1 
ATOM   170  N  N   . ILE A 1 34  ? -1.135  -5.429  5.941   1.00 13.48  ? 22  ILE A N   1 
ATOM   171  C  CA  . ILE A 1 34  ? -1.846  -5.584  7.212   1.00 13.43  ? 22  ILE A CA  1 
ATOM   172  C  C   . ILE A 1 34  ? -3.313  -5.158  7.090   1.00 11.09  ? 22  ILE A C   1 
ATOM   173  O  O   . ILE A 1 34  ? -4.203  -5.879  7.493   1.00 14.37  ? 22  ILE A O   1 
ATOM   174  C  CB  . ILE A 1 34  ? -1.184  -4.757  8.346   1.00 12.49  ? 22  ILE A CB  1 
ATOM   175  C  CG1 . ILE A 1 34  ? 0.326   -5.016  8.384   1.00 12.67  ? 22  ILE A CG1 1 
ATOM   176  C  CG2 . ILE A 1 34  ? -1.798  -5.146  9.708   1.00 14.83  ? 22  ILE A CG2 1 
ATOM   177  C  CD1 . ILE A 1 34  ? 0.709   -6.533  8.470   1.00 11.96  ? 22  ILE A CD1 1 
ATOM   178  N  N   . ILE A 1 35  ? -3.534  -3.985  6.500   1.00 12.86  ? 23  ILE A N   1 
ATOM   179  C  CA  . ILE A 1 35  ? -4.900  -3.475  6.315   1.00 11.55  ? 23  ILE A CA  1 
ATOM   180  C  C   . ILE A 1 35  ? -4.964  -2.781  4.940   1.00 12.84  ? 23  ILE A C   1 
ATOM   181  O  O   . ILE A 1 35  ? -3.987  -2.187  4.490   1.00 14.68  ? 23  ILE A O   1 
ATOM   182  C  CB  . ILE A 1 35  ? -5.231  -2.423  7.409   1.00 12.26  ? 23  ILE A CB  1 
ATOM   183  C  CG1 . ILE A 1 35  ? -5.074  -3.050  8.819   1.00 14.39  ? 23  ILE A CG1 1 
ATOM   184  C  CG2 . ILE A 1 35  ? -6.686  -1.888  7.245   1.00 13.39  ? 23  ILE A CG2 1 
ATOM   185  C  CD1 . ILE A 1 35  ? -5.371  -2.062  9.957   1.00 17.03  ? 23  ILE A CD1 1 
ATOM   186  N  N   . LEU A 1 36  ? -6.106  -2.899  4.263   1.00 10.23  ? 24  LEU A N   1 
ATOM   187  C  CA  . LEU A 1 36  ? -6.302  -2.170  2.997   1.00 12.14  ? 24  LEU A CA  1 
ATOM   188  C  C   . LEU A 1 36  ? -7.582  -1.360  3.158   1.00 13.20  ? 24  LEU A C   1 
ATOM   189  O  O   . LEU A 1 36  ? -8.504  -1.757  3.896   1.00 12.37  ? 24  LEU A O   1 
ATOM   190  C  CB  . LEU A 1 36  ? -6.457  -3.100  1.789   1.00 11.95  ? 24  LEU A CB  1 
ATOM   191  C  CG  . LEU A 1 36  ? -5.145  -3.797  1.393   1.00 13.71  ? 24  LEU A CG  1 
ATOM   192  C  CD1 . LEU A 1 36  ? -5.446  -4.739  0.237   1.00 13.64  ? 24  LEU A CD1 1 
ATOM   193  C  CD2 . LEU A 1 36  ? -4.044  -2.790  1.028   1.00 16.26  ? 24  LEU A CD2 1 
ATOM   194  N  N   . ALA A 1 37  ? -7.652  -0.218  2.479   1.00 11.36  ? 25  ALA A N   1 
ATOM   195  C  CA  . ALA A 1 37  ? -8.849  0.620   2.597   1.00 9.46   ? 25  ALA A CA  1 
ATOM   196  C  C   . ALA A 1 37  ? -9.109  1.269   1.270   1.00 11.95  ? 25  ALA A C   1 
ATOM   197  O  O   . ALA A 1 37  ? -8.179  1.530   0.507   1.00 14.56  ? 25  ALA A O   1 
ATOM   198  C  CB  . ALA A 1 37  ? -8.619  1.701   3.652   1.00 11.18  ? 25  ALA A CB  1 
ATOM   199  N  N   . SER A 1 38  ? -10.373 1.584   0.995   1.00 11.70  ? 26  SER A N   1 
ATOM   200  C  CA  . SER A 1 38  ? -10.646 2.207   -0.302  1.00 12.43  ? 26  SER A CA  1 
ATOM   201  C  C   . SER A 1 38  ? -11.992 2.898   -0.300  1.00 14.99  ? 26  SER A C   1 
ATOM   202  O  O   . SER A 1 38  ? -12.884 2.432   0.395   1.00 16.99  ? 26  SER A O   1 
ATOM   203  C  CB  . SER A 1 38  ? -10.703 1.135   -1.406  1.00 13.80  ? 26  SER A CB  1 
ATOM   204  O  OG  . SER A 1 38  ? -10.965 1.758   -2.678  1.00 17.30  ? 26  SER A OG  1 
ATOM   205  N  N   . ASP A 1 39  ? -12.133 4.001   -1.045  1.00 12.71  ? 27  ASP A N   1 
ATOM   206  C  CA  . ASP A 1 39  ? -13.461 4.602   -1.157  1.00 15.62  ? 27  ASP A CA  1 
ATOM   207  C  C   . ASP A 1 39  ? -14.319 3.859   -2.208  1.00 15.04  ? 27  ASP A C   1 
ATOM   208  O  O   . ASP A 1 39  ? -15.436 4.273   -2.490  1.00 19.87  ? 27  ASP A O   1 
ATOM   209  C  CB  . ASP A 1 39  ? -13.429 6.135   -1.381  1.00 16.49  ? 27  ASP A CB  1 
ATOM   210  C  CG  . ASP A 1 39  ? -12.509 6.586   -2.499  1.00 17.32  ? 27  ASP A CG  1 
ATOM   211  O  OD1 . ASP A 1 39  ? -12.019 5.745   -3.268  1.00 14.25  ? 27  ASP A OD1 1 
ATOM   212  O  OD2 . ASP A 1 39  ? -12.306 7.819   -2.612  1.00 16.66  ? 27  ASP A OD2 1 
ATOM   213  N  N   . LYS A 1 40  ? -13.782 2.781   -2.793  1.00 14.13  ? 28  LYS A N   1 
ATOM   214  C  CA  . LYS A 1 40  ? -14.537 1.881   -3.705  1.00 15.46  ? 28  LYS A CA  1 
ATOM   215  C  C   . LYS A 1 40  ? -14.199 0.504   -3.110  1.00 15.42  ? 28  LYS A C   1 
ATOM   216  O  O   . LYS A 1 40  ? -13.294 -0.200  -3.566  1.00 16.67  ? 28  LYS A O   1 
ATOM   217  C  CB  . LYS A 1 40  ? -14.075 1.967   -5.164  1.00 20.94  ? 28  LYS A CB  1 
ATOM   218  C  CG  . LYS A 1 40  ? -14.743 3.122   -5.913  1.00 28.84  ? 28  LYS A CG  1 
ATOM   219  C  CD  . LYS A 1 40  ? -14.691 2.963   -7.436  1.00 33.39  ? 28  LYS A CD  1 
ATOM   220  C  CE  . LYS A 1 40  ? -15.048 4.298   -8.106  1.00 35.26  ? 28  LYS A CE  1 
ATOM   221  N  NZ  . LYS A 1 40  ? -14.963 4.255   -9.587  1.00 29.21  ? 28  LYS A NZ  1 
ATOM   222  N  N   . ARG A 1 41  ? -14.945 0.150   -2.075  1.00 17.65  ? 29  ARG A N   1 
ATOM   223  C  CA  . ARG A 1 41  ? -14.711 -1.077  -1.312  1.00 20.79  ? 29  ARG A CA  1 
ATOM   224  C  C   . ARG A 1 41  ? -14.549 -2.357  -2.134  1.00 16.46  ? 29  ARG A C   1 
ATOM   225  O  O   . ARG A 1 41  ? -13.726 -3.204  -1.795  1.00 14.95  ? 29  ARG A O   1 
ATOM   226  C  CB  . ARG A 1 41  ? -15.830 -1.258  -0.266  1.00 19.44  ? 29  ARG A CB  1 
ATOM   227  C  CG  . ARG A 1 41  ? -15.369 -2.033  0.990   1.00 16.56  ? 29  ARG A CG  1 
ATOM   228  C  CD  . ARG A 1 41  ? -16.458 -2.206  2.064   1.00 19.44  ? 29  ARG A CD  1 
ATOM   229  N  NE  . ARG A 1 41  ? -15.786 -2.902  3.149   1.00 22.91  ? 29  ARG A NE  1 
ATOM   230  C  CZ  . ARG A 1 41  ? -16.345 -3.641  4.086   1.00 38.73  ? 29  ARG A CZ  1 
ATOM   231  N  NH1 . ARG A 1 41  ? -17.663 -3.800  4.141   1.00 59.62  ? 29  ARG A NH1 1 
ATOM   232  N  NH2 . ARG A 1 41  ? -15.556 -4.324  4.895   1.00 26.07  ? 29  ARG A NH2 1 
ATOM   233  N  N   . GLU A 1 42  ? -15.292 -2.488  -3.231  1.00 17.58  ? 30  GLU A N   1 
ATOM   234  C  CA  . GLU A 1 42  ? -15.182 -3.720  -4.005  1.00 19.05  ? 30  GLU A CA  1 
ATOM   235  C  C   . GLU A 1 42  ? -13.789 -4.023  -4.538  1.00 17.47  ? 30  GLU A C   1 
ATOM   236  O  O   . GLU A 1 42  ? -13.445 -5.199  -4.787  1.00 16.89  ? 30  GLU A O   1 
ATOM   237  C  CB  . GLU A 1 42  ? -16.196 -3.728  -5.164  1.00 22.32  ? 30  GLU A CB  1 
ATOM   238  C  CG  . GLU A 1 42  ? -16.006 -2.604  -6.150  1.00 27.30  ? 30  GLU A CG  1 
ATOM   239  C  CD  . GLU A 1 42  ? -16.955 -2.709  -7.344  1.00 55.22  ? 30  GLU A CD  1 
ATOM   240  O  OE1 . GLU A 1 42  ? -16.816 -1.910  -8.299  1.00 62.13  ? 30  GLU A OE1 1 
ATOM   241  O  OE2 . GLU A 1 42  ? -17.844 -3.595  -7.327  1.00 60.54  ? 30  GLU A OE2 1 
ATOM   242  N  N   . LYS A 1 43  ? -12.980 -2.977  -4.707  1.00 15.23  ? 31  LYS A N   1 
ATOM   243  C  CA  . LYS A 1 43  ? -11.624 -3.137  -5.242  1.00 16.24  ? 31  LYS A CA  1 
ATOM   244  C  C   . LYS A 1 43  ? -10.694 -3.931  -4.329  1.00 14.31  ? 31  LYS A C   1 
ATOM   245  O  O   . LYS A 1 43  ? -9.714  -4.491  -4.799  1.00 15.02  ? 31  LYS A O   1 
ATOM   246  C  CB  . LYS A 1 43  ? -10.977 -1.764  -5.503  1.00 15.05  ? 31  LYS A CB  1 
ATOM   247  C  CG  . LYS A 1 43  ? -11.848 -0.798  -6.338  1.00 22.57  ? 31  LYS A CG  1 
ATOM   248  C  CD  . LYS A 1 43  ? -12.375 -1.470  -7.581  1.00 42.89  ? 31  LYS A CD  1 
ATOM   249  C  CE  . LYS A 1 43  ? -11.253 -2.089  -8.369  1.00 48.28  ? 31  LYS A CE  1 
ATOM   250  N  NZ  . LYS A 1 43  ? -10.255 -1.067  -8.767  1.00 64.33  ? 31  LYS A NZ  1 
ATOM   251  N  N   . ILE A 1 44  ? -10.997 -3.960  -3.034  1.00 15.90  ? 32  ILE A N   1 
ATOM   252  C  CA  . ILE A 1 44  ? -10.173 -4.684  -2.069  1.00 13.49  ? 32  ILE A CA  1 
ATOM   253  C  C   . ILE A 1 44  ? -10.920 -5.825  -1.383  1.00 17.06  ? 32  ILE A C   1 
ATOM   254  O  O   . ILE A 1 44  ? -10.410 -6.430  -0.431  1.00 17.31  ? 32  ILE A O   1 
ATOM   255  C  CB  . ILE A 1 44  ? -9.593  -3.707  -0.976  1.00 15.17  ? 32  ILE A CB  1 
ATOM   256  C  CG1 . ILE A 1 44  ? -10.710 -2.940  -0.279  1.00 16.48  ? 32  ILE A CG1 1 
ATOM   257  C  CG2 . ILE A 1 44  ? -8.603  -2.740  -1.637  1.00 15.33  ? 32  ILE A CG2 1 
ATOM   258  C  CD1 . ILE A 1 44  ? -10.244 -2.215  1.042   1.00 15.44  ? 32  ILE A CD1 1 
ATOM   259  N  N   . GLU A 1 45  ? -12.135 -6.110  -1.846  1.00 17.12  ? 33  GLU A N   1 
ATOM   260  C  CA  . GLU A 1 45  ? -12.885 -7.221  -1.267  1.00 19.39  ? 33  GLU A CA  1 
ATOM   261  C  C   . GLU A 1 45  ? -12.341 -8.498  -1.876  1.00 19.89  ? 33  GLU A C   1 
ATOM   262  O  O   . GLU A 1 45  ? -11.459 -8.453  -2.748  1.00 19.13  ? 33  GLU A O   1 
ATOM   263  C  CB  . GLU A 1 45  ? -14.396 -7.052  -1.513  1.00 19.08  ? 33  GLU A CB  1 
ATOM   264  C  CG  . GLU A 1 45  ? -14.983 -5.973  -0.602  1.00 20.84  ? 33  GLU A CG  1 
ATOM   265  C  CD  . GLU A 1 45  ? -16.437 -5.637  -0.874  1.00 26.29  ? 33  GLU A CD  1 
ATOM   266  O  OE1 . GLU A 1 45  ? -16.941 -5.919  -1.976  1.00 27.06  ? 33  GLU A OE1 1 
ATOM   267  O  OE2 . GLU A 1 45  ? -17.068 -5.065  0.032   1.00 26.23  ? 33  GLU A OE2 1 
ATOM   268  N  N   . ASP A 1 46  ? -12.849 -9.641  -1.413  1.00 21.55  ? 34  ASP A N   1 
ATOM   269  C  CA  . ASP A 1 46  ? -12.371 -10.940 -1.879  1.00 28.23  ? 34  ASP A CA  1 
ATOM   270  C  C   . ASP A 1 46  ? -11.972 -11.103 -3.334  1.00 29.59  ? 34  ASP A C   1 
ATOM   271  O  O   . ASP A 1 46  ? -10.917 -11.673 -3.631  1.00 35.85  ? 34  ASP A O   1 
ATOM   272  C  CB  . ASP A 1 46  ? -13.372 -12.046 -1.505  1.00 33.16  ? 34  ASP A CB  1 
ATOM   273  C  CG  . ASP A 1 46  ? -13.348 -12.370 -0.015  1.00 40.00  ? 34  ASP A CG  1 
ATOM   274  O  OD1 . ASP A 1 46  ? -13.621 -11.468 0.803   1.00 55.90  ? 34  ASP A OD1 1 
ATOM   275  O  OD2 . ASP A 1 46  ? -13.052 -13.528 0.344   1.00 61.03  ? 34  ASP A OD2 1 
ATOM   276  N  N   . ASN A 1 47  ? -12.770 -10.623 -4.268  1.00 24.18  ? 35  ASN A N   1 
ATOM   277  C  CA  . ASN A 1 47  ? -12.330 -10.833 -5.638  1.00 38.22  ? 35  ASN A CA  1 
ATOM   278  C  C   . ASN A 1 47  ? -11.734 -9.579  -6.277  1.00 32.85  ? 35  ASN A C   1 
ATOM   279  O  O   . ASN A 1 47  ? -11.530 -9.530  -7.482  1.00 30.30  ? 35  ASN A O   1 
ATOM   280  C  CB  . ASN A 1 47  ? -13.500 -11.344 -6.477  1.00 50.53  ? 35  ASN A CB  1 
ATOM   281  C  CG  . ASN A 1 47  ? -13.059 -12.319 -7.547  1.00 63.68  ? 35  ASN A CG  1 
ATOM   282  O  OD1 . ASN A 1 47  ? -13.839 -12.689 -8.430  1.00 75.59  ? 35  ASN A OD1 1 
ATOM   283  N  ND2 . ASN A 1 47  ? -11.801 -12.751 -7.468  1.00 70.71  ? 35  ASN A ND2 1 
ATOM   284  N  N   . GLY A 1 48  ? -11.427 -8.573  -5.467  1.00 26.18  ? 36  GLY A N   1 
ATOM   285  C  CA  . GLY A 1 48  ? -10.909 -7.343  -6.027  1.00 21.14  ? 36  GLY A CA  1 
ATOM   286  C  C   . GLY A 1 48  ? -9.489  -7.407  -6.530  1.00 18.40  ? 36  GLY A C   1 
ATOM   287  O  O   . GLY A 1 48  ? -8.636  -8.103  -5.952  1.00 19.74  ? 36  GLY A O   1 
ATOM   288  N  N   . ASN A 1 49  ? -9.210  -6.637  -7.575  1.00 17.06  ? 37  ASN A N   1 
ATOM   289  C  CA  . ASN A 1 49  ? -7.876  -6.632  -8.179  1.00 15.28  ? 37  ASN A CA  1 
ATOM   290  C  C   . ASN A 1 49  ? -6.864  -5.942  -7.278  1.00 17.25  ? 37  ASN A C   1 
ATOM   291  O  O   . ASN A 1 49  ? -5.661  -6.118  -7.460  1.00 19.59  ? 37  ASN A O   1 
ATOM   292  C  CB  . ASN A 1 49  ? -7.895  -5.887  -9.513  1.00 18.06  ? 37  ASN A CB  1 
ATOM   293  C  CG  . ASN A 1 49  ? -8.534  -6.697  -10.623 1.00 30.70  ? 37  ASN A CG  1 
ATOM   294  O  OD1 . ASN A 1 49  ? -8.926  -6.154  -11.653 1.00 34.11  ? 37  ASN A OD1 1 
ATOM   295  N  ND2 . ASN A 1 49  ? -8.634  -8.004  -10.417 1.00 27.12  ? 37  ASN A ND2 1 
ATOM   296  N  N   . PHE A 1 50  ? -7.346  -5.161  -6.314  1.00 17.49  ? 38  PHE A N   1 
ATOM   297  C  CA  . PHE A 1 50  ? -6.428  -4.460  -5.424  1.00 14.88  ? 38  PHE A CA  1 
ATOM   298  C  C   . PHE A 1 50  ? -6.238  -5.083  -4.054  1.00 15.56  ? 38  PHE A C   1 
ATOM   299  O  O   . PHE A 1 50  ? -5.630  -4.471  -3.165  1.00 16.81  ? 38  PHE A O   1 
ATOM   300  C  CB  . PHE A 1 50  ? -6.805  -2.981  -5.315  1.00 13.60  ? 38  PHE A CB  1 
ATOM   301  C  CG  . PHE A 1 50  ? -6.561  -2.231  -6.597  1.00 16.21  ? 38  PHE A CG  1 
ATOM   302  C  CD1 . PHE A 1 50  ? -7.414  -2.417  -7.693  1.00 19.51  ? 38  PHE A CD1 1 
ATOM   303  C  CD2 . PHE A 1 50  ? -5.439  -1.427  -6.749  1.00 18.68  ? 38  PHE A CD2 1 
ATOM   304  C  CE1 . PHE A 1 50  ? -7.151  -1.813  -8.918  1.00 18.11  ? 38  PHE A CE1 1 
ATOM   305  C  CE2 . PHE A 1 50  ? -5.161  -0.811  -7.980  1.00 21.84  ? 38  PHE A CE2 1 
ATOM   306  C  CZ  . PHE A 1 50  ? -6.023  -1.009  -9.062  1.00 20.59  ? 38  PHE A CZ  1 
ATOM   307  N  N   . ARG A 1 51  ? -6.737  -6.305  -3.891  1.00 13.03  ? 39  ARG A N   1 
ATOM   308  C  CA  . ARG A 1 51  ? -6.546  -7.005  -2.623  1.00 15.39  ? 39  ARG A CA  1 
ATOM   309  C  C   . ARG A 1 51  ? -5.187  -7.695  -2.845  1.00 20.57  ? 39  ARG A C   1 
ATOM   310  O  O   . ARG A 1 51  ? -5.091  -8.906  -3.102  1.00 18.81  ? 39  ARG A O   1 
ATOM   311  C  CB  . ARG A 1 51  ? -7.667  -8.023  -2.398  1.00 13.46  ? 39  ARG A CB  1 
ATOM   312  C  CG  . ARG A 1 51  ? -7.401  -8.895  -1.175  1.00 18.03  ? 39  ARG A CG  1 
ATOM   313  C  CD  . ARG A 1 51  ? -8.547  -9.858  -0.943  1.00 26.94  ? 39  ARG A CD  1 
ATOM   314  N  NE  . ARG A 1 51  ? -9.553  -9.110  -0.238  1.00 44.80  ? 39  ARG A NE  1 
ATOM   315  C  CZ  . ARG A 1 51  ? -10.113 -9.476  0.900   1.00 32.56  ? 39  ARG A CZ  1 
ATOM   316  N  NH1 . ARG A 1 51  ? -9.786  -10.623 1.487   1.00 35.46  ? 39  ARG A NH1 1 
ATOM   317  N  NH2 . ARG A 1 51  ? -10.959 -8.640  1.473   1.00 20.57  ? 39  ARG A NH2 1 
ATOM   318  N  N   . LEU A 1 52  ? -4.132  -6.894  -2.725  1.00 17.72  ? 40  LEU A N   1 
ATOM   319  C  CA  . LEU A 1 52  ? -2.768  -7.346  -2.961  1.00 13.47  ? 40  LEU A CA  1 
ATOM   320  C  C   . LEU A 1 52  ? -1.958  -7.519  -1.683  1.00 17.00  ? 40  LEU A C   1 
ATOM   321  O  O   . LEU A 1 52  ? -1.909  -6.622  -0.834  1.00 17.06  ? 40  LEU A O   1 
ATOM   322  C  CB  . LEU A 1 52  ? -2.053  -6.352  -3.883  1.00 18.03  ? 40  LEU A CB  1 
ATOM   323  C  CG  . LEU A 1 52  ? -2.642  -6.246  -5.306  1.00 23.70  ? 40  LEU A CG  1 
ATOM   324  C  CD1 . LEU A 1 52  ? -1.846  -5.275  -6.148  1.00 27.58  ? 40  LEU A CD1 1 
ATOM   325  C  CD2 . LEU A 1 52  ? -2.629  -7.628  -5.964  1.00 25.74  ? 40  LEU A CD2 1 
ATOM   326  N  N   . PHE A 1 53  ? -1.350  -8.697  -1.545  1.00 16.61  ? 41  PHE A N   1 
ATOM   327  C  CA  . PHE A 1 53  ? -0.522  -9.007  -0.383  1.00 15.50  ? 41  PHE A CA  1 
ATOM   328  C  C   . PHE A 1 53  ? 0.956   -8.743  -0.668  1.00 15.83  ? 41  PHE A C   1 
ATOM   329  O  O   . PHE A 1 53  ? 1.636   -9.529  -1.356  1.00 16.30  ? 41  PHE A O   1 
ATOM   330  C  CB  . PHE A 1 53  ? -0.767  -10.466 0.055   1.00 17.33  ? 41  PHE A CB  1 
ATOM   331  C  CG  . PHE A 1 53  ? -2.197  -10.725 0.482   1.00 15.42  ? 41  PHE A CG  1 
ATOM   332  C  CD1 . PHE A 1 53  ? -3.155  -11.160 -0.443  1.00 18.15  ? 41  PHE A CD1 1 
ATOM   333  C  CD2 . PHE A 1 53  ? -2.600  -10.449 1.783   1.00 17.51  ? 41  PHE A CD2 1 
ATOM   334  C  CE1 . PHE A 1 53  ? -4.513  -11.307 -0.061  1.00 18.83  ? 41  PHE A CE1 1 
ATOM   335  C  CE2 . PHE A 1 53  ? -3.930  -10.591 2.170   1.00 21.23  ? 41  PHE A CE2 1 
ATOM   336  C  CZ  . PHE A 1 53  ? -4.894  -11.022 1.243   1.00 21.22  ? 41  PHE A CZ  1 
ATOM   337  N  N   . LEU A 1 54  ? 1.458   -7.622  -0.157  1.00 13.47  ? 42  LEU A N   1 
ATOM   338  C  CA  . LEU A 1 54  ? 2.835   -7.258  -0.372  1.00 16.76  ? 42  LEU A CA  1 
ATOM   339  C  C   . LEU A 1 54  ? 3.775   -8.231  0.352   1.00 15.14  ? 42  LEU A C   1 
ATOM   340  O  O   . LEU A 1 54  ? 3.450   -8.755  1.444   1.00 15.29  ? 42  LEU A O   1 
ATOM   341  C  CB  . LEU A 1 54  ? 3.059   -5.822  0.124   1.00 14.97  ? 42  LEU A CB  1 
ATOM   342  C  CG  . LEU A 1 54  ? 4.441   -5.219  -0.147  1.00 13.31  ? 42  LEU A CG  1 
ATOM   343  C  CD1 . LEU A 1 54  ? 4.666   -5.066  -1.663  1.00 17.04  ? 42  LEU A CD1 1 
ATOM   344  C  CD2 . LEU A 1 54  ? 4.485   -3.825  0.527   1.00 14.77  ? 42  LEU A CD2 1 
ATOM   345  N  N   . GLU A 1 55  ? 4.933   -8.468  -0.264  1.00 15.48  ? 43  GLU A N   1 
ATOM   346  C  CA  . GLU A 1 55  ? 5.946   -9.365  0.284   1.00 15.31  ? 43  GLU A CA  1 
ATOM   347  C  C   . GLU A 1 55  ? 7.277   -8.632  0.453   1.00 18.56  ? 43  GLU A C   1 
ATOM   348  O  O   . GLU A 1 55  ? 8.005   -8.842  1.439   1.00 17.00  ? 43  GLU A O   1 
ATOM   349  C  CB  . GLU A 1 55  ? 6.134   -10.573 -0.646  1.00 16.28  ? 43  GLU A CB  1 
ATOM   350  C  CG  . GLU A 1 55  ? 4.853   -11.377 -0.772  1.00 23.26  ? 43  GLU A CG  1 
ATOM   351  C  CD  . GLU A 1 55  ? 4.954   -12.510 -1.777  1.00 32.30  ? 43  GLU A CD  1 
ATOM   352  O  OE1 . GLU A 1 55  ? 6.035   -12.693 -2.371  1.00 34.27  ? 43  GLU A OE1 1 
ATOM   353  O  OE2 . GLU A 1 55  ? 3.943   -13.214 -1.960  1.00 29.91  ? 43  GLU A OE2 1 
ATOM   354  N  N   . GLN A 1 56  ? 7.613   -7.800  -0.526  1.00 15.55  ? 44  GLN A N   1 
ATOM   355  C  CA  . GLN A 1 56  ? 8.834   -7.028  -0.413  1.00 17.23  ? 44  GLN A CA  1 
ATOM   356  C  C   . GLN A 1 56  ? 8.898   -5.840  -1.335  1.00 19.13  ? 44  GLN A C   1 
ATOM   357  O  O   . GLN A 1 56  ? 8.190   -5.767  -2.338  1.00 16.87  ? 44  GLN A O   1 
ATOM   358  C  CB  . GLN A 1 56  ? 10.061  -7.900  -0.640  1.00 29.64  ? 44  GLN A CB  1 
ATOM   359  C  CG  . GLN A 1 56  ? 10.256  -8.295  -2.035  1.00 34.35  ? 44  GLN A CG  1 
ATOM   360  C  CD  . GLN A 1 56  ? 11.627  -8.880  -2.259  1.00 53.25  ? 44  GLN A CD  1 
ATOM   361  O  OE1 . GLN A 1 56  ? 12.051  -9.791  -1.545  1.00 50.93  ? 44  GLN A OE1 1 
ATOM   362  N  NE2 . GLN A 1 56  ? 12.334  -8.361  -3.258  1.00 57.16  ? 44  GLN A NE2 1 
ATOM   363  N  N   . ILE A 1 57  ? 9.767   -4.909  -0.973  1.00 15.45  ? 45  ILE A N   1 
ATOM   364  C  CA  . ILE A 1 57  ? 9.985   -3.725  -1.770  1.00 15.58  ? 45  ILE A CA  1 
ATOM   365  C  C   . ILE A 1 57  ? 11.465  -3.712  -2.059  1.00 21.15  ? 45  ILE A C   1 
ATOM   366  O  O   . ILE A 1 57  ? 12.267  -3.785  -1.144  1.00 19.54  ? 45  ILE A O   1 
ATOM   367  C  CB  . ILE A 1 57  ? 9.637   -2.424  -1.004  1.00 16.49  ? 45  ILE A CB  1 
ATOM   368  C  CG1 . ILE A 1 57  ? 8.115   -2.356  -0.737  1.00 13.47  ? 45  ILE A CG1 1 
ATOM   369  C  CG2 . ILE A 1 57  ? 10.080  -1.193  -1.861  1.00 17.28  ? 45  ILE A CG2 1 
ATOM   370  C  CD1 . ILE A 1 57  ? 7.640   -1.139  0.123   1.00 13.44  ? 45  ILE A CD1 1 
ATOM   371  N  N   . HIS A 1 58  ? 11.834  -3.674  -3.332  1.00 17.33  ? 46  HIS A N   1 
ATOM   372  C  CA  . HIS A 1 58  ? 13.248  -3.584  -3.670  1.00 21.47  ? 46  HIS A CA  1 
ATOM   373  C  C   . HIS A 1 58  ? 13.480  -2.165  -4.194  1.00 23.14  ? 46  HIS A C   1 
ATOM   374  O  O   . HIS A 1 58  ? 12.943  -1.763  -5.238  1.00 20.94  ? 46  HIS A O   1 
ATOM   375  C  CB  . HIS A 1 58  ? 13.623  -4.638  -4.710  1.00 24.82  ? 46  HIS A CB  1 
ATOM   376  C  CG  . HIS A 1 58  ? 15.091  -4.924  -4.761  1.00 49.24  ? 46  HIS A CG  1 
ATOM   377  N  ND1 . HIS A 1 58  ? 15.787  -5.435  -3.684  1.00 54.90  ? 46  HIS A ND1 1 
ATOM   378  C  CD2 . HIS A 1 58  ? 15.999  -4.764  -5.754  1.00 54.13  ? 46  HIS A CD2 1 
ATOM   379  C  CE1 . HIS A 1 58  ? 17.058  -5.577  -4.012  1.00 46.80  ? 46  HIS A CE1 1 
ATOM   380  N  NE2 . HIS A 1 58  ? 17.214  -5.177  -5.262  1.00 57.61  ? 46  HIS A NE2 1 
ATOM   381  N  N   . VAL A 1 59  ? 14.250  -1.382  -3.442  1.00 18.90  ? 47  VAL A N   1 
ATOM   382  C  CA  . VAL A 1 59  ? 14.506  -0.006  -3.827  1.00 18.57  ? 47  VAL A CA  1 
ATOM   383  C  C   . VAL A 1 59  ? 15.632  0.098   -4.844  1.00 26.27  ? 47  VAL A C   1 
ATOM   384  O  O   . VAL A 1 59  ? 16.744  -0.384  -4.612  1.00 23.35  ? 47  VAL A O   1 
ATOM   385  C  CB  . VAL A 1 59  ? 14.878  0.876   -2.601  1.00 21.62  ? 47  VAL A CB  1 
ATOM   386  C  CG1 . VAL A 1 59  ? 15.197  2.309   -3.042  1.00 25.17  ? 47  VAL A CG1 1 
ATOM   387  C  CG2 . VAL A 1 59  ? 13.729  0.887   -1.596  1.00 16.68  ? 47  VAL A CG2 1 
ATOM   388  N  N   . LEU A 1 60  ? 15.332  0.726   -5.972  1.00 24.00  ? 48  LEU A N   1 
ATOM   389  C  CA  . LEU A 1 60  ? 16.330  0.930   -7.023  1.00 28.42  ? 48  LEU A CA  1 
ATOM   390  C  C   . LEU A 1 60  ? 16.527  2.428   -7.162  1.00 30.12  ? 48  LEU A C   1 
ATOM   391  O  O   . LEU A 1 60  ? 15.820  3.214   -6.533  1.00 29.69  ? 48  LEU A O   1 
ATOM   392  C  CB  . LEU A 1 60  ? 15.853  0.314   -8.337  1.00 22.36  ? 48  LEU A CB  1 
ATOM   393  C  CG  . LEU A 1 60  ? 15.691  -1.206  -8.291  1.00 30.98  ? 48  LEU A CG  1 
ATOM   394  C  CD1 . LEU A 1 60  ? 15.215  -1.701  -9.651  1.00 37.36  ? 48  LEU A CD1 1 
ATOM   395  C  CD2 . LEU A 1 60  ? 17.014  -1.864  -7.922  1.00 39.90  ? 48  LEU A CD2 1 
ATOM   396  N  N   . GLU A 1 61  ? 17.474  2.840   -7.993  1.00 34.20  ? 49  GLU A N   1 
ATOM   397  C  CA  . GLU A 1 61  ? 17.757  4.259   -8.151  1.00 32.79  ? 49  GLU A CA  1 
ATOM   398  C  C   . GLU A 1 61  ? 16.574  5.154   -8.503  1.00 27.59  ? 49  GLU A C   1 
ATOM   399  O  O   . GLU A 1 61  ? 16.395  6.201   -7.892  1.00 33.29  ? 49  GLU A O   1 
ATOM   400  C  CB  . GLU A 1 61  ? 18.864  4.467   -9.192  1.00 41.66  ? 49  GLU A CB  1 
ATOM   401  C  CG  . GLU A 1 61  ? 20.197  3.835   -8.820  1.00 59.95  ? 49  GLU A CG  1 
ATOM   402  C  CD  . GLU A 1 61  ? 20.305  2.364   -9.219  1.00 71.41  ? 49  GLU A CD  1 
ATOM   403  O  OE1 . GLU A 1 61  ? 19.417  1.559   -8.840  1.00 66.42  ? 49  GLU A OE1 1 
ATOM   404  O  OE2 . GLU A 1 61  ? 21.293  2.018   -9.912  1.00 78.12  ? 49  GLU A OE2 1 
ATOM   405  N  N   . LYS A 1 62  ? 15.783  4.753   -9.496  1.00 27.96  ? 50  LYS A N   1 
ATOM   406  C  CA  . LYS A 1 62  ? 14.641  5.549   -9.935  1.00 32.61  ? 50  LYS A CA  1 
ATOM   407  C  C   . LYS A 1 62  ? 13.327  4.783   -9.895  1.00 26.71  ? 50  LYS A C   1 
ATOM   408  O  O   . LYS A 1 62  ? 12.369  5.162   -10.564 1.00 28.19  ? 50  LYS A O   1 
ATOM   409  C  CB  . LYS A 1 62  ? 14.848  6.043   -11.376 1.00 42.34  ? 50  LYS A CB  1 
ATOM   410  C  CG  . LYS A 1 62  ? 15.449  7.430   -11.523 1.00 52.50  ? 50  LYS A CG  1 
ATOM   411  C  CD  . LYS A 1 62  ? 16.904  7.473   -11.119 1.00 62.69  ? 50  LYS A CD  1 
ATOM   412  C  CE  . LYS A 1 62  ? 17.522  8.806   -11.512 1.00 68.20  ? 50  LYS A CE  1 
ATOM   413  N  NZ  . LYS A 1 62  ? 17.425  9.042   -12.986 1.00 69.99  ? 50  LYS A NZ  1 
ATOM   414  N  N   . SER A 1 63  ? 13.277  3.705   -9.125  1.00 23.09  ? 51  SER A N   1 
ATOM   415  C  CA  . SER A 1 63  ? 12.056  2.928   -9.078  1.00 22.82  ? 51  SER A CA  1 
ATOM   416  C  C   . SER A 1 63  ? 12.000  2.049   -7.843  1.00 21.35  ? 51  SER A C   1 
ATOM   417  O  O   . SER A 1 63  ? 12.946  2.011   -7.048  1.00 22.68  ? 51  SER A O   1 
ATOM   418  C  CB  . SER A 1 63  ? 11.953  2.051   -10.330 1.00 24.72  ? 51  SER A CB  1 
ATOM   419  O  OG  . SER A 1 63  ? 13.080  1.192   -10.451 1.00 29.80  ? 51  SER A OG  1 
ATOM   420  N  N   . LEU A 1 64  ? 10.853  1.404   -7.669  1.00 17.41  ? 52  LEU A N   1 
ATOM   421  C  CA  . LEU A 1 64  ? 10.662  0.452   -6.587  1.00 17.97  ? 52  LEU A CA  1 
ATOM   422  C  C   . LEU A 1 64  ? 10.136  -0.807  -7.255  1.00 19.22  ? 52  LEU A C   1 
ATOM   423  O  O   . LEU A 1 64  ? 9.211   -0.734  -8.076  1.00 22.76  ? 52  LEU A O   1 
ATOM   424  C  CB  . LEU A 1 64  ? 9.601   0.945   -5.583  1.00 16.07  ? 52  LEU A CB  1 
ATOM   425  C  CG  . LEU A 1 64  ? 9.841   2.306   -4.921  1.00 19.87  ? 52  LEU A CG  1 
ATOM   426  C  CD1 . LEU A 1 64  ? 8.636   2.698   -4.070  1.00 21.01  ? 52  LEU A CD1 1 
ATOM   427  C  CD2 . LEU A 1 64  ? 11.106  2.238   -4.050  1.00 18.68  ? 52  LEU A CD2 1 
ATOM   428  N  N   . VAL A 1 65  ? 10.723  -1.957  -6.949  1.00 15.31  ? 53  VAL A N   1 
ATOM   429  C  CA  . VAL A 1 65  ? 10.164  -3.185  -7.500  1.00 17.06  ? 53  VAL A CA  1 
ATOM   430  C  C   . VAL A 1 65  ? 9.278   -3.784  -6.396  1.00 20.24  ? 53  VAL A C   1 
ATOM   431  O  O   . VAL A 1 65  ? 9.754   -4.124  -5.310  1.00 18.90  ? 53  VAL A O   1 
ATOM   432  C  CB  . VAL A 1 65  ? 11.247  -4.188  -7.901  1.00 17.54  ? 53  VAL A CB  1 
ATOM   433  C  CG1 . VAL A 1 65  ? 10.571  -5.473  -8.391  1.00 22.98  ? 53  VAL A CG1 1 
ATOM   434  C  CG2 . VAL A 1 65  ? 12.124  -3.576  -9.003  1.00 23.06  ? 53  VAL A CG2 1 
ATOM   435  N  N   . LEU A 1 66  ? 7.987   -3.914  -6.673  1.00 17.34  ? 54  LEU A N   1 
ATOM   436  C  CA  . LEU A 1 66  ? 7.070   -4.429  -5.665  1.00 15.33  ? 54  LEU A CA  1 
ATOM   437  C  C   . LEU A 1 66  ? 6.681   -5.876  -5.900  1.00 20.56  ? 54  LEU A C   1 
ATOM   438  O  O   . LEU A 1 66  ? 6.200   -6.230  -6.977  1.00 21.33  ? 54  LEU A O   1 
ATOM   439  C  CB  . LEU A 1 66  ? 5.820   -3.546  -5.640  1.00 21.12  ? 54  LEU A CB  1 
ATOM   440  C  CG  . LEU A 1 66  ? 6.062   -2.037  -5.578  1.00 19.18  ? 54  LEU A CG  1 
ATOM   441  C  CD1 . LEU A 1 66  ? 4.708   -1.307  -5.780  1.00 19.31  ? 54  LEU A CD1 1 
ATOM   442  C  CD2 . LEU A 1 66  ? 6.705   -1.660  -4.244  1.00 20.44  ? 54  LEU A CD2 1 
ATOM   443  N  N   . LYS A 1 67  ? 6.900   -6.725  -4.902  1.00 16.35  ? 55  LYS A N   1 
ATOM   444  C  CA  . LYS A 1 67  ? 6.524   -8.130  -5.043  1.00 18.68  ? 55  LYS A CA  1 
ATOM   445  C  C   . LYS A 1 67  ? 5.286   -8.416  -4.200  1.00 18.66  ? 55  LYS A C   1 
ATOM   446  O  O   . LYS A 1 67  ? 5.285   -8.164  -2.986  1.00 18.39  ? 55  LYS A O   1 
ATOM   447  C  CB  . LYS A 1 67  ? 7.667   -9.039  -4.595  1.00 20.90  ? 55  LYS A CB  1 
ATOM   448  C  CG  . LYS A 1 67  ? 7.368   -10.505 -4.837  1.00 32.98  ? 55  LYS A CG  1 
ATOM   449  C  CD  . LYS A 1 67  ? 8.581   -11.390 -4.530  1.00 44.08  ? 55  LYS A CD  1 
ATOM   450  C  CE  . LYS A 1 67  ? 8.260   -12.871 -4.745  1.00 44.18  ? 55  LYS A CE  1 
ATOM   451  N  NZ  . LYS A 1 67  ? 9.403   -13.751 -4.344  1.00 48.31  ? 55  LYS A NZ  1 
ATOM   452  N  N   . PHE A 1 68  ? 4.243   -8.937  -4.847  1.00 17.77  ? 56  PHE A N   1 
ATOM   453  C  CA  . PHE A 1 68  ? 2.975   -9.238  -4.186  1.00 15.93  ? 56  PHE A CA  1 
ATOM   454  C  C   . PHE A 1 68  ? 2.509   -10.643 -4.499  1.00 21.10  ? 56  PHE A C   1 
ATOM   455  O  O   . PHE A 1 68  ? 3.101   -11.354 -5.296  1.00 20.54  ? 56  PHE A O   1 
ATOM   456  C  CB  . PHE A 1 68  ? 1.807   -8.387  -4.735  1.00 18.32  ? 56  PHE A CB  1 
ATOM   457  C  CG  . PHE A 1 68  ? 1.961   -6.905  -4.592  1.00 16.20  ? 56  PHE A CG  1 
ATOM   458  C  CD1 . PHE A 1 68  ? 2.483   -6.142  -5.636  1.00 16.67  ? 56  PHE A CD1 1 
ATOM   459  C  CD2 . PHE A 1 68  ? 1.454   -6.254  -3.470  1.00 18.73  ? 56  PHE A CD2 1 
ATOM   460  C  CE1 . PHE A 1 68  ? 2.486   -4.753  -5.557  1.00 18.38  ? 56  PHE A CE1 1 
ATOM   461  C  CE2 . PHE A 1 68  ? 1.457   -4.856  -3.386  1.00 16.85  ? 56  PHE A CE2 1 
ATOM   462  C  CZ  . PHE A 1 68  ? 1.973   -4.108  -4.435  1.00 19.48  ? 56  PHE A CZ  1 
ATOM   463  N  N   . HIS A 1 69  ? 1.416   -11.025 -3.855  1.00 21.68  ? 57  HIS A N   1 
ATOM   464  C  CA  . HIS A 1 69  ? 0.727   -12.247 -4.252  1.00 24.10  ? 57  HIS A CA  1 
ATOM   465  C  C   . HIS A 1 69  ? -0.759  -11.913 -4.117  1.00 27.44  ? 57  HIS A C   1 
ATOM   466  O  O   . HIS A 1 69  ? -1.143  -11.004 -3.370  1.00 18.86  ? 57  HIS A O   1 
ATOM   467  C  CB  . HIS A 1 69  ? 1.135   -13.507 -3.455  1.00 20.45  ? 57  HIS A CB  1 
ATOM   468  C  CG  . HIS A 1 69  ? 0.710   -13.516 -2.023  1.00 22.10  ? 57  HIS A CG  1 
ATOM   469  N  ND1 . HIS A 1 69  ? 1.581   -13.238 -0.995  1.00 25.48  ? 57  HIS A ND1 1 
ATOM   470  C  CD2 . HIS A 1 69  ? -0.472  -13.828 -1.444  1.00 22.08  ? 57  HIS A CD2 1 
ATOM   471  C  CE1 . HIS A 1 69  ? 0.959   -13.384 0.158   1.00 21.33  ? 57  HIS A CE1 1 
ATOM   472  N  NE2 . HIS A 1 69  ? -0.290  -13.745 -0.085  1.00 22.72  ? 57  HIS A NE2 1 
ATOM   473  N  N   . THR A 1 70  ? -1.585  -12.571 -4.917  1.00 23.84  ? 58  THR A N   1 
ATOM   474  C  CA  . THR A 1 70  ? -3.021  -12.372 -4.840  1.00 22.92  ? 58  THR A CA  1 
ATOM   475  C  C   . THR A 1 70  ? -3.539  -13.733 -4.408  1.00 27.15  ? 58  THR A C   1 
ATOM   476  O  O   . THR A 1 70  ? -2.814  -14.726 -4.480  1.00 26.86  ? 58  THR A O   1 
ATOM   477  C  CB  . THR A 1 70  ? -3.642  -12.032 -6.206  1.00 34.30  ? 58  THR A CB  1 
ATOM   478  O  OG1 . THR A 1 70  ? -3.205  -12.994 -7.179  1.00 33.01  ? 58  THR A OG1 1 
ATOM   479  C  CG2 . THR A 1 70  ? -3.239  -10.639 -6.650  1.00 40.53  ? 58  THR A CG2 1 
ATOM   480  N  N   . VAL A 1 71  ? -4.777  -13.771 -3.948  1.00 28.80  ? 59  VAL A N   1 
ATOM   481  C  CA  . VAL A 1 71  ? -5.384  -15.026 -3.524  1.00 34.57  ? 59  VAL A CA  1 
ATOM   482  C  C   . VAL A 1 71  ? -6.715  -15.209 -4.247  1.00 38.17  ? 59  VAL A C   1 
ATOM   483  O  O   . VAL A 1 71  ? -7.447  -14.247 -4.490  1.00 31.81  ? 59  VAL A O   1 
ATOM   484  C  CB  . VAL A 1 71  ? -5.662  -15.051 -2.013  1.00 30.78  ? 59  VAL A CB  1 
ATOM   485  C  CG1 . VAL A 1 71  ? -6.376  -16.348 -1.645  1.00 38.87  ? 59  VAL A CG1 1 
ATOM   486  C  CG2 . VAL A 1 71  ? -4.365  -14.947 -1.227  1.00 28.63  ? 59  VAL A CG2 1 
ATOM   487  N  N   . ARG A 1 72  ? -7.005  -16.450 -4.609  1.00 44.20  ? 60  ARG A N   1 
ATOM   488  C  CA  . ARG A 1 72  ? -8.250  -16.799 -5.276  1.00 54.43  ? 60  ARG A CA  1 
ATOM   489  C  C   . ARG A 1 72  ? -8.519  -18.272 -4.998  1.00 58.58  ? 60  ARG A C   1 
ATOM   490  O  O   . ARG A 1 72  ? -7.628  -19.120 -5.149  1.00 56.15  ? 60  ARG A O   1 
ATOM   491  C  CB  . ARG A 1 72  ? -8.164  -16.529 -6.784  1.00 59.47  ? 60  ARG A CB  1 
ATOM   492  C  CG  . ARG A 1 72  ? -6.879  -16.984 -7.470  1.00 68.72  ? 60  ARG A CG  1 
ATOM   493  C  CD  . ARG A 1 72  ? -6.736  -18.502 -7.520  1.00 77.39  ? 60  ARG A CD  1 
ATOM   494  N  NE  . ARG A 1 72  ? -7.927  -19.153 -8.065  1.00 83.04  ? 60  ARG A NE  1 
ATOM   495  C  CZ  . ARG A 1 72  ? -8.087  -20.472 -8.155  1.00 84.20  ? 60  ARG A CZ  1 
ATOM   496  N  NH1 . ARG A 1 72  ? -7.129  -21.289 -7.735  1.00 82.69  ? 60  ARG A NH1 1 
ATOM   497  N  NH2 . ARG A 1 72  ? -9.205  -20.974 -8.669  1.00 82.76  ? 60  ARG A NH2 1 
ATOM   498  N  N   . ASP A 1 73  ? -9.738  -18.577 -4.563  1.00 58.52  ? 61  ASP A N   1 
ATOM   499  C  CA  . ASP A 1 73  ? -10.080 -19.958 -4.256  1.00 61.87  ? 61  ASP A CA  1 
ATOM   500  C  C   . ASP A 1 73  ? -8.947  -20.533 -3.414  1.00 61.21  ? 61  ASP A C   1 
ATOM   501  O  O   . ASP A 1 73  ? -8.381  -21.580 -3.734  1.00 62.30  ? 61  ASP A O   1 
ATOM   502  C  CB  . ASP A 1 73  ? -10.238 -20.762 -5.551  1.00 66.55  ? 61  ASP A CB  1 
ATOM   503  C  CG  . ASP A 1 73  ? -11.454 -20.333 -6.366  1.00 68.77  ? 61  ASP A CG  1 
ATOM   504  O  OD1 . ASP A 1 73  ? -11.614 -19.117 -6.613  1.00 74.18  ? 61  ASP A OD1 1 
ATOM   505  O  OD2 . ASP A 1 73  ? -12.244 -21.216 -6.765  1.00 70.44  ? 61  ASP A OD2 1 
ATOM   506  N  N   . GLU A 1 74  ? -8.606  -19.814 -2.349  1.00 58.12  ? 62  GLU A N   1 
ATOM   507  C  CA  . GLU A 1 74  ? -7.548  -20.221 -1.436  1.00 57.21  ? 62  GLU A CA  1 
ATOM   508  C  C   . GLU A 1 74  ? -6.226  -20.577 -2.116  1.00 54.86  ? 62  GLU A C   1 
ATOM   509  O  O   . GLU A 1 74  ? -5.418  -21.323 -1.561  1.00 56.25  ? 62  GLU A O   1 
ATOM   510  C  CB  . GLU A 1 74  ? -8.032  -21.393 -0.575  1.00 62.57  ? 62  GLU A CB  1 
ATOM   511  C  CG  . GLU A 1 74  ? -9.154  -21.018 0.396   1.00 68.15  ? 62  GLU A CG  1 
ATOM   512  C  CD  . GLU A 1 74  ? -9.600  -22.183 1.272   1.00 73.55  ? 62  GLU A CD  1 
ATOM   513  O  OE1 . GLU A 1 74  ? -8.745  -22.756 1.985   1.00 75.44  ? 62  GLU A OE1 1 
ATOM   514  O  OE2 . GLU A 1 74  ? -10.806 -22.523 1.250   1.00 71.27  ? 62  GLU A OE2 1 
ATOM   515  N  N   . GLU A 1 75  ? -5.999  -20.039 -3.313  1.00 48.82  ? 63  GLU A N   1 
ATOM   516  C  CA  . GLU A 1 75  ? -4.760  -20.298 -4.035  1.00 46.24  ? 63  GLU A CA  1 
ATOM   517  C  C   . GLU A 1 75  ? -3.979  -19.004 -4.296  1.00 41.44  ? 63  GLU A C   1 
ATOM   518  O  O   . GLU A 1 75  ? -4.521  -18.037 -4.829  1.00 40.01  ? 63  GLU A O   1 
ATOM   519  C  CB  . GLU A 1 75  ? -5.054  -21.008 -5.361  1.00 53.96  ? 63  GLU A CB  1 
ATOM   520  C  CG  . GLU A 1 75  ? -3.810  -21.297 -6.190  1.00 60.75  ? 63  GLU A CG  1 
ATOM   521  C  CD  . GLU A 1 75  ? -4.103  -22.125 -7.432  1.00 71.11  ? 63  GLU A CD  1 
ATOM   522  O  OE1 . GLU A 1 75  ? -4.482  -23.310 -7.287  1.00 70.98  ? 63  GLU A OE1 1 
ATOM   523  O  OE2 . GLU A 1 75  ? -3.955  -21.587 -8.553  1.00 72.94  ? 63  GLU A OE2 1 
ATOM   524  N  N   . CYS A 1 76  ? -2.701  -19.005 -3.927  1.00 37.22  ? 64  CYS A N   1 
ATOM   525  C  CA  . CYS A 1 76  ? -1.831  -17.850 -4.103  1.00 34.83  ? 64  CYS A CA  1 
ATOM   526  C  C   . CYS A 1 76  ? -1.173  -17.755 -5.472  1.00 36.52  ? 64  CYS A C   1 
ATOM   527  O  O   . CYS A 1 76  ? -0.716  -18.751 -6.031  1.00 37.98  ? 64  CYS A O   1 
ATOM   528  C  CB  . CYS A 1 76  ? -0.736  -17.855 -3.029  1.00 37.23  ? 64  CYS A CB  1 
ATOM   529  S  SG  . CYS A 1 76  ? -1.258  -17.261 -1.384  1.00 42.92  ? 64  CYS A SG  1 
ATOM   530  N  N   . SER A 1 77  ? -1.117  -16.541 -6.003  1.00 30.62  ? 65  SER A N   1 
ATOM   531  C  CA  . SER A 1 77  ? -0.491  -16.281 -7.291  1.00 30.65  ? 65  SER A CA  1 
ATOM   532  C  C   . SER A 1 77  ? 0.478   -15.105 -7.117  1.00 33.28  ? 65  SER A C   1 
ATOM   533  O  O   . SER A 1 77  ? 0.117   -14.063 -6.547  1.00 30.60  ? 65  SER A O   1 
ATOM   534  C  CB  . SER A 1 77  ? -1.573  -15.951 -8.328  1.00 41.38  ? 65  SER A CB  1 
ATOM   535  O  OG  . SER A 1 77  ? -1.002  -15.632 -9.581  1.00 50.45  ? 65  SER A OG  1 
ATOM   536  N  N   . GLU A 1 78  ? 1.709   -15.266 -7.598  1.00 28.77  ? 66  GLU A N   1 
ATOM   537  C  CA  . GLU A 1 78  ? 2.698   -14.209 -7.465  1.00 28.70  ? 66  GLU A CA  1 
ATOM   538  C  C   . GLU A 1 78  ? 2.508   -13.117 -8.502  1.00 30.88  ? 66  GLU A C   1 
ATOM   539  O  O   . GLU A 1 78  ? 2.105   -13.384 -9.635  1.00 29.64  ? 66  GLU A O   1 
ATOM   540  C  CB  . GLU A 1 78  ? 4.107   -14.790 -7.555  1.00 32.81  ? 66  GLU A CB  1 
ATOM   541  C  CG  . GLU A 1 78  ? 4.416   -15.765 -6.424  1.00 38.66  ? 66  GLU A CG  1 
ATOM   542  C  CD  . GLU A 1 78  ? 4.232   -15.131 -5.050  1.00 48.30  ? 66  GLU A CD  1 
ATOM   543  O  OE1 . GLU A 1 78  ? 3.547   -15.737 -4.195  1.00 51.62  ? 66  GLU A OE1 1 
ATOM   544  O  OE2 . GLU A 1 78  ? 4.779   -14.030 -4.824  1.00 43.81  ? 66  GLU A OE2 1 
ATOM   545  N  N   . LEU A 1 79  ? 2.814   -11.885 -8.113  1.00 24.00  ? 67  LEU A N   1 
ATOM   546  C  CA  . LEU A 1 79  ? 2.670   -10.741 -9.005  1.00 23.03  ? 67  LEU A CA  1 
ATOM   547  C  C   . LEU A 1 79  ? 3.782   -9.737  -8.671  1.00 26.09  ? 67  LEU A C   1 
ATOM   548  O  O   . LEU A 1 79  ? 3.993   -9.399  -7.503  1.00 28.63  ? 67  LEU A O   1 
ATOM   549  C  CB  . LEU A 1 79  ? 1.284   -10.124 -8.775  1.00 33.26  ? 67  LEU A CB  1 
ATOM   550  C  CG  . LEU A 1 79  ? 0.761   -8.906  -9.535  1.00 43.53  ? 67  LEU A CG  1 
ATOM   551  C  CD1 . LEU A 1 79  ? -0.661  -8.625  -9.084  1.00 47.20  ? 67  LEU A CD1 1 
ATOM   552  C  CD2 . LEU A 1 79  ? 1.627   -7.700  -9.267  1.00 51.93  ? 67  LEU A CD2 1 
ATOM   553  N  N   . SER A 1 80  ? 4.494   -9.260  -9.686  1.00 19.64  ? 68  SER A N   1 
ATOM   554  C  CA  . SER A 1 80  ? 5.569   -8.289  -9.482  1.00 22.97  ? 68  SER A CA  1 
ATOM   555  C  C   . SER A 1 80  ? 5.251   -7.040  -10.305 1.00 28.43  ? 68  SER A C   1 
ATOM   556  O  O   . SER A 1 80  ? 4.680   -7.137  -11.387 1.00 28.03  ? 68  SER A O   1 
ATOM   557  C  CB  . SER A 1 80  ? 6.911   -8.921  -9.889  1.00 28.05  ? 68  SER A CB  1 
ATOM   558  O  OG  . SER A 1 80  ? 7.976   -7.997  -9.829  1.00 33.27  ? 68  SER A OG  1 
ATOM   559  N  N   . MET A 1 81  ? 5.618   -5.870  -9.789  1.00 24.73  ? 69  MET A N   1 
ATOM   560  C  CA  . MET A 1 81  ? 5.328   -4.598  -10.449 1.00 24.89  ? 69  MET A CA  1 
ATOM   561  C  C   . MET A 1 81  ? 6.471   -3.651  -10.276 1.00 18.70  ? 69  MET A C   1 
ATOM   562  O  O   . MET A 1 81  ? 7.104   -3.646  -9.224  1.00 23.64  ? 69  MET A O   1 
ATOM   563  C  CB  . MET A 1 81  ? 4.167   -3.900  -9.746  1.00 30.70  ? 69  MET A CB  1 
ATOM   564  C  CG  . MET A 1 81  ? 2.847   -3.976  -10.346 1.00 42.63  ? 69  MET A CG  1 
ATOM   565  S  SD  . MET A 1 81  ? 1.811   -3.197  -9.095  1.00 26.73  ? 69  MET A SD  1 
ATOM   566  C  CE  . MET A 1 81  ? 0.727   -4.569  -8.813  1.00 24.51  ? 69  MET A CE  1 
ATOM   567  N  N   . VAL A 1 82  ? 6.702   -2.798  -11.272 1.00 18.38  ? 70  VAL A N   1 
ATOM   568  C  CA  . VAL A 1 82  ? 7.746   -1.796  -11.133 1.00 17.27  ? 70  VAL A CA  1 
ATOM   569  C  C   . VAL A 1 82  ? 7.114   -0.406  -11.051 1.00 22.03  ? 70  VAL A C   1 
ATOM   570  O  O   . VAL A 1 82  ? 6.404   0.011   -11.966 1.00 22.54  ? 70  VAL A O   1 
ATOM   571  C  CB  . VAL A 1 82  ? 8.709   -1.771  -12.324 1.00 24.73  ? 70  VAL A CB  1 
ATOM   572  C  CG1 . VAL A 1 82  ? 9.784   -0.717  -12.070 1.00 24.38  ? 70  VAL A CG1 1 
ATOM   573  C  CG2 . VAL A 1 82  ? 9.321   -3.129  -12.524 1.00 26.40  ? 70  VAL A CG2 1 
ATOM   574  N  N   . ALA A 1 83  ? 7.379   0.320   -9.965  1.00 16.24  ? 71  ALA A N   1 
ATOM   575  C  CA  . ALA A 1 83  ? 6.832   1.655   -9.800  1.00 17.90  ? 71  ALA A CA  1 
ATOM   576  C  C   . ALA A 1 83  ? 7.929   2.646   -10.091 1.00 17.15  ? 71  ALA A C   1 
ATOM   577  O  O   . ALA A 1 83  ? 9.013   2.604   -9.488  1.00 19.60  ? 71  ALA A O   1 
ATOM   578  C  CB  . ALA A 1 83  ? 6.299   1.853   -8.349  1.00 19.16  ? 71  ALA A CB  1 
ATOM   579  N  N   . ASP A 1 84  ? 7.659   3.549   -11.024 1.00 20.00  ? 72  ASP A N   1 
ATOM   580  C  CA  . ASP A 1 84  ? 8.643   4.537   -11.402 1.00 20.79  ? 72  ASP A CA  1 
ATOM   581  C  C   . ASP A 1 84  ? 8.460   5.862   -10.695 1.00 21.87  ? 72  ASP A C   1 
ATOM   582  O  O   . ASP A 1 84  ? 7.343   6.301   -10.450 1.00 21.13  ? 72  ASP A O   1 
ATOM   583  C  CB  . ASP A 1 84  ? 8.583   4.770   -12.920 1.00 21.99  ? 72  ASP A CB  1 
ATOM   584  C  CG  . ASP A 1 84  ? 8.982   3.539   -13.701 1.00 30.86  ? 72  ASP A CG  1 
ATOM   585  O  OD1 . ASP A 1 84  ? 10.076  3.006   -13.425 1.00 30.55  ? 72  ASP A OD1 1 
ATOM   586  O  OD2 . ASP A 1 84  ? 8.216   3.094   -14.571 1.00 39.88  ? 72  ASP A OD2 1 
ATOM   587  N  N   . LYS A 1 85  ? 9.572   6.511   -10.377 1.00 22.30  ? 73  LYS A N   1 
ATOM   588  C  CA  . LYS A 1 85  ? 9.512   7.829   -9.761  1.00 27.43  ? 73  LYS A CA  1 
ATOM   589  C  C   . LYS A 1 85  ? 8.857   8.781   -10.774 1.00 25.59  ? 73  LYS A C   1 
ATOM   590  O  O   . LYS A 1 85  ? 9.077   8.647   -11.975 1.00 26.50  ? 73  LYS A O   1 
ATOM   591  C  CB  . LYS A 1 85  ? 10.932  8.318   -9.463  1.00 33.91  ? 73  LYS A CB  1 
ATOM   592  C  CG  . LYS A 1 85  ? 11.246  8.513   -7.998  1.00 44.87  ? 73  LYS A CG  1 
ATOM   593  C  CD  . LYS A 1 85  ? 12.643  9.090   -7.810  1.00 46.01  ? 73  LYS A CD  1 
ATOM   594  C  CE  . LYS A 1 85  ? 13.704  8.057   -8.101  1.00 53.32  ? 73  LYS A CE  1 
ATOM   595  N  NZ  . LYS A 1 85  ? 13.585  6.884   -7.186  1.00 60.87  ? 73  LYS A NZ  1 
ATOM   596  N  N   . THR A 1 86  ? 8.030   9.714   -10.319 1.00 26.33  ? 74  THR A N   1 
ATOM   597  C  CA  . THR A 1 86  ? 7.425   10.667  -11.248 1.00 26.28  ? 74  THR A CA  1 
ATOM   598  C  C   . THR A 1 86  ? 8.161   11.986  -11.015 1.00 29.61  ? 74  THR A C   1 
ATOM   599  O  O   . THR A 1 86  ? 9.177   12.020  -10.310 1.00 25.10  ? 74  THR A O   1 
ATOM   600  C  CB  . THR A 1 86  ? 5.916   10.899  -10.985 1.00 27.01  ? 74  THR A CB  1 
ATOM   601  O  OG1 . THR A 1 86  ? 5.755   11.651  -9.778  1.00 27.85  ? 74  THR A OG1 1 
ATOM   602  C  CG2 . THR A 1 86  ? 5.154   9.573   -10.901 1.00 27.03  ? 74  THR A CG2 1 
ATOM   603  N  N   . GLU A 1 87  ? 7.641   13.075  -11.580 1.00 30.71  ? 75  GLU A N   1 
ATOM   604  C  CA  . GLU A 1 87  ? 8.271   14.379  -11.413 1.00 33.11  ? 75  GLU A CA  1 
ATOM   605  C  C   . GLU A 1 87  ? 7.979   14.984  -10.043 1.00 37.88  ? 75  GLU A C   1 
ATOM   606  O  O   . GLU A 1 87  ? 8.625   15.957  -9.640  1.00 34.58  ? 75  GLU A O   1 
ATOM   607  C  CB  . GLU A 1 87  ? 7.822   15.314  -12.535 1.00 37.51  ? 75  GLU A CB  1 
ATOM   608  C  CG  . GLU A 1 87  ? 8.118   14.737  -13.915 1.00 51.35  ? 75  GLU A CG  1 
ATOM   609  C  CD  . GLU A 1 87  ? 7.772   15.686  -15.052 1.00 63.06  ? 75  GLU A CD  1 
ATOM   610  O  OE1 . GLU A 1 87  ? 7.805   15.243  -16.222 1.00 67.57  ? 75  GLU A OE1 1 
ATOM   611  O  OE2 . GLU A 1 87  ? 7.477   16.872  -14.781 1.00 71.49  ? 75  GLU A OE2 1 
ATOM   612  N  N   . LYS A 1 88  ? 7.013   14.405  -9.326  1.00 32.70  ? 76  LYS A N   1 
ATOM   613  C  CA  . LYS A 1 88  ? 6.661   14.874  -7.981  1.00 32.79  ? 76  LYS A CA  1 
ATOM   614  C  C   . LYS A 1 88  ? 7.576   14.054  -7.028  1.00 32.31  ? 76  LYS A C   1 
ATOM   615  O  O   . LYS A 1 88  ? 7.555   12.833  -7.055  1.00 29.37  ? 76  LYS A O   1 
ATOM   616  C  CB  . LYS A 1 88  ? 5.153   14.599  -7.670  1.00 38.55  ? 76  LYS A CB  1 
ATOM   617  C  CG  . LYS A 1 88  ? 4.060   15.178  -8.667  1.00 47.10  ? 76  LYS A CG  1 
ATOM   618  C  CD  . LYS A 1 88  ? 2.548   14.945  -8.212  1.00 42.56  ? 76  LYS A CD  1 
ATOM   619  C  CE  . LYS A 1 88  ? 1.465   15.492  -9.232  1.00 41.25  ? 76  LYS A CE  1 
ATOM   620  N  NZ  . LYS A 1 88  ? -0.073  15.394  -8.910  1.00 12.24  ? 76  LYS A NZ  1 
ATOM   621  N  N   . ALA A 1 89  ? 8.408   14.703  -6.212  1.00 35.15  ? 77  ALA A N   1 
ATOM   622  C  CA  . ALA A 1 89  ? 9.280   13.943  -5.303  1.00 34.83  ? 77  ALA A CA  1 
ATOM   623  C  C   . ALA A 1 89  ? 8.431   13.111  -4.322  1.00 26.55  ? 77  ALA A C   1 
ATOM   624  O  O   . ALA A 1 89  ? 7.433   13.585  -3.802  1.00 28.08  ? 77  ALA A O   1 
ATOM   625  C  CB  . ALA A 1 89  ? 10.199  14.891  -4.530  1.00 39.43  ? 77  ALA A CB  1 
ATOM   626  N  N   . GLY A 1 90  ? 8.842   11.878  -4.064  1.00 27.68  ? 78  GLY A N   1 
ATOM   627  C  CA  . GLY A 1 90  ? 8.062   11.045  -3.167  1.00 23.39  ? 78  GLY A CA  1 
ATOM   628  C  C   . GLY A 1 90  ? 6.863   10.391  -3.839  1.00 21.61  ? 78  GLY A C   1 
ATOM   629  O  O   . GLY A 1 90  ? 6.148   9.655   -3.185  1.00 18.14  ? 78  GLY A O   1 
ATOM   630  N  N   . GLU A 1 91  ? 6.620   10.656  -5.128  1.00 19.77  ? 79  GLU A N   1 
ATOM   631  C  CA  . GLU A 1 91  ? 5.489   10.026  -5.813  1.00 15.42  ? 79  GLU A CA  1 
ATOM   632  C  C   . GLU A 1 91  ? 6.001   9.024   -6.850  1.00 21.23  ? 79  GLU A C   1 
ATOM   633  O  O   . GLU A 1 91  ? 7.006   9.268   -7.515  1.00 22.27  ? 79  GLU A O   1 
ATOM   634  C  CB  . GLU A 1 91  ? 4.598   11.084  -6.501  1.00 17.20  ? 79  GLU A CB  1 
ATOM   635  C  CG  . GLU A 1 91  ? 3.348   10.489  -7.154  1.00 21.22  ? 79  GLU A CG  1 
ATOM   636  C  CD  . GLU A 1 91  ? 2.508   11.523  -7.898  1.00 37.84  ? 79  GLU A CD  1 
ATOM   637  O  OE1 . GLU A 1 91  ? 1.456   11.939  -7.373  1.00 34.92  ? 79  GLU A OE1 1 
ATOM   638  O  OE2 . GLU A 1 91  ? 2.911   11.924  -9.011  1.00 32.88  ? 79  GLU A OE2 1 
ATOM   639  N  N   . TYR A 1 92  ? 5.302   7.899   -6.977  1.00 14.29  ? 80  TYR A N   1 
ATOM   640  C  CA  . TYR A 1 92  ? 5.654   6.851   -7.926  1.00 10.95  ? 80  TYR A CA  1 
ATOM   641  C  C   . TYR A 1 92  ? 4.433   6.519   -8.769  1.00 16.52  ? 80  TYR A C   1 
ATOM   642  O  O   . TYR A 1 92  ? 3.307   6.717   -8.339  1.00 17.62  ? 80  TYR A O   1 
ATOM   643  C  CB  . TYR A 1 92  ? 6.085   5.581   -7.174  1.00 14.18  ? 80  TYR A CB  1 
ATOM   644  C  CG  . TYR A 1 92  ? 7.376   5.736   -6.444  1.00 16.98  ? 80  TYR A CG  1 
ATOM   645  C  CD1 . TYR A 1 92  ? 7.418   6.327   -5.194  1.00 22.65  ? 80  TYR A CD1 1 
ATOM   646  C  CD2 . TYR A 1 92  ? 8.584   5.336   -7.039  1.00 21.07  ? 80  TYR A CD2 1 
ATOM   647  C  CE1 . TYR A 1 92  ? 8.654   6.526   -4.539  1.00 19.40  ? 80  TYR A CE1 1 
ATOM   648  C  CE2 . TYR A 1 92  ? 9.806   5.529   -6.397  1.00 24.49  ? 80  TYR A CE2 1 
ATOM   649  C  CZ  . TYR A 1 92  ? 9.825   6.127   -5.144  1.00 23.76  ? 80  TYR A CZ  1 
ATOM   650  O  OH  . TYR A 1 92  ? 11.026  6.315   -4.475  1.00 29.34  ? 80  TYR A OH  1 
ATOM   651  N  N   . SER A 1 93  ? 4.658   5.992   -9.962  1.00 17.58  ? 81  SER A N   1 
ATOM   652  C  CA  . SER A 1 93  ? 3.533   5.618   -10.805 1.00 15.77  ? 81  SER A CA  1 
ATOM   653  C  C   . SER A 1 93  ? 3.712   4.163   -11.258 1.00 20.94  ? 81  SER A C   1 
ATOM   654  O  O   . SER A 1 93  ? 4.831   3.632   -11.329 1.00 17.60  ? 81  SER A O   1 
ATOM   655  C  CB  . SER A 1 93  ? 3.430   6.571   -12.022 1.00 13.95  ? 81  SER A CB  1 
ATOM   656  O  OG  . SER A 1 93  ? 4.547   6.389   -12.876 1.00 20.22  ? 81  SER A OG  1 
ATOM   657  N  N   . VAL A 1 94  ? 2.602   3.497   -11.546 1.00 14.32  ? 82  VAL A N   1 
ATOM   658  C  CA  . VAL A 1 94  ? 2.682   2.131   -11.989 1.00 17.75  ? 82  VAL A CA  1 
ATOM   659  C  C   . VAL A 1 94  ? 1.412   1.752   -12.714 1.00 19.74  ? 82  VAL A C   1 
ATOM   660  O  O   . VAL A 1 94  ? 0.308   2.151   -12.314 1.00 19.18  ? 82  VAL A O   1 
ATOM   661  C  CB  . VAL A 1 94  ? 2.948   1.162   -10.800 1.00 21.22  ? 82  VAL A CB  1 
ATOM   662  C  CG1 . VAL A 1 94  ? 1.828   1.262   -9.783  1.00 22.70  ? 82  VAL A CG1 1 
ATOM   663  C  CG2 . VAL A 1 94  ? 3.082   -0.271  -11.310 1.00 18.49  ? 82  VAL A CG2 1 
ATOM   664  N  N   . THR A 1 95  ? 1.574   1.049   -13.828 1.00 17.27  ? 83  THR A N   1 
ATOM   665  C  CA  . THR A 1 95  ? 0.405   0.598   -14.580 1.00 18.17  ? 83  THR A CA  1 
ATOM   666  C  C   . THR A 1 95  ? -0.043  -0.748  -14.023 1.00 21.55  ? 83  THR A C   1 
ATOM   667  O  O   . THR A 1 95  ? 0.744   -1.697  -13.945 1.00 20.10  ? 83  THR A O   1 
ATOM   668  C  CB  . THR A 1 95  ? 0.732   0.477   -16.083 1.00 23.00  ? 83  THR A CB  1 
ATOM   669  O  OG1 . THR A 1 95  ? 0.955   1.790   -16.615 1.00 24.29  ? 83  THR A OG1 1 
ATOM   670  C  CG2 . THR A 1 95  ? -0.429  -0.178  -16.842 1.00 23.84  ? 83  THR A CG2 1 
ATOM   671  N  N   . TYR A 1 96  ? -1.301  -0.815  -13.593 1.00 17.90  ? 84  TYR A N   1 
ATOM   672  C  CA  . TYR A 1 96  ? -1.884  -2.035  -13.040 1.00 15.03  ? 84  TYR A CA  1 
ATOM   673  C  C   . TYR A 1 96  ? -3.384  -1.773  -12.936 1.00 17.40  ? 84  TYR A C   1 
ATOM   674  O  O   . TYR A 1 96  ? -3.804  -0.904  -12.157 1.00 19.14  ? 84  TYR A O   1 
ATOM   675  C  CB  . TYR A 1 96  ? -1.340  -2.344  -11.639 1.00 16.29  ? 84  TYR A CB  1 
ATOM   676  C  CG  . TYR A 1 96  ? -2.021  -3.554  -11.019 1.00 16.46  ? 84  TYR A CG  1 
ATOM   677  C  CD1 . TYR A 1 96  ? -1.723  -4.850  -11.453 1.00 18.58  ? 84  TYR A CD1 1 
ATOM   678  C  CD2 . TYR A 1 96  ? -3.037  -3.392  -10.060 1.00 19.03  ? 84  TYR A CD2 1 
ATOM   679  C  CE1 . TYR A 1 96  ? -2.436  -5.968  -10.945 1.00 20.38  ? 84  TYR A CE1 1 
ATOM   680  C  CE2 . TYR A 1 96  ? -3.740  -4.476  -9.552  1.00 17.29  ? 84  TYR A CE2 1 
ATOM   681  C  CZ  . TYR A 1 96  ? -3.441  -5.767  -9.996  1.00 18.43  ? 84  TYR A CZ  1 
ATOM   682  O  OH  . TYR A 1 96  ? -4.143  -6.829  -9.466  1.00 18.71  ? 84  TYR A OH  1 
ATOM   683  N  N   . ASP A 1 97  ? -4.171  -2.533  -13.702 1.00 17.84  ? 85  ASP A N   1 
ATOM   684  C  CA  . ASP A 1 97  ? -5.626  -2.363  -13.766 1.00 15.54  ? 85  ASP A CA  1 
ATOM   685  C  C   . ASP A 1 97  ? -5.943  -0.851  -13.829 1.00 15.95  ? 85  ASP A C   1 
ATOM   686  O  O   . ASP A 1 97  ? -6.776  -0.305  -13.088 1.00 16.91  ? 85  ASP A O   1 
ATOM   687  C  CB  . ASP A 1 97  ? -6.295  -3.036  -12.556 1.00 20.60  ? 85  ASP A CB  1 
ATOM   688  C  CG  . ASP A 1 97  ? -7.797  -3.170  -12.731 1.00 24.72  ? 85  ASP A CG  1 
ATOM   689  O  OD1 . ASP A 1 97  ? -8.242  -3.274  -13.891 1.00 23.80  ? 85  ASP A OD1 1 
ATOM   690  O  OD2 . ASP A 1 97  ? -8.524  -3.177  -11.715 1.00 27.30  ? 85  ASP A OD2 1 
ATOM   691  N  N   . GLY A 1 98  ? -5.274  -0.198  -14.767 1.00 14.81  ? 86  GLY A N   1 
ATOM   692  C  CA  . GLY A 1 98  ? -5.411  1.237   -14.939 1.00 17.76  ? 86  GLY A CA  1 
ATOM   693  C  C   . GLY A 1 98  ? -4.078  1.904   -14.589 1.00 18.45  ? 86  GLY A C   1 
ATOM   694  O  O   . GLY A 1 98  ? -3.043  1.236   -14.445 1.00 18.40  ? 86  GLY A O   1 
ATOM   695  N  N   . PHE A 1 99  ? -4.111  3.226   -14.448 1.00 14.19  ? 87  PHE A N   1 
ATOM   696  C  CA  . PHE A 1 99  ? -2.920  4.026   -14.156 1.00 12.37  ? 87  PHE A CA  1 
ATOM   697  C  C   . PHE A 1 99  ? -2.961  4.438   -12.699 1.00 16.08  ? 87  PHE A C   1 
ATOM   698  O  O   . PHE A 1 99  ? -3.935  5.040   -12.251 1.00 15.56  ? 87  PHE A O   1 
ATOM   699  C  CB  . PHE A 1 99  ? -2.922  5.278   -15.030 1.00 13.52  ? 87  PHE A CB  1 
ATOM   700  C  CG  . PHE A 1 99  ? -1.823  6.250   -14.709 1.00 13.37  ? 87  PHE A CG  1 
ATOM   701  C  CD1 . PHE A 1 99  ? -0.491  5.909   -14.920 1.00 18.82  ? 87  PHE A CD1 1 
ATOM   702  C  CD2 . PHE A 1 99  ? -2.123  7.494   -14.162 1.00 18.13  ? 87  PHE A CD2 1 
ATOM   703  C  CE1 . PHE A 1 99  ? 0.531   6.799   -14.583 1.00 21.24  ? 87  PHE A CE1 1 
ATOM   704  C  CE2 . PHE A 1 99  ? -1.112  8.392   -13.819 1.00 21.11  ? 87  PHE A CE2 1 
ATOM   705  C  CZ  . PHE A 1 99  ? 0.215   8.039   -14.032 1.00 22.67  ? 87  PHE A CZ  1 
ATOM   706  N  N   . ASN A 1 100 ? -1.878  4.134   -11.988 1.00 14.29  ? 88  ASN A N   1 
ATOM   707  C  CA  . ASN A 1 100 ? -1.778  4.456   -10.562 1.00 15.20  ? 88  ASN A CA  1 
ATOM   708  C  C   . ASN A 1 100 ? -0.639  5.375   -10.188 1.00 16.61  ? 88  ASN A C   1 
ATOM   709  O  O   . ASN A 1 100 ? 0.449   5.298   -10.769 1.00 16.53  ? 88  ASN A O   1 
ATOM   710  C  CB  . ASN A 1 100 ? -1.562  3.159   -9.763  1.00 14.63  ? 88  ASN A CB  1 
ATOM   711  C  CG  . ASN A 1 100 ? -2.571  2.078   -10.108 1.00 19.09  ? 88  ASN A CG  1 
ATOM   712  O  OD1 . ASN A 1 100 ? -3.690  2.094   -9.625  1.00 14.53  ? 88  ASN A OD1 1 
ATOM   713  N  ND2 . ASN A 1 100 ? -2.178  1.147   -10.961 1.00 15.00  ? 88  ASN A ND2 1 
ATOM   714  N  N   . THR A 1 101 ? -0.883  6.245   -9.207  1.00 14.20  ? 89  THR A N   1 
ATOM   715  C  CA  . THR A 1 101 ? 0.218   7.048   -8.653  1.00 12.31  ? 89  THR A CA  1 
ATOM   716  C  C   . THR A 1 101 ? 0.073   6.857   -7.150  1.00 15.39  ? 89  THR A C   1 
ATOM   717  O  O   . THR A 1 101 ? -1.042  6.666   -6.643  1.00 16.09  ? 89  THR A O   1 
ATOM   718  C  CB  . THR A 1 101 ? 0.122   8.538   -8.954  1.00 18.10  ? 89  THR A CB  1 
ATOM   719  O  OG1 . THR A 1 101 ? -1.091  9.059   -8.411  1.00 22.02  ? 89  THR A OG1 1 
ATOM   720  C  CG2 . THR A 1 101 ? 0.179   8.762   -10.466 1.00 21.63  ? 89  THR A CG2 1 
ATOM   721  N  N   . PHE A 1 102 ? 1.181   6.858   -6.422  1.00 13.50  ? 90  PHE A N   1 
ATOM   722  C  CA  . PHE A 1 102 ? 1.060   6.728   -4.982  1.00 13.26  ? 90  PHE A CA  1 
ATOM   723  C  C   . PHE A 1 102 ? 2.224   7.427   -4.267  1.00 13.71  ? 90  PHE A C   1 
ATOM   724  O  O   . PHE A 1 102 ? 3.274   7.708   -4.884  1.00 14.18  ? 90  PHE A O   1 
ATOM   725  C  CB  . PHE A 1 102 ? 0.983   5.236   -4.544  1.00 11.33  ? 90  PHE A CB  1 
ATOM   726  C  CG  . PHE A 1 102 ? 2.260   4.438   -4.782  1.00 12.34  ? 90  PHE A CG  1 
ATOM   727  C  CD1 . PHE A 1 102 ? 2.404   3.671   -5.935  1.00 15.59  ? 90  PHE A CD1 1 
ATOM   728  C  CD2 . PHE A 1 102 ? 3.291   4.440   -3.839  1.00 13.94  ? 90  PHE A CD2 1 
ATOM   729  C  CE1 . PHE A 1 102 ? 3.558   2.905   -6.152  1.00 17.45  ? 90  PHE A CE1 1 
ATOM   730  C  CE2 . PHE A 1 102 ? 4.465   3.672   -4.047  1.00 15.95  ? 90  PHE A CE2 1 
ATOM   731  C  CZ  . PHE A 1 102 ? 4.586   2.899   -5.217  1.00 15.25  ? 90  PHE A CZ  1 
ATOM   732  N  N   . THR A 1 103 ? 2.005   7.729   -2.986  1.00 13.19  ? 91  THR A N   1 
ATOM   733  C  CA  . THR A 1 103 ? 3.019   8.309   -2.126  1.00 13.49  ? 91  THR A CA  1 
ATOM   734  C  C   . THR A 1 103 ? 2.949   7.509   -0.810  1.00 13.89  ? 91  THR A C   1 
ATOM   735  O  O   . THR A 1 103 ? 2.071   6.667   -0.633  1.00 12.26  ? 91  THR A O   1 
ATOM   736  C  CB  . THR A 1 103 ? 2.747   9.766   -1.780  1.00 13.81  ? 91  THR A CB  1 
ATOM   737  O  OG1 . THR A 1 103 ? 1.465   9.850   -1.157  1.00 14.68  ? 91  THR A OG1 1 
ATOM   738  C  CG2 . THR A 1 103 ? 2.767   10.659  -3.059  1.00 16.52  ? 91  THR A CG2 1 
ATOM   739  N  N   . ILE A 1 104 ? 3.879   7.782   0.090   1.00 13.37  ? 92  ILE A N   1 
ATOM   740  C  CA  . ILE A 1 104 ? 3.917   7.130   1.403   1.00 11.47  ? 92  ILE A CA  1 
ATOM   741  C  C   . ILE A 1 104 ? 3.773   8.290   2.386   1.00 11.95  ? 92  ILE A C   1 
ATOM   742  O  O   . ILE A 1 104 ? 4.764   8.907   2.804   1.00 14.74  ? 92  ILE A O   1 
ATOM   743  C  CB  . ILE A 1 104 ? 5.275   6.412   1.593   1.00 12.74  ? 92  ILE A CB  1 
ATOM   744  C  CG1 . ILE A 1 104 ? 5.400   5.301   0.529   1.00 14.57  ? 92  ILE A CG1 1 
ATOM   745  C  CG2 . ILE A 1 104 ? 5.382   5.806   2.996   1.00 12.81  ? 92  ILE A CG2 1 
ATOM   746  C  CD1 . ILE A 1 104 ? 6.781   4.629   0.519   1.00 20.69  ? 92  ILE A CD1 1 
ATOM   747  N  N   . PRO A 1 105 ? 2.537   8.607   2.764   1.00 12.19  ? 93  PRO A N   1 
ATOM   748  C  CA  . PRO A 1 105 ? 2.344   9.720   3.690   1.00 14.20  ? 93  PRO A CA  1 
ATOM   749  C  C   . PRO A 1 105 ? 2.980   9.534   5.072   1.00 14.88  ? 93  PRO A C   1 
ATOM   750  O  O   . PRO A 1 105 ? 3.278   10.510  5.751   1.00 14.95  ? 93  PRO A O   1 
ATOM   751  C  CB  . PRO A 1 105 ? 0.814   9.890   3.735   1.00 17.18  ? 93  PRO A CB  1 
ATOM   752  C  CG  . PRO A 1 105 ? 0.289   8.553   3.335   1.00 20.16  ? 93  PRO A CG  1 
ATOM   753  C  CD  . PRO A 1 105 ? 1.249   8.079   2.265   1.00 11.32  ? 93  PRO A CD  1 
ATOM   754  N  N   . LYS A 1 106 ? 3.164   8.286   5.507   1.00 12.52  ? 94  LYS A N   1 
ATOM   755  C  CA  . LYS A 1 106 ? 3.793   8.098   6.817   1.00 13.44  ? 94  LYS A CA  1 
ATOM   756  C  C   . LYS A 1 106 ? 4.434   6.724   6.950   1.00 16.49  ? 94  LYS A C   1 
ATOM   757  O  O   . LYS A 1 106 ? 3.823   5.714   6.606   1.00 14.80  ? 94  LYS A O   1 
ATOM   758  C  CB  . LYS A 1 106 ? 2.738   8.253   7.925   1.00 20.40  ? 94  LYS A CB  1 
ATOM   759  C  CG  . LYS A 1 106 ? 3.346   8.526   9.311   1.00 26.46  ? 94  LYS A CG  1 
ATOM   760  C  CD  . LYS A 1 106 ? 4.111   9.864   9.314   1.00 31.39  ? 94  LYS A CD  1 
ATOM   761  C  CE  . LYS A 1 106 ? 3.160   11.052  9.295   1.00 42.92  ? 94  LYS A CE  1 
ATOM   762  N  NZ  . LYS A 1 106 ? 3.893   12.351  9.316   1.00 50.46  ? 94  LYS A NZ  1 
ATOM   763  N  N   . THR A 1 107 ? 5.677   6.685   7.422   1.00 13.77  ? 95  THR A N   1 
ATOM   764  C  CA  . THR A 1 107 ? 6.326   5.405   7.690   1.00 13.74  ? 95  THR A CA  1 
ATOM   765  C  C   . THR A 1 107 ? 7.334   5.659   8.813   1.00 16.36  ? 95  THR A C   1 
ATOM   766  O  O   . THR A 1 107 ? 7.820   6.781   8.954   1.00 14.54  ? 95  THR A O   1 
ATOM   767  C  CB  . THR A 1 107 ? 7.102   4.820   6.458   1.00 12.59  ? 95  THR A CB  1 
ATOM   768  O  OG1 . THR A 1 107 ? 7.758   3.607   6.866   1.00 14.57  ? 95  THR A OG1 1 
ATOM   769  C  CG2 . THR A 1 107 ? 8.180   5.807   5.930   1.00 13.53  ? 95  THR A CG2 1 
ATOM   770  N  N   . ASP A 1 108 ? 7.620   4.643   9.623   1.00 14.55  ? 96  ASP A N   1 
ATOM   771  C  CA  . ASP A 1 108 ? 8.668   4.789   10.623  1.00 14.01  ? 96  ASP A CA  1 
ATOM   772  C  C   . ASP A 1 108 ? 9.823   3.835   10.218  1.00 17.80  ? 96  ASP A C   1 
ATOM   773  O  O   . ASP A 1 108 ? 10.776  3.593   10.990  1.00 17.35  ? 96  ASP A O   1 
ATOM   774  C  CB  . ASP A 1 108 ? 8.156   4.495   12.041  1.00 14.50  ? 96  ASP A CB  1 
ATOM   775  C  CG  . ASP A 1 108 ? 7.867   3.038   12.280  1.00 18.93  ? 96  ASP A CG  1 
ATOM   776  O  OD1 . ASP A 1 108 ? 7.730   2.270   11.314  1.00 13.84  ? 96  ASP A OD1 1 
ATOM   777  O  OD2 . ASP A 1 108 ? 7.770   2.670   13.458  1.00 17.84  ? 96  ASP A OD2 1 
ATOM   778  N  N   . TYR A 1 109 ? 9.708   3.301   9.000   1.00 14.19  ? 97  TYR A N   1 
ATOM   779  C  CA  . TYR A 1 109 ? 10.702  2.409   8.374   1.00 14.45  ? 97  TYR A CA  1 
ATOM   780  C  C   . TYR A 1 109 ? 10.860  1.026   9.016   1.00 15.48  ? 97  TYR A C   1 
ATOM   781  O  O   . TYR A 1 109 ? 10.966  0.049   8.286   1.00 15.86  ? 97  TYR A O   1 
ATOM   782  C  CB  . TYR A 1 109 ? 12.107  3.045   8.342   1.00 18.69  ? 97  TYR A CB  1 
ATOM   783  C  CG  . TYR A 1 109 ? 12.225  4.399   7.692   1.00 13.51  ? 97  TYR A CG  1 
ATOM   784  C  CD1 . TYR A 1 109 ? 11.941  4.573   6.337   1.00 17.09  ? 97  TYR A CD1 1 
ATOM   785  C  CD2 . TYR A 1 109 ? 12.639  5.507   8.434   1.00 17.18  ? 97  TYR A CD2 1 
ATOM   786  C  CE1 . TYR A 1 109 ? 12.057  5.828   5.726   1.00 20.14  ? 97  TYR A CE1 1 
ATOM   787  C  CE2 . TYR A 1 109 ? 12.775  6.778   7.828   1.00 21.35  ? 97  TYR A CE2 1 
ATOM   788  C  CZ  . TYR A 1 109 ? 12.480  6.915   6.472   1.00 19.81  ? 97  TYR A CZ  1 
ATOM   789  O  OH  . TYR A 1 109 ? 12.657  8.127   5.866   1.00 18.41  ? 97  TYR A OH  1 
ATOM   790  N  N   . ASP A 1 110 ? 10.887  0.970   10.350  1.00 13.75  ? 98  ASP A N   1 
ATOM   791  C  CA  . ASP A 1 110 ? 11.109  -0.257  11.127  1.00 14.46  ? 98  ASP A CA  1 
ATOM   792  C  C   . ASP A 1 110 ? 9.917   -1.065  11.528  1.00 14.66  ? 98  ASP A C   1 
ATOM   793  O  O   . ASP A 1 110 ? 10.061  -2.217  11.921  1.00 15.94  ? 98  ASP A O   1 
ATOM   794  C  CB  . ASP A 1 110 ? 11.831  0.028   12.437  1.00 19.79  ? 98  ASP A CB  1 
ATOM   795  C  CG  . ASP A 1 110 ? 13.147  0.662   12.245  1.00 24.63  ? 98  ASP A CG  1 
ATOM   796  O  OD1 . ASP A 1 110 ? 13.848  0.278   11.283  1.00 26.50  ? 98  ASP A OD1 1 
ATOM   797  O  OD2 . ASP A 1 110 ? 13.470  1.529   13.081  1.00 27.53  ? 98  ASP A OD2 1 
ATOM   798  N  N   . ASN A 1 111 ? 8.739   -0.459  11.484  1.00 15.09  ? 99  ASN A N   1 
ATOM   799  C  CA  . ASN A 1 111 ? 7.515   -1.161  11.838  1.00 13.51  ? 99  ASN A CA  1 
ATOM   800  C  C   . ASN A 1 111 ? 6.442   -1.075  10.777  1.00 11.61  ? 99  ASN A C   1 
ATOM   801  O  O   . ASN A 1 111 ? 5.929   -2.093  10.343  1.00 13.03  ? 99  ASN A O   1 
ATOM   802  C  CB  . ASN A 1 111 ? 6.865   -0.592  13.104  1.00 17.08  ? 99  ASN A CB  1 
ATOM   803  C  CG  . ASN A 1 111 ? 7.621   -0.930  14.357  1.00 22.11  ? 99  ASN A CG  1 
ATOM   804  O  OD1 . ASN A 1 111 ? 7.640   -2.076  14.819  1.00 19.58  ? 99  ASN A OD1 1 
ATOM   805  N  ND2 . ASN A 1 111 ? 8.250   0.065   14.916  1.00 17.48  ? 99  ASN A ND2 1 
ATOM   806  N  N   . PHE A 1 112 ? 6.089   0.148   10.380  1.00 12.37  ? 100 PHE A N   1 
ATOM   807  C  CA  . PHE A 1 112 ? 4.960   0.321   9.444   1.00 12.53  ? 100 PHE A CA  1 
ATOM   808  C  C   . PHE A 1 112 ? 5.216   1.261   8.300   1.00 14.75  ? 100 PHE A C   1 
ATOM   809  O  O   . PHE A 1 112 ? 6.126   2.094   8.337   1.00 12.31  ? 100 PHE A O   1 
ATOM   810  C  CB  . PHE A 1 112 ? 3.722   0.876   10.203  1.00 12.53  ? 100 PHE A CB  1 
ATOM   811  C  CG  . PHE A 1 112 ? 3.867   2.329   10.622  1.00 12.54  ? 100 PHE A CG  1 
ATOM   812  C  CD1 . PHE A 1 112 ? 3.513   3.369   9.748   1.00 12.10  ? 100 PHE A CD1 1 
ATOM   813  C  CD2 . PHE A 1 112 ? 4.380   2.662   11.872  1.00 18.61  ? 100 PHE A CD2 1 
ATOM   814  C  CE1 . PHE A 1 112 ? 3.667   4.713   10.120  1.00 14.09  ? 100 PHE A CE1 1 
ATOM   815  C  CE2 . PHE A 1 112 ? 4.541   4.008   12.260  1.00 17.64  ? 100 PHE A CE2 1 
ATOM   816  C  CZ  . PHE A 1 112 ? 4.182   5.033   11.380  1.00 13.18  ? 100 PHE A CZ  1 
ATOM   817  N  N   . LEU A 1 113 ? 4.394   1.096   7.271   1.00 8.90   ? 101 LEU A N   1 
ATOM   818  C  CA  . LEU A 1 113 ? 4.427   1.962   6.096   1.00 10.16  ? 101 LEU A CA  1 
ATOM   819  C  C   . LEU A 1 113 ? 2.968   2.161   5.665   1.00 15.84  ? 101 LEU A C   1 
ATOM   820  O  O   . LEU A 1 113 ? 2.211   1.195   5.522   1.00 12.03  ? 101 LEU A O   1 
ATOM   821  C  CB  . LEU A 1 113 ? 5.252   1.310   4.982   1.00 16.91  ? 101 LEU A CB  1 
ATOM   822  C  CG  . LEU A 1 113 ? 5.543   2.103   3.691   1.00 13.22  ? 101 LEU A CG  1 
ATOM   823  C  CD1 . LEU A 1 113 ? 6.757   1.459   3.031   1.00 13.98  ? 101 LEU A CD1 1 
ATOM   824  C  CD2 . LEU A 1 113 ? 4.328   2.053   2.745   1.00 13.05  ? 101 LEU A CD2 1 
ATOM   825  N  N   . MET A 1 114 ? 2.577   3.429   5.519   1.00 11.06  ? 102 MET A N   1 
ATOM   826  C  CA  . MET A 1 114 ? 1.214   3.771   5.114   1.00 10.69  ? 102 MET A CA  1 
ATOM   827  C  C   . MET A 1 114 ? 1.342   4.405   3.726   1.00 14.98  ? 102 MET A C   1 
ATOM   828  O  O   . MET A 1 114 ? 2.078   5.386   3.551   1.00 13.44  ? 102 MET A O   1 
ATOM   829  C  CB  . MET A 1 114 ? 0.622   4.779   6.092   1.00 14.15  ? 102 MET A CB  1 
ATOM   830  C  CG  . MET A 1 114 ? 0.515   4.249   7.523   1.00 13.10  ? 102 MET A CG  1 
ATOM   831  S  SD  . MET A 1 114 ? -0.413  5.413   8.548   1.00 14.47  ? 102 MET A SD  1 
ATOM   832  C  CE  . MET A 1 114 ? -0.168  4.657   10.189  1.00 12.64  ? 102 MET A CE  1 
ATOM   833  N  N   . ALA A 1 115 ? 0.625   3.829   2.757   1.00 8.74   ? 103 ALA A N   1 
ATOM   834  C  CA  . ALA A 1 115 ? 0.644   4.305   1.380   1.00 10.66  ? 103 ALA A CA  1 
ATOM   835  C  C   . ALA A 1 115 ? -0.715  4.831   0.998   1.00 12.69  ? 103 ALA A C   1 
ATOM   836  O  O   . ALA A 1 115 ? -1.747  4.355   1.484   1.00 14.50  ? 103 ALA A O   1 
ATOM   837  C  CB  . ALA A 1 115 ? 1.021   3.143   0.380   1.00 11.15  ? 103 ALA A CB  1 
ATOM   838  N  N   . HIS A 1 116 ? -0.701  5.828   0.115   1.00 11.46  ? 104 HIS A N   1 
ATOM   839  C  CA  . HIS A 1 116 ? -1.949  6.399   -0.399  1.00 12.97  ? 104 HIS A CA  1 
ATOM   840  C  C   . HIS A 1 116 ? -1.809  6.358   -1.924  1.00 12.18  ? 104 HIS A C   1 
ATOM   841  O  O   . HIS A 1 116 ? -0.826  6.843   -2.502  1.00 14.03  ? 104 HIS A O   1 
ATOM   842  C  CB  . HIS A 1 116 ? -2.174  7.828   0.096   1.00 12.79  ? 104 HIS A CB  1 
ATOM   843  C  CG  . HIS A 1 116 ? -3.365  8.489   -0.539  1.00 16.34  ? 104 HIS A CG  1 
ATOM   844  N  ND1 . HIS A 1 116 ? -3.255  9.334   -1.621  1.00 19.10  ? 104 HIS A ND1 1 
ATOM   845  C  CD2 . HIS A 1 116 ? -4.690  8.410   -0.258  1.00 16.85  ? 104 HIS A CD2 1 
ATOM   846  C  CE1 . HIS A 1 116 ? -4.459  9.758   -1.972  1.00 23.97  ? 104 HIS A CE1 1 
ATOM   847  N  NE2 . HIS A 1 116 ? -5.348  9.214   -1.160  1.00 13.09  ? 104 HIS A NE2 1 
ATOM   848  N  N   . LEU A 1 117 ? -2.783  5.731   -2.560  1.00 12.00  ? 105 LEU A N   1 
ATOM   849  C  CA  . LEU A 1 117 ? -2.744  5.539   -4.010  1.00 12.32  ? 105 LEU A CA  1 
ATOM   850  C  C   . LEU A 1 117 ? -3.998  6.032   -4.705  1.00 12.45  ? 105 LEU A C   1 
ATOM   851  O  O   . LEU A 1 117 ? -5.103  5.969   -4.161  1.00 12.78  ? 105 LEU A O   1 
ATOM   852  C  CB  . LEU A 1 117 ? -2.543  4.038   -4.308  1.00 12.35  ? 105 LEU A CB  1 
ATOM   853  C  CG  . LEU A 1 117 ? -2.535  3.545   -5.771  1.00 14.32  ? 105 LEU A CG  1 
ATOM   854  C  CD1 . LEU A 1 117 ? -1.703  2.278   -5.875  1.00 16.92  ? 105 LEU A CD1 1 
ATOM   855  C  CD2 . LEU A 1 117 ? -3.950  3.238   -6.274  1.00 12.68  ? 105 LEU A CD2 1 
ATOM   856  N  N   . ILE A 1 118 ? -3.806  6.563   -5.914  1.00 9.69   ? 106 ILE A N   1 
ATOM   857  C  CA  . ILE A 1 118 ? -4.930  7.013   -6.735  1.00 10.68  ? 106 ILE A CA  1 
ATOM   858  C  C   . ILE A 1 118 ? -4.908  6.148   -7.985  1.00 11.99  ? 106 ILE A C   1 
ATOM   859  O  O   . ILE A 1 118 ? -3.897  6.056   -8.668  1.00 11.94  ? 106 ILE A O   1 
ATOM   860  C  CB  . ILE A 1 118 ? -4.763  8.450   -7.190  1.00 13.37  ? 106 ILE A CB  1 
ATOM   861  C  CG1 . ILE A 1 118 ? -4.821  9.398   -5.978  1.00 14.38  ? 106 ILE A CG1 1 
ATOM   862  C  CG2 . ILE A 1 118 ? -5.885  8.807   -8.220  1.00 14.88  ? 106 ILE A CG2 1 
ATOM   863  C  CD1 . ILE A 1 118 ? -6.150  9.327   -5.203  1.00 15.75  ? 106 ILE A CD1 1 
ATOM   864  N  N   . ASN A 1 119 ? -6.027  5.496   -8.277  1.00 10.55  ? 107 ASN A N   1 
ATOM   865  C  CA  . ASN A 1 119 ? -6.107  4.676   -9.499  1.00 12.90  ? 107 ASN A CA  1 
ATOM   866  C  C   . ASN A 1 119 ? -7.025  5.392   -10.469 1.00 12.73  ? 107 ASN A C   1 
ATOM   867  O  O   . ASN A 1 119 ? -8.007  6.003   -10.044 1.00 11.51  ? 107 ASN A O   1 
ATOM   868  C  CB  . ASN A 1 119 ? -6.747  3.326   -9.199  1.00 11.94  ? 107 ASN A CB  1 
ATOM   869  C  CG  . ASN A 1 119 ? -7.093  2.546   -10.467 1.00 15.97  ? 107 ASN A CG  1 
ATOM   870  O  OD1 . ASN A 1 119 ? -8.235  2.600   -10.972 1.00 14.30  ? 107 ASN A OD1 1 
ATOM   871  N  ND2 . ASN A 1 119 ? -6.116  1.814   -10.980 1.00 13.89  ? 107 ASN A ND2 1 
ATOM   872  N  N   . GLU A 1 120 ? -6.699  5.304   -11.756 1.00 12.69  ? 108 GLU A N   1 
ATOM   873  C  CA  . GLU A 1 120 ? -7.529  5.881   -12.785 1.00 13.03  ? 108 GLU A CA  1 
ATOM   874  C  C   . GLU A 1 120 ? -7.734  4.806   -13.856 1.00 10.38  ? 108 GLU A C   1 
ATOM   875  O  O   . GLU A 1 120 ? -6.768  4.309   -14.435 1.00 13.81  ? 108 GLU A O   1 
ATOM   876  C  CB  . GLU A 1 120 ? -6.858  7.131   -13.360 1.00 14.95  ? 108 GLU A CB  1 
ATOM   877  C  CG  . GLU A 1 120 ? -6.982  8.265   -12.361 1.00 14.36  ? 108 GLU A CG  1 
ATOM   878  C  CD  . GLU A 1 120 ? -6.131  9.463   -12.675 1.00 21.87  ? 108 GLU A CD  1 
ATOM   879  O  OE1 . GLU A 1 120 ? -5.453  9.445   -13.708 1.00 18.92  ? 108 GLU A OE1 1 
ATOM   880  O  OE2 . GLU A 1 120 ? -6.150  10.429  -11.871 1.00 22.54  ? 108 GLU A OE2 1 
ATOM   881  N  N   . LYS A 1 121 ? -8.997  4.457   -14.090 1.00 12.73  ? 109 LYS A N   1 
ATOM   882  C  CA  . LYS A 1 121 ? -9.342  3.444   -15.083 1.00 13.68  ? 109 LYS A CA  1 
ATOM   883  C  C   . LYS A 1 121 ? -10.648 3.803   -15.770 1.00 13.98  ? 109 LYS A C   1 
ATOM   884  O  O   . LYS A 1 121 ? -11.607 4.206   -15.120 1.00 14.27  ? 109 LYS A O   1 
ATOM   885  C  CB  . LYS A 1 121 ? -9.475  2.058   -14.416 1.00 14.90  ? 109 LYS A CB  1 
ATOM   886  C  CG  . LYS A 1 121 ? -9.761  0.923   -15.391 1.00 20.87  ? 109 LYS A CG  1 
ATOM   887  C  CD  . LYS A 1 121 ? -10.044 -0.385  -14.635 1.00 22.08  ? 109 LYS A CD  1 
ATOM   888  C  CE  . LYS A 1 121 ? -10.371 -1.526  -15.580 1.00 33.62  ? 109 LYS A CE  1 
ATOM   889  N  NZ  . LYS A 1 121 ? -10.682 -2.775  -14.798 1.00 31.34  ? 109 LYS A NZ  1 
ATOM   890  N  N   . ASP A 1 122 ? -10.662 3.686   -17.096 1.00 16.28  ? 110 ASP A N   1 
ATOM   891  C  CA  . ASP A 1 122 ? -11.865 3.952   -17.882 1.00 16.54  ? 110 ASP A CA  1 
ATOM   892  C  C   . ASP A 1 122 ? -12.507 5.312   -17.590 1.00 13.11  ? 110 ASP A C   1 
ATOM   893  O  O   . ASP A 1 122 ? -13.735 5.427   -17.554 1.00 15.29  ? 110 ASP A O   1 
ATOM   894  C  CB  . ASP A 1 122 ? -12.906 2.843   -17.602 1.00 17.17  ? 110 ASP A CB  1 
ATOM   895  C  CG  . ASP A 1 122 ? -12.436 1.491   -18.053 1.00 21.01  ? 110 ASP A CG  1 
ATOM   896  O  OD1 . ASP A 1 122 ? -11.759 1.456   -19.077 1.00 18.17  ? 110 ASP A OD1 1 
ATOM   897  O  OD2 . ASP A 1 122 ? -12.754 0.480   -17.397 1.00 20.98  ? 110 ASP A OD2 1 
ATOM   898  N  N   . GLY A 1 123 ? -11.677 6.328   -17.363 1.00 11.70  ? 111 GLY A N   1 
ATOM   899  C  CA  . GLY A 1 123 ? -12.186 7.659   -17.073 1.00 13.78  ? 111 GLY A CA  1 
ATOM   900  C  C   . GLY A 1 123 ? -12.653 7.925   -15.652 1.00 15.82  ? 111 GLY A C   1 
ATOM   901  O  O   . GLY A 1 123 ? -13.066 9.059   -15.346 1.00 15.18  ? 111 GLY A O   1 
ATOM   902  N  N   . GLU A 1 124 ? -12.569 6.900   -14.797 1.00 12.74  ? 112 GLU A N   1 
ATOM   903  C  CA  . GLU A 1 124 ? -12.982 6.976   -13.394 1.00 14.37  ? 112 GLU A CA  1 
ATOM   904  C  C   . GLU A 1 124 ? -11.748 7.035   -12.484 1.00 14.35  ? 112 GLU A C   1 
ATOM   905  O  O   . GLU A 1 124 ? -10.590 7.045   -12.965 1.00 15.35  ? 112 GLU A O   1 
ATOM   906  C  CB  . GLU A 1 124 ? -13.815 5.734   -13.018 1.00 16.65  ? 112 GLU A CB  1 
ATOM   907  C  CG  . GLU A 1 124 ? -15.046 5.512   -13.896 1.00 25.42  ? 112 GLU A CG  1 
ATOM   908  C  CD  . GLU A 1 124 ? -15.747 4.181   -13.578 1.00 43.48  ? 112 GLU A CD  1 
ATOM   909  O  OE1 . GLU A 1 124 ? -16.067 3.943   -12.390 1.00 38.29  ? 112 GLU A OE1 1 
ATOM   910  O  OE2 . GLU A 1 124 ? -15.968 3.372   -14.514 1.00 45.91  ? 112 GLU A OE2 1 
ATOM   911  N  N   . THR A 1 125 ? -11.994 7.096   -11.180 1.00 13.41  ? 113 THR A N   1 
ATOM   912  C  CA  . THR A 1 125 ? -10.893 7.112   -10.209 1.00 10.87  ? 113 THR A CA  1 
ATOM   913  C  C   . THR A 1 125 ? -11.380 6.545   -8.872  1.00 12.63  ? 113 THR A C   1 
ATOM   914  O  O   . THR A 1 125 ? -12.590 6.443   -8.624  1.00 12.07  ? 113 THR A O   1 
ATOM   915  C  CB  . THR A 1 125 ? -10.381 8.599   -9.946  1.00 13.59  ? 113 THR A CB  1 
ATOM   916  O  OG1 . THR A 1 125 ? -9.110  8.584   -9.276  1.00 13.48  ? 113 THR A OG1 1 
ATOM   917  C  CG2 . THR A 1 125 ? -11.352 9.370   -9.069  1.00 12.69  ? 113 THR A CG2 1 
ATOM   918  N  N   . PHE A 1 126 ? -10.430 6.137   -8.045  1.00 12.99  ? 114 PHE A N   1 
ATOM   919  C  CA  . PHE A 1 126 ? -10.729 5.750   -6.656  1.00 14.50  ? 114 PHE A CA  1 
ATOM   920  C  C   . PHE A 1 126 ? -9.433  5.864   -5.861  1.00 12.95  ? 114 PHE A C   1 
ATOM   921  O  O   . PHE A 1 126 ? -8.328  5.924   -6.437  1.00 12.96  ? 114 PHE A O   1 
ATOM   922  C  CB  . PHE A 1 126 ? -11.358 4.340   -6.488  1.00 13.25  ? 114 PHE A CB  1 
ATOM   923  C  CG  . PHE A 1 126 ? -10.419 3.193   -6.731  1.00 15.24  ? 114 PHE A CG  1 
ATOM   924  C  CD1 . PHE A 1 126 ? -9.624  2.702   -5.707  1.00 17.43  ? 114 PHE A CD1 1 
ATOM   925  C  CD2 . PHE A 1 126 ? -10.348 2.601   -7.986  1.00 16.77  ? 114 PHE A CD2 1 
ATOM   926  C  CE1 . PHE A 1 126 ? -8.743  1.606   -5.929  1.00 18.80  ? 114 PHE A CE1 1 
ATOM   927  C  CE2 . PHE A 1 126 ? -9.488  1.519   -8.223  1.00 18.66  ? 114 PHE A CE2 1 
ATOM   928  C  CZ  . PHE A 1 126 ? -8.685  1.025   -7.191  1.00 19.79  ? 114 PHE A CZ  1 
ATOM   929  N  N   . GLN A 1 127 ? -9.583  5.937   -4.542  1.00 13.91  ? 115 GLN A N   1 
ATOM   930  C  CA  . GLN A 1 127 ? -8.443  6.031   -3.632  1.00 11.10  ? 115 GLN A CA  1 
ATOM   931  C  C   . GLN A 1 127 ? -8.229  4.693   -2.933  1.00 14.94  ? 115 GLN A C   1 
ATOM   932  O  O   . GLN A 1 127 ? -9.189  4.035   -2.533  1.00 12.41  ? 115 GLN A O   1 
ATOM   933  C  CB  . GLN A 1 127 ? -8.714  6.979   -2.488  1.00 8.15   ? 115 GLN A CB  1 
ATOM   934  C  CG  . GLN A 1 127 ? -8.928  8.444   -2.754  1.00 12.84  ? 115 GLN A CG  1 
ATOM   935  C  CD  . GLN A 1 127 ? -8.680  9.095   -1.382  1.00 15.87  ? 115 GLN A CD  1 
ATOM   936  O  OE1 . GLN A 1 127 ? -8.088  10.111  -1.240  1.00 17.32  ? 115 GLN A OE1 1 
ATOM   937  N  NE2 . GLN A 1 127 ? -9.090  8.372   -0.335  1.00 51.58  ? 115 GLN A NE2 1 
ATOM   938  N  N   . LEU A 1 128 ? -6.975  4.318   -2.759  1.00 12.78  ? 116 LEU A N   1 
ATOM   939  C  CA  . LEU A 1 128 ? -6.666  3.121   -2.004  1.00 9.98   ? 116 LEU A CA  1 
ATOM   940  C  C   . LEU A 1 128 ? -5.619  3.502   -0.966  1.00 12.15  ? 116 LEU A C   1 
ATOM   941  O  O   . LEU A 1 128 ? -4.700  4.271   -1.263  1.00 14.87  ? 116 LEU A O   1 
ATOM   942  C  CB  . LEU A 1 128 ? -6.102  2.020   -2.909  1.00 14.93  ? 116 LEU A CB  1 
ATOM   943  C  CG  . LEU A 1 128 ? -5.751  0.779   -2.078  1.00 20.43  ? 116 LEU A CG  1 
ATOM   944  C  CD1 . LEU A 1 128 ? -6.215  -0.460  -2.782  1.00 20.48  ? 116 LEU A CD1 1 
ATOM   945  C  CD2 . LEU A 1 128 ? -4.258  0.739   -1.822  1.00 20.22  ? 116 LEU A CD2 1 
ATOM   946  N  N   . MET A 1 129 ? -5.771  2.994   0.255   1.00 10.22  ? 117 MET A N   1 
ATOM   947  C  CA  . MET A 1 129 ? -4.765  3.259   1.284   1.00 11.08  ? 117 MET A CA  1 
ATOM   948  C  C   . MET A 1 129 ? -4.374  1.913   1.817   1.00 12.60  ? 117 MET A C   1 
ATOM   949  O  O   . MET A 1 129 ? -5.208  1.011   1.934   1.00 14.85  ? 117 MET A O   1 
ATOM   950  C  CB  . MET A 1 129 ? -5.323  4.132   2.405   1.00 13.92  ? 117 MET A CB  1 
ATOM   951  C  CG  . MET A 1 129 ? -5.990  5.379   1.815   1.00 25.52  ? 117 MET A CG  1 
ATOM   952  S  SD  . MET A 1 129 ? -5.850  6.777   2.899   1.00 26.08  ? 117 MET A SD  1 
ATOM   953  C  CE  . MET A 1 129 ? -3.997  6.707   2.847   1.00 13.67  ? 117 MET A CE  1 
ATOM   954  N  N   . GLY A 1 130 ? -3.079  1.757   2.094   1.00 12.31  ? 118 GLY A N   1 
ATOM   955  C  CA  . GLY A 1 130 ? -2.626  0.485   2.610   1.00 11.54  ? 118 GLY A CA  1 
ATOM   956  C  C   . GLY A 1 130 ? -1.710  0.663   3.810   1.00 14.00  ? 118 GLY A C   1 
ATOM   957  O  O   . GLY A 1 130 ? -0.942  1.622   3.888   1.00 12.76  ? 118 GLY A O   1 
ATOM   958  N  N   . LEU A 1 131 ? -1.822  -0.267  4.753   1.00 9.15   ? 119 LEU A N   1 
ATOM   959  C  CA  . LEU A 1 131 ? -0.979  -0.294  5.957   1.00 12.65  ? 119 LEU A CA  1 
ATOM   960  C  C   . LEU A 1 131 ? -0.165  -1.582  5.859   1.00 13.87  ? 119 LEU A C   1 
ATOM   961  O  O   . LEU A 1 131 ? -0.715  -2.689  5.810   1.00 12.72  ? 119 LEU A O   1 
ATOM   962  C  CB  . LEU A 1 131 ? -1.847  -0.338  7.220   1.00 12.14  ? 119 LEU A CB  1 
ATOM   963  C  CG  . LEU A 1 131 ? -0.982  -0.447  8.490   1.00 13.34  ? 119 LEU A CG  1 
ATOM   964  C  CD1 . LEU A 1 131 ? -0.098  0.799   8.676   1.00 11.44  ? 119 LEU A CD1 1 
ATOM   965  C  CD2 . LEU A 1 131 ? -1.955  -0.647  9.683   1.00 12.18  ? 119 LEU A CD2 1 
ATOM   966  N  N   . TYR A 1 132 ? 1.154   -1.429  5.802   1.00 10.86  ? 120 TYR A N   1 
ATOM   967  C  CA  . TYR A 1 132 ? 2.076   -2.557  5.665   1.00 9.90   ? 120 TYR A CA  1 
ATOM   968  C  C   . TYR A 1 132 ? 2.959   -2.621  6.899   1.00 10.68  ? 120 TYR A C   1 
ATOM   969  O  O   . TYR A 1 132 ? 3.309   -1.588  7.487   1.00 11.64  ? 120 TYR A O   1 
ATOM   970  C  CB  . TYR A 1 132 ? 2.913   -2.322  4.396   1.00 15.03  ? 120 TYR A CB  1 
ATOM   971  C  CG  . TYR A 1 132 ? 2.038   -2.118  3.166   1.00 13.54  ? 120 TYR A CG  1 
ATOM   972  C  CD1 . TYR A 1 132 ? 1.506   -3.212  2.486   1.00 14.03  ? 120 TYR A CD1 1 
ATOM   973  C  CD2 . TYR A 1 132 ? 1.672   -0.831  2.749   1.00 11.53  ? 120 TYR A CD2 1 
ATOM   974  C  CE1 . TYR A 1 132 ? 0.611   -3.041  1.409   1.00 12.94  ? 120 TYR A CE1 1 
ATOM   975  C  CE2 . TYR A 1 132 ? 0.784   -0.644  1.680   1.00 11.72  ? 120 TYR A CE2 1 
ATOM   976  C  CZ  . TYR A 1 132 ? 0.259   -1.753  1.019   1.00 17.61  ? 120 TYR A CZ  1 
ATOM   977  O  OH  . TYR A 1 132 ? -0.629  -1.588  -0.025  1.00 16.05  ? 120 TYR A OH  1 
ATOM   978  N  N   . GLY A 1 133 ? 3.288   -3.845  7.318   1.00 12.29  ? 121 GLY A N   1 
ATOM   979  C  CA  . GLY A 1 133 ? 4.120   -4.011  8.496   1.00 13.85  ? 121 GLY A CA  1 
ATOM   980  C  C   . GLY A 1 133 ? 5.352   -4.850  8.173   1.00 13.56  ? 121 GLY A C   1 
ATOM   981  O  O   . GLY A 1 133 ? 5.355   -5.637  7.215   1.00 11.99  ? 121 GLY A O   1 
ATOM   982  N  N   . ARG A 1 134 ? 6.415   -4.640  8.937   1.00 9.97   ? 122 ARG A N   1 
ATOM   983  C  CA  . ARG A 1 134 ? 7.650   -5.439  8.772   1.00 14.44  ? 122 ARG A CA  1 
ATOM   984  C  C   . ARG A 1 134 ? 7.351   -6.891  9.182   1.00 13.63  ? 122 ARG A C   1 
ATOM   985  O  O   . ARG A 1 134 ? 7.896   -7.841  8.583   1.00 12.68  ? 122 ARG A O   1 
ATOM   986  C  CB  . ARG A 1 134 ? 8.800   -4.834  9.609   1.00 10.03  ? 122 ARG A CB  1 
ATOM   987  C  CG  . ARG A 1 134 ? 9.349   -3.525  9.032   1.00 12.91  ? 122 ARG A CG  1 
ATOM   988  C  CD  . ARG A 1 134 ? 9.900   -3.749  7.593   1.00 15.00  ? 122 ARG A CD  1 
ATOM   989  N  NE  . ARG A 1 134 ? 10.740  -2.625  7.198   1.00 14.06  ? 122 ARG A NE  1 
ATOM   990  C  CZ  . ARG A 1 134 ? 11.478  -2.594  6.098   1.00 13.39  ? 122 ARG A CZ  1 
ATOM   991  N  NH1 . ARG A 1 134 ? 11.499  -3.633  5.242   1.00 14.43  ? 122 ARG A NH1 1 
ATOM   992  N  NH2 . ARG A 1 134 ? 12.191  -1.507  5.853   1.00 13.24  ? 122 ARG A NH2 1 
ATOM   993  N  N   . GLU A 1 135 ? 6.467   -7.069  10.178  1.00 13.27  ? 123 GLU A N   1 
ATOM   994  C  CA  . GLU A 1 135 ? 6.003   -8.396  10.591  1.00 14.21  ? 123 GLU A CA  1 
ATOM   995  C  C   . GLU A 1 135 ? 4.613   -8.579  10.002  1.00 15.15  ? 123 GLU A C   1 
ATOM   996  O  O   . GLU A 1 135 ? 4.043   -7.620  9.442   1.00 11.06  ? 123 GLU A O   1 
ATOM   997  C  CB  . GLU A 1 135 ? 5.925   -8.518  12.113  1.00 14.44  ? 123 GLU A CB  1 
ATOM   998  C  CG  . GLU A 1 135 ? 7.251   -8.244  12.810  1.00 14.83  ? 123 GLU A CG  1 
ATOM   999  C  CD  . GLU A 1 135 ? 7.204   -8.662  14.280  1.00 17.76  ? 123 GLU A CD  1 
ATOM   1000 O  OE1 . GLU A 1 135 ? 6.085   -8.877  14.824  1.00 13.75  ? 123 GLU A OE1 1 
ATOM   1001 O  OE2 . GLU A 1 135 ? 8.290   -8.757  14.898  1.00 21.44  ? 123 GLU A OE2 1 
ATOM   1002 N  N   . PRO A 1 136 ? 4.039   -9.790  10.110  1.00 11.78  ? 124 PRO A N   1 
ATOM   1003 C  CA  . PRO A 1 136 ? 2.696   -10.051 9.559   1.00 15.29  ? 124 PRO A CA  1 
ATOM   1004 C  C   . PRO A 1 136 ? 1.510   -9.381  10.246  1.00 13.35  ? 124 PRO A C   1 
ATOM   1005 O  O   . PRO A 1 136 ? 0.367   -9.586  9.821   1.00 15.50  ? 124 PRO A O   1 
ATOM   1006 C  CB  . PRO A 1 136 ? 2.573   -11.582 9.577   1.00 15.41  ? 124 PRO A CB  1 
ATOM   1007 C  CG  . PRO A 1 136 ? 4.024   -12.050 9.509   1.00 16.95  ? 124 PRO A CG  1 
ATOM   1008 C  CD  . PRO A 1 136 ? 4.702   -11.063 10.472  1.00 13.46  ? 124 PRO A CD  1 
ATOM   1009 N  N   . ASP A 1 137 ? 1.773   -8.608  11.300  1.00 13.85  ? 125 ASP A N   1 
ATOM   1010 C  CA  . ASP A 1 137 ? 0.735   -7.853  11.989  1.00 13.43  ? 125 ASP A CA  1 
ATOM   1011 C  C   . ASP A 1 137 ? 1.396   -6.613  12.593  1.00 11.89  ? 125 ASP A C   1 
ATOM   1012 O  O   . ASP A 1 137 ? 2.638   -6.482  12.589  1.00 14.22  ? 125 ASP A O   1 
ATOM   1013 C  CB  . ASP A 1 137 ? 0.101   -8.695  13.113  1.00 12.03  ? 125 ASP A CB  1 
ATOM   1014 C  CG  . ASP A 1 137 ? -1.327  -8.229  13.461  1.00 21.10  ? 125 ASP A CG  1 
ATOM   1015 O  OD1 . ASP A 1 137 ? -1.832  -7.243  12.862  1.00 16.30  ? 125 ASP A OD1 1 
ATOM   1016 O  OD2 . ASP A 1 137 ? -1.939  -8.879  14.323  1.00 20.18  ? 125 ASP A OD2 1 
ATOM   1017 N  N   . LEU A 1 138 ? 0.563   -5.713  13.111  1.00 13.85  ? 126 LEU A N   1 
ATOM   1018 C  CA  . LEU A 1 138 ? 0.992   -4.477  13.763  1.00 10.78  ? 126 LEU A CA  1 
ATOM   1019 C  C   . LEU A 1 138 ? 0.172   -4.270  15.029  1.00 10.94  ? 126 LEU A C   1 
ATOM   1020 O  O   . LEU A 1 138 ? -0.860  -4.917  15.237  1.00 14.93  ? 126 LEU A O   1 
ATOM   1021 C  CB  . LEU A 1 138 ? 0.772   -3.266  12.823  1.00 11.13  ? 126 LEU A CB  1 
ATOM   1022 C  CG  . LEU A 1 138 ? 1.786   -3.168  11.657  1.00 10.02  ? 126 LEU A CG  1 
ATOM   1023 C  CD1 . LEU A 1 138 ? 1.305   -2.175  10.549  1.00 11.40  ? 126 LEU A CD1 1 
ATOM   1024 C  CD2 . LEU A 1 138 ? 3.118   -2.646  12.230  1.00 14.32  ? 126 LEU A CD2 1 
ATOM   1025 N  N   . SER A 1 139 ? 0.630   -3.352  15.867  1.00 13.95  ? 127 SER A N   1 
ATOM   1026 C  CA  . SER A 1 139 ? -0.058  -3.060  17.130  1.00 16.15  ? 127 SER A CA  1 
ATOM   1027 C  C   . SER A 1 139 ? -1.401  -2.374  16.876  1.00 18.20  ? 127 SER A C   1 
ATOM   1028 O  O   . SER A 1 139 ? -1.635  -1.752  15.837  1.00 14.13  ? 127 SER A O   1 
ATOM   1029 C  CB  . SER A 1 139 ? 0.811   -2.148  17.994  1.00 17.68  ? 127 SER A CB  1 
ATOM   1030 O  OG  . SER A 1 139 ? 0.888   -0.853  17.409  1.00 21.25  ? 127 SER A OG  1 
ATOM   1031 N  N   . SER A 1 140 ? -2.291  -2.486  17.845  1.00 18.09  ? 128 SER A N   1 
ATOM   1032 C  CA  . SER A 1 140 ? -3.594  -1.852  17.720  1.00 19.54  ? 128 SER A CA  1 
ATOM   1033 C  C   . SER A 1 140 ? -3.422  -0.327  17.610  1.00 18.74  ? 128 SER A C   1 
ATOM   1034 O  O   . SER A 1 140 ? -4.186  0.327   16.892  1.00 18.96  ? 128 SER A O   1 
ATOM   1035 C  CB  . SER A 1 140 ? -4.460  -2.252  18.932  1.00 20.62  ? 128 SER A CB  1 
ATOM   1036 O  OG  . SER A 1 140 ? -3.824  -1.798  20.096  1.00 34.16  ? 128 SER A OG  1 
ATOM   1037 N  N   . ASP A 1 141 ? -2.428  0.238   18.304  1.00 17.28  ? 129 ASP A N   1 
ATOM   1038 C  CA  . ASP A 1 141 ? -2.154  1.680   18.234  1.00 20.30  ? 129 ASP A CA  1 
ATOM   1039 C  C   . ASP A 1 141 ? -1.822  2.109   16.793  1.00 19.93  ? 129 ASP A C   1 
ATOM   1040 O  O   . ASP A 1 141 ? -2.328  3.128   16.292  1.00 16.54  ? 129 ASP A O   1 
ATOM   1041 C  CB  . ASP A 1 141 ? -0.970  2.072   19.129  1.00 27.49  ? 129 ASP A CB  1 
ATOM   1042 C  CG  . ASP A 1 141 ? -1.328  2.119   20.607  1.00 43.66  ? 129 ASP A CG  1 
ATOM   1043 O  OD1 . ASP A 1 141 ? -2.527  2.009   20.940  1.00 44.38  ? 129 ASP A OD1 1 
ATOM   1044 O  OD2 . ASP A 1 141 ? -0.398  2.278   21.433  1.00 49.75  ? 129 ASP A OD2 1 
ATOM   1045 N  N   . ILE A 1 142 ? -0.956  1.352   16.122  1.00 15.70  ? 130 ILE A N   1 
ATOM   1046 C  CA  . ILE A 1 142 ? -0.626  1.707   14.735  1.00 13.17  ? 130 ILE A CA  1 
ATOM   1047 C  C   . ILE A 1 142 ? -1.861  1.541   13.826  1.00 12.34  ? 130 ILE A C   1 
ATOM   1048 O  O   . ILE A 1 142 ? -2.097  2.342   12.922  1.00 14.42  ? 130 ILE A O   1 
ATOM   1049 C  CB  . ILE A 1 142 ? 0.572   0.849   14.190  1.00 15.98  ? 130 ILE A CB  1 
ATOM   1050 C  CG1 . ILE A 1 142 ? 1.846   1.209   14.946  1.00 19.16  ? 130 ILE A CG1 1 
ATOM   1051 C  CG2 . ILE A 1 142 ? 0.792   1.146   12.693  1.00 15.53  ? 130 ILE A CG2 1 
ATOM   1052 C  CD1 . ILE A 1 142 ? 2.132   2.677   14.948  1.00 22.90  ? 130 ILE A CD1 1 
ATOM   1053 N  N   . LYS A 1 143 ? -2.641  0.500   14.055  1.00 13.27  ? 131 LYS A N   1 
ATOM   1054 C  CA  . LYS A 1 143 ? -3.841  0.310   13.254  1.00 14.04  ? 131 LYS A CA  1 
ATOM   1055 C  C   . LYS A 1 143 ? -4.792  1.505   13.447  1.00 13.80  ? 131 LYS A C   1 
ATOM   1056 O  O   . LYS A 1 143 ? -5.442  1.945   12.498  1.00 12.88  ? 131 LYS A O   1 
ATOM   1057 C  CB  . LYS A 1 143 ? -4.516  -1.008  13.637  1.00 11.16  ? 131 LYS A CB  1 
ATOM   1058 C  CG  . LYS A 1 143 ? -3.685  -2.227  13.161  1.00 11.14  ? 131 LYS A CG  1 
ATOM   1059 C  CD  . LYS A 1 143 ? -4.468  -3.513  13.475  1.00 12.81  ? 131 LYS A CD  1 
ATOM   1060 C  CE  . LYS A 1 143 ? -3.688  -4.713  13.008  1.00 15.94  ? 131 LYS A CE  1 
ATOM   1061 N  NZ  . LYS A 1 143 ? -4.384  -6.006  13.266  1.00 13.44  ? 131 LYS A NZ  1 
ATOM   1062 N  N   . GLU A 1 144 ? -4.847  2.048   14.660  1.00 12.07  ? 132 GLU A N   1 
ATOM   1063 C  CA  . GLU A 1 144 ? -5.736  3.198   14.929  1.00 14.61  ? 132 GLU A CA  1 
ATOM   1064 C  C   . GLU A 1 144 ? -5.192  4.443   14.201  1.00 13.96  ? 132 GLU A C   1 
ATOM   1065 O  O   . GLU A 1 144 ? -5.955  5.227   13.628  1.00 13.74  ? 132 GLU A O   1 
ATOM   1066 C  CB  . GLU A 1 144 ? -5.861  3.452   16.447  1.00 18.71  ? 132 GLU A CB  1 
ATOM   1067 C  CG  . GLU A 1 144 ? -6.678  4.721   16.830  1.00 18.18  ? 132 GLU A CG  1 
ATOM   1068 C  CD  . GLU A 1 144 ? -8.134  4.684   16.371  1.00 17.62  ? 132 GLU A CD  1 
ATOM   1069 O  OE1 . GLU A 1 144 ? -8.629  3.609   15.963  1.00 15.92  ? 132 GLU A OE1 1 
ATOM   1070 O  OE2 . GLU A 1 144 ? -8.786  5.756   16.424  1.00 16.94  ? 132 GLU A OE2 1 
ATOM   1071 N  N   . ARG A 1 145 ? -3.866  4.614   14.197  1.00 12.91  ? 133 ARG A N   1 
ATOM   1072 C  CA  . ARG A 1 145 ? -3.275  5.750   13.493  1.00 14.05  ? 133 ARG A CA  1 
ATOM   1073 C  C   . ARG A 1 145 ? -3.625  5.640   11.994  1.00 13.07  ? 133 ARG A C   1 
ATOM   1074 O  O   . ARG A 1 145 ? -3.865  6.650   11.323  1.00 12.45  ? 133 ARG A O   1 
ATOM   1075 C  CB  . ARG A 1 145 ? -1.750  5.766   13.678  1.00 11.92  ? 133 ARG A CB  1 
ATOM   1076 C  CG  . ARG A 1 145 ? -1.301  6.128   15.100  1.00 18.69  ? 133 ARG A CG  1 
ATOM   1077 C  CD  . ARG A 1 145 ? 0.258   6.191   15.172  1.00 18.06  ? 133 ARG A CD  1 
ATOM   1078 N  NE  . ARG A 1 145 ? 0.757   7.282   14.338  1.00 22.05  ? 133 ARG A NE  1 
ATOM   1079 C  CZ  . ARG A 1 145 ? 2.041   7.504   14.051  1.00 31.73  ? 133 ARG A CZ  1 
ATOM   1080 N  NH1 . ARG A 1 145 ? 2.983   6.703   14.533  1.00 23.02  ? 133 ARG A NH1 1 
ATOM   1081 N  NH2 . ARG A 1 145 ? 2.381   8.529   13.273  1.00 29.38  ? 133 ARG A NH2 1 
ATOM   1082 N  N   . PHE A 1 146 ? -3.657  4.418   11.489  1.00 12.83  ? 134 PHE A N   1 
ATOM   1083 C  CA  . PHE A 1 146 ? -4.012  4.228   10.093  1.00 13.68  ? 134 PHE A CA  1 
ATOM   1084 C  C   . PHE A 1 146 ? -5.481  4.611   9.846   1.00 13.15  ? 134 PHE A C   1 
ATOM   1085 O  O   . PHE A 1 146 ? -5.805  5.267   8.844   1.00 10.89  ? 134 PHE A O   1 
ATOM   1086 C  CB  . PHE A 1 146 ? -3.721  2.783   9.676   1.00 12.25  ? 134 PHE A CB  1 
ATOM   1087 C  CG  . PHE A 1 146 ? -4.030  2.508   8.228   1.00 10.47  ? 134 PHE A CG  1 
ATOM   1088 C  CD1 . PHE A 1 146 ? -3.234  3.046   7.214   1.00 11.42  ? 134 PHE A CD1 1 
ATOM   1089 C  CD2 . PHE A 1 146 ? -5.118  1.712   7.877   1.00 14.44  ? 134 PHE A CD2 1 
ATOM   1090 C  CE1 . PHE A 1 146 ? -3.518  2.784   5.858   1.00 11.90  ? 134 PHE A CE1 1 
ATOM   1091 C  CE2 . PHE A 1 146 ? -5.406  1.447   6.538   1.00 13.54  ? 134 PHE A CE2 1 
ATOM   1092 C  CZ  . PHE A 1 146 ? -4.617  1.975   5.524   1.00 11.53  ? 134 PHE A CZ  1 
ATOM   1093 N  N   . ALA A 1 147 ? -6.367  4.204   10.739  1.00 12.77  ? 135 ALA A N   1 
ATOM   1094 C  CA  . ALA A 1 147 ? -7.795  4.560   10.619  1.00 12.79  ? 135 ALA A CA  1 
ATOM   1095 C  C   . ALA A 1 147 ? -7.935  6.085   10.591  1.00 13.64  ? 135 ALA A C   1 
ATOM   1096 O  O   . ALA A 1 147 ? -8.743  6.609   9.825   1.00 11.81  ? 135 ALA A O   1 
ATOM   1097 C  CB  . ALA A 1 147 ? -8.594  3.973   11.786  1.00 13.51  ? 135 ALA A CB  1 
ATOM   1098 N  N   . GLN A 1 148 ? -7.154  6.795   11.412  1.00 11.84  ? 136 GLN A N   1 
ATOM   1099 C  CA  . GLN A 1 148 ? -7.204  8.254   11.423  1.00 12.99  ? 136 GLN A CA  1 
ATOM   1100 C  C   . GLN A 1 148 ? -6.710  8.806   10.083  1.00 13.86  ? 136 GLN A C   1 
ATOM   1101 O  O   . GLN A 1 148 ? -7.276  9.765   9.561   1.00 11.89  ? 136 GLN A O   1 
ATOM   1102 C  CB  . GLN A 1 148 ? -6.340  8.820   12.557  1.00 13.68  ? 136 GLN A CB  1 
ATOM   1103 C  CG  . GLN A 1 148 ? -6.825  8.354   13.940  1.00 12.64  ? 136 GLN A CG  1 
ATOM   1104 C  CD  . GLN A 1 148 ? -8.236  8.911   14.263  1.00 12.73  ? 136 GLN A CD  1 
ATOM   1105 O  OE1 . GLN A 1 148 ? -9.057  8.269   14.944  1.00 17.01  ? 136 GLN A OE1 1 
ATOM   1106 N  NE2 . GLN A 1 148 ? -8.492  10.108  13.782  1.00 11.81  ? 136 GLN A NE2 1 
ATOM   1107 N  N   . LEU A 1 149 ? -5.646  8.223   9.526   1.00 10.61  ? 137 LEU A N   1 
ATOM   1108 C  CA  . LEU A 1 149 ? -5.165  8.729   8.239   1.00 11.09  ? 137 LEU A CA  1 
ATOM   1109 C  C   . LEU A 1 149 ? -6.225  8.477   7.137   1.00 14.23  ? 137 LEU A C   1 
ATOM   1110 O  O   . LEU A 1 149 ? -6.417  9.318   6.245   1.00 13.26  ? 137 LEU A O   1 
ATOM   1111 C  CB  . LEU A 1 149 ? -3.848  8.058   7.870   1.00 12.07  ? 137 LEU A CB  1 
ATOM   1112 C  CG  . LEU A 1 149 ? -3.189  8.595   6.602   1.00 22.14  ? 137 LEU A CG  1 
ATOM   1113 C  CD1 . LEU A 1 149 ? -2.632  10.006  6.879   1.00 25.02  ? 137 LEU A CD1 1 
ATOM   1114 C  CD2 . LEU A 1 149 ? -2.080  7.637   6.163   1.00 20.52  ? 137 LEU A CD2 1 
ATOM   1115 N  N   . CYS A 1 150 ? -6.923  7.338   7.204   1.00 14.24  ? 138 CYS A N   1 
ATOM   1116 C  CA  . CYS A 1 150 ? -7.988  7.034   6.225   1.00 11.70  ? 138 CYS A CA  1 
ATOM   1117 C  C   . CYS A 1 150 ? -9.106  8.074   6.341   1.00 12.73  ? 138 CYS A C   1 
ATOM   1118 O  O   . CYS A 1 150 ? -9.630  8.542   5.334   1.00 10.98  ? 138 CYS A O   1 
ATOM   1119 C  CB  . CYS A 1 150 ? -8.543  5.619   6.479   1.00 10.44  ? 138 CYS A CB  1 
ATOM   1120 S  SG  . CYS A 1 150 ? -7.374  4.344   5.902   1.00 13.18  ? 138 CYS A SG  1 
ATOM   1121 N  N   . GLU A 1 151 ? -9.442  8.427   7.584   1.00 10.90  ? 139 GLU A N   1 
ATOM   1122 C  CA  . GLU A 1 151 ? -10.492 9.419   7.875   1.00 10.06  ? 139 GLU A CA  1 
ATOM   1123 C  C   . GLU A 1 151 ? -10.125 10.774  7.250   1.00 13.31  ? 139 GLU A C   1 
ATOM   1124 O  O   . GLU A 1 151 ? -10.976 11.464  6.678   1.00 12.62  ? 139 GLU A O   1 
ATOM   1125 C  CB  . GLU A 1 151 ? -10.684 9.563   9.384   1.00 13.00  ? 139 GLU A CB  1 
ATOM   1126 C  CG  . GLU A 1 151 ? -11.709 10.672  9.795   1.00 12.91  ? 139 GLU A CG  1 
ATOM   1127 C  CD  . GLU A 1 151 ? -11.955 10.704  11.288  1.00 14.31  ? 139 GLU A CD  1 
ATOM   1128 O  OE1 . GLU A 1 151 ? -11.400 9.832   12.002  1.00 13.07  ? 139 GLU A OE1 1 
ATOM   1129 O  OE2 . GLU A 1 151 ? -12.732 11.558  11.759  1.00 14.65  ? 139 GLU A OE2 1 
ATOM   1130 N  N   . GLU A 1 152 ? -8.849  11.136  7.320   1.00 13.05  ? 140 GLU A N   1 
ATOM   1131 C  CA  . GLU A 1 152 ? -8.368  12.399  6.763   1.00 11.44  ? 140 GLU A CA  1 
ATOM   1132 C  C   . GLU A 1 152 ? -8.500  12.410  5.252   1.00 12.04  ? 140 GLU A C   1 
ATOM   1133 O  O   . GLU A 1 152 ? -8.476  13.472  4.620   1.00 14.52  ? 140 GLU A O   1 
ATOM   1134 C  CB  . GLU A 1 152 ? -6.895  12.625  7.149   1.00 13.26  ? 140 GLU A CB  1 
ATOM   1135 C  CG  . GLU A 1 152 ? -6.745  12.897  8.651   1.00 15.49  ? 140 GLU A CG  1 
ATOM   1136 C  CD  . GLU A 1 152 ? -5.288  12.920  9.133   1.00 30.93  ? 140 GLU A CD  1 
ATOM   1137 O  OE1 . GLU A 1 152 ? -5.062  13.091  10.345  1.00 36.60  ? 140 GLU A OE1 1 
ATOM   1138 O  OE2 . GLU A 1 152 ? -4.369  12.758  8.312   1.00 29.34  ? 140 GLU A OE2 1 
ATOM   1139 N  N   . HIS A 1 153 ? -8.657  11.235  4.667   1.00 12.01  ? 141 HIS A N   1 
ATOM   1140 C  CA  . HIS A 1 153 ? -8.811  11.153  3.217   1.00 12.50  ? 141 HIS A CA  1 
ATOM   1141 C  C   . HIS A 1 153 ? -10.239 10.825  2.798   1.00 15.70  ? 141 HIS A C   1 
ATOM   1142 O  O   . HIS A 1 153 ? -10.493 10.475  1.640   1.00 15.10  ? 141 HIS A O   1 
ATOM   1143 C  CB  . HIS A 1 153 ? -7.839  10.131  2.625   1.00 13.52  ? 141 HIS A CB  1 
ATOM   1144 C  CG  . HIS A 1 153 ? -6.435  10.640  2.550   1.00 14.69  ? 141 HIS A CG  1 
ATOM   1145 N  ND1 . HIS A 1 153 ? -5.548  10.551  3.604   1.00 20.20  ? 141 HIS A ND1 1 
ATOM   1146 C  CD2 . HIS A 1 153 ? -5.787  11.300  1.562   1.00 16.96  ? 141 HIS A CD2 1 
ATOM   1147 C  CE1 . HIS A 1 153 ? -4.408  11.134  3.264   1.00 15.93  ? 141 HIS A CE1 1 
ATOM   1148 N  NE2 . HIS A 1 153 ? -4.527  11.591  2.034   1.00 16.52  ? 141 HIS A NE2 1 
ATOM   1149 N  N   . GLY A 1 154 ? -11.170 10.923  3.741   1.00 12.09  ? 142 GLY A N   1 
ATOM   1150 C  CA  . GLY A 1 154 ? -12.563 10.664  3.413   1.00 11.40  ? 142 GLY A CA  1 
ATOM   1151 C  C   . GLY A 1 154 ? -12.945 9.202   3.225   1.00 13.11  ? 142 GLY A C   1 
ATOM   1152 O  O   . GLY A 1 154 ? -13.904 8.897   2.515   1.00 13.51  ? 142 GLY A O   1 
ATOM   1153 N  N   . ILE A 1 155 ? -12.198 8.298   3.853   1.00 14.21  ? 143 ILE A N   1 
ATOM   1154 C  CA  . ILE A 1 155 ? -12.500 6.877   3.778   1.00 12.00  ? 143 ILE A CA  1 
ATOM   1155 C  C   . ILE A 1 155 ? -13.009 6.416   5.126   1.00 13.74  ? 143 ILE A C   1 
ATOM   1156 O  O   . ILE A 1 155 ? -12.297 6.466   6.127   1.00 14.01  ? 143 ILE A O   1 
ATOM   1157 C  CB  . ILE A 1 155 ? -11.255 6.045   3.395   1.00 11.78  ? 143 ILE A CB  1 
ATOM   1158 C  CG1 . ILE A 1 155 ? -10.773 6.471   2.006   1.00 15.38  ? 143 ILE A CG1 1 
ATOM   1159 C  CG2 . ILE A 1 155 ? -11.634 4.547   3.360   1.00 14.81  ? 143 ILE A CG2 1 
ATOM   1160 C  CD1 . ILE A 1 155 ? -9.383  5.914   1.636   1.00 17.49  ? 143 ILE A CD1 1 
ATOM   1161 N  N   . LEU A 1 156 ? -14.257 5.967   5.124   1.00 13.44  ? 144 LEU A N   1 
ATOM   1162 C  CA  . LEU A 1 156 ? -14.941 5.492   6.332   1.00 17.56  ? 144 LEU A CA  1 
ATOM   1163 C  C   . LEU A 1 156 ? -14.294 4.221   6.869   1.00 16.68  ? 144 LEU A C   1 
ATOM   1164 O  O   . LEU A 1 156 ? -13.773 3.435   6.088   1.00 14.68  ? 144 LEU A O   1 
ATOM   1165 C  CB  . LEU A 1 156 ? -16.392 5.156   5.964   1.00 19.31  ? 144 LEU A CB  1 
ATOM   1166 C  CG  . LEU A 1 156 ? -17.319 6.329   5.662   1.00 26.94  ? 144 LEU A CG  1 
ATOM   1167 C  CD1 . LEU A 1 156 ? -18.606 5.803   5.019   1.00 24.71  ? 144 LEU A CD1 1 
ATOM   1168 C  CD2 . LEU A 1 156 ? -17.579 7.098   6.961   1.00 22.10  ? 144 LEU A CD2 1 
ATOM   1169 N  N   . ARG A 1 157 ? -14.372 3.991   8.179   1.00 14.90  ? 145 ARG A N   1 
ATOM   1170 C  CA  . ARG A 1 157 ? -13.816 2.770   8.745   1.00 17.10  ? 145 ARG A CA  1 
ATOM   1171 C  C   . ARG A 1 157 ? -14.471 1.529   8.167   1.00 15.82  ? 145 ARG A C   1 
ATOM   1172 O  O   . ARG A 1 157 ? -13.830 0.488   8.072   1.00 16.96  ? 145 ARG A O   1 
ATOM   1173 C  CB  . ARG A 1 157 ? -13.986 2.733   10.262  1.00 18.54  ? 145 ARG A CB  1 
ATOM   1174 C  CG  . ARG A 1 157 ? -12.903 3.471   11.010  1.00 18.43  ? 145 ARG A CG  1 
ATOM   1175 C  CD  . ARG A 1 157 ? -13.344 3.750   12.440  1.00 18.55  ? 145 ARG A CD  1 
ATOM   1176 N  NE  . ARG A 1 157 ? -12.477 4.734   13.073  1.00 20.73  ? 145 ARG A NE  1 
ATOM   1177 C  CZ  . ARG A 1 157 ? -11.478 4.444   13.904  1.00 19.71  ? 145 ARG A CZ  1 
ATOM   1178 N  NH1 . ARG A 1 157 ? -11.204 3.190   14.216  1.00 20.55  ? 145 ARG A NH1 1 
ATOM   1179 N  NH2 . ARG A 1 157 ? -10.768 5.428   14.432  1.00 17.84  ? 145 ARG A NH2 1 
ATOM   1180 N  N   . GLU A 1 158 ? -15.746 1.625   7.769   1.00 15.81  ? 146 GLU A N   1 
ATOM   1181 C  CA  . GLU A 1 158 ? -16.388 0.443   7.225   1.00 15.71  ? 146 GLU A CA  1 
ATOM   1182 C  C   . GLU A 1 158 ? -15.781 0.052   5.885   1.00 16.52  ? 146 GLU A C   1 
ATOM   1183 O  O   . GLU A 1 158 ? -16.083 -1.009  5.367   1.00 18.62  ? 146 GLU A O   1 
ATOM   1184 C  CB  . GLU A 1 158 ? -17.902 0.646   7.102   1.00 16.54  ? 146 GLU A CB  1 
ATOM   1185 C  CG  . GLU A 1 158 ? -18.304 1.723   6.125   1.00 19.11  ? 146 GLU A CG  1 
ATOM   1186 C  CD  . GLU A 1 158 ? -19.811 1.929   6.078   1.00 39.36  ? 146 GLU A CD  1 
ATOM   1187 O  OE1 . GLU A 1 158 ? -20.456 1.807   7.144   1.00 35.54  ? 146 GLU A OE1 1 
ATOM   1188 O  OE2 . GLU A 1 158 ? -20.340 2.229   4.982   1.00 29.58  ? 146 GLU A OE2 1 
ATOM   1189 N  N   . ASN A 1 159 ? -14.932 0.926   5.333   1.00 13.77  ? 147 ASN A N   1 
ATOM   1190 C  CA  . ASN A 1 159 ? -14.253 0.643   4.072   1.00 13.07  ? 147 ASN A CA  1 
ATOM   1191 C  C   . ASN A 1 159 ? -12.769 0.283   4.340   1.00 14.91  ? 147 ASN A C   1 
ATOM   1192 O  O   . ASN A 1 159 ? -11.946 0.264   3.415   1.00 13.82  ? 147 ASN A O   1 
ATOM   1193 C  CB  . ASN A 1 159 ? -14.338 1.859   3.138   1.00 12.85  ? 147 ASN A CB  1 
ATOM   1194 C  CG  . ASN A 1 159 ? -15.653 1.935   2.362   1.00 25.69  ? 147 ASN A CG  1 
ATOM   1195 O  OD1 . ASN A 1 159 ? -15.803 2.780   1.493   1.00 40.52  ? 147 ASN A OD1 1 
ATOM   1196 N  ND2 . ASN A 1 159 ? -16.595 1.069   2.673   1.00 15.03  ? 147 ASN A ND2 1 
ATOM   1197 N  N   . ILE A 1 160 ? -12.443 -0.024  5.597   1.00 13.12  ? 148 ILE A N   1 
ATOM   1198 C  CA  . ILE A 1 160 ? -11.077 -0.413  5.974   1.00 11.26  ? 148 ILE A CA  1 
ATOM   1199 C  C   . ILE A 1 160 ? -11.140 -1.909  6.305   1.00 19.07  ? 148 ILE A C   1 
ATOM   1200 O  O   . ILE A 1 160 ? -11.925 -2.318  7.150   1.00 16.98  ? 148 ILE A O   1 
ATOM   1201 C  CB  . ILE A 1 160 ? -10.609 0.394   7.216   1.00 14.32  ? 148 ILE A CB  1 
ATOM   1202 C  CG1 . ILE A 1 160 ? -10.597 1.894   6.878   1.00 13.42  ? 148 ILE A CG1 1 
ATOM   1203 C  CG2 . ILE A 1 160 ? -9.223  -0.087  7.658   1.00 14.83  ? 148 ILE A CG2 1 
ATOM   1204 C  CD1 . ILE A 1 160 ? -10.249 2.801   8.081   1.00 14.37  ? 148 ILE A CD1 1 
ATOM   1205 N  N   . ILE A 1 161 ? -10.332 -2.722  5.631   1.00 13.38  ? 149 ILE A N   1 
ATOM   1206 C  CA  . ILE A 1 161 ? -10.362 -4.163  5.860   1.00 15.85  ? 149 ILE A CA  1 
ATOM   1207 C  C   . ILE A 1 161 ? -9.054  -4.669  6.445   1.00 15.70  ? 149 ILE A C   1 
ATOM   1208 O  O   . ILE A 1 161 ? -8.008  -4.569  5.813   1.00 12.61  ? 149 ILE A O   1 
ATOM   1209 C  CB  . ILE A 1 161 ? -10.642 -4.921  4.540   1.00 15.96  ? 149 ILE A CB  1 
ATOM   1210 C  CG1 . ILE A 1 161 ? -11.963 -4.413  3.914   1.00 18.00  ? 149 ILE A CG1 1 
ATOM   1211 C  CG2 . ILE A 1 161 ? -10.722 -6.452  4.795   1.00 17.60  ? 149 ILE A CG2 1 
ATOM   1212 C  CD1 . ILE A 1 161 ? -12.271 -5.072  2.552   1.00 16.37  ? 149 ILE A CD1 1 
ATOM   1213 N  N   . ASP A 1 162 ? -9.110  -5.206  7.660   1.00 13.76  ? 150 ASP A N   1 
ATOM   1214 C  CA  . ASP A 1 162 ? -7.898  -5.763  8.283   1.00 14.47  ? 150 ASP A CA  1 
ATOM   1215 C  C   . ASP A 1 162 ? -7.652  -7.155  7.689   1.00 21.86  ? 150 ASP A C   1 
ATOM   1216 O  O   . ASP A 1 162 ? -8.494  -8.044  7.847   1.00 19.10  ? 150 ASP A O   1 
ATOM   1217 C  CB  . ASP A 1 162 ? -8.089  -5.887  9.804   1.00 18.76  ? 150 ASP A CB  1 
ATOM   1218 C  CG  . ASP A 1 162 ? -6.796  -6.318  10.541  1.00 19.37  ? 150 ASP A CG  1 
ATOM   1219 O  OD1 . ASP A 1 162 ? -6.092  -7.207  10.040  1.00 18.93  ? 150 ASP A OD1 1 
ATOM   1220 O  OD2 . ASP A 1 162 ? -6.510  -5.778  11.630  1.00 23.05  ? 150 ASP A OD2 1 
ATOM   1221 N  N   . LEU A 1 163 ? -6.509  -7.348  7.019   1.00 14.49  ? 151 LEU A N   1 
ATOM   1222 C  CA  . LEU A 1 163 ? -6.194  -8.625  6.386   1.00 17.55  ? 151 LEU A CA  1 
ATOM   1223 C  C   . LEU A 1 163 ? -5.093  -9.397  7.097   1.00 20.40  ? 151 LEU A C   1 
ATOM   1224 O  O   . LEU A 1 163 ? -4.534  -10.360 6.531   1.00 19.95  ? 151 LEU A O   1 
ATOM   1225 C  CB  . LEU A 1 163 ? -5.782  -8.386  4.914   1.00 13.07  ? 151 LEU A CB  1 
ATOM   1226 C  CG  . LEU A 1 163 ? -6.931  -7.791  4.088   1.00 15.49  ? 151 LEU A CG  1 
ATOM   1227 C  CD1 . LEU A 1 163 ? -6.465  -7.285  2.719   1.00 18.81  ? 151 LEU A CD1 1 
ATOM   1228 C  CD2 . LEU A 1 163 ? -8.012  -8.885  3.924   1.00 19.04  ? 151 LEU A CD2 1 
ATOM   1229 N  N   . SER A 1 164 ? -4.819  -9.022  8.344   1.00 17.71  ? 152 SER A N   1 
ATOM   1230 C  CA  . SER A 1 164 ? -3.721  -9.643  9.083   1.00 25.46  ? 152 SER A CA  1 
ATOM   1231 C  C   . SER A 1 164 ? -3.951  -11.118 9.382   1.00 28.65  ? 152 SER A C   1 
ATOM   1232 O  O   . SER A 1 164 ? -3.007  -11.844 9.660   1.00 33.85  ? 152 SER A O   1 
ATOM   1233 C  CB  . SER A 1 164 ? -3.411  -8.866  10.374  1.00 21.63  ? 152 SER A CB  1 
ATOM   1234 O  OG  . SER A 1 164 ? -4.488  -8.884  11.304  1.00 19.73  ? 152 SER A OG  1 
ATOM   1235 N  N   . ASN A 1 165 ? -5.197  -11.560 9.312   1.00 29.89  ? 153 ASN A N   1 
ATOM   1236 C  CA  . ASN A 1 165 ? -5.483  -12.968 9.555   1.00 42.83  ? 153 ASN A CA  1 
ATOM   1237 C  C   . ASN A 1 165 ? -5.561  -13.747 8.248   1.00 42.49  ? 153 ASN A C   1 
ATOM   1238 O  O   . ASN A 1 165 ? -5.927  -14.925 8.239   1.00 44.31  ? 153 ASN A O   1 
ATOM   1239 C  CB  . ASN A 1 165 ? -6.785  -13.119 10.326  1.00 49.54  ? 153 ASN A CB  1 
ATOM   1240 C  CG  . ASN A 1 165 ? -6.571  -13.740 11.685  1.00 64.62  ? 153 ASN A CG  1 
ATOM   1241 O  OD1 . ASN A 1 165 ? -6.137  -14.893 11.792  1.00 71.15  ? 153 ASN A OD1 1 
ATOM   1242 N  ND2 . ASN A 1 165 ? -6.864  -12.979 12.740  1.00 68.50  ? 153 ASN A ND2 1 
ATOM   1243 N  N   . ALA A 1 166 ? -5.203  -13.093 7.146   1.00 33.90  ? 154 ALA A N   1 
ATOM   1244 C  CA  . ALA A 1 166 ? -5.254  -13.745 5.841   1.00 37.77  ? 154 ALA A CA  1 
ATOM   1245 C  C   . ALA A 1 166 ? -4.157  -13.324 4.855   1.00 36.10  ? 154 ALA A C   1 
ATOM   1246 O  O   . ALA A 1 166 ? -4.361  -13.433 3.640   1.00 36.25  ? 154 ALA A O   1 
ATOM   1247 C  CB  . ALA A 1 166 ? -6.614  -13.497 5.219   1.00 36.78  ? 154 ALA A CB  1 
ATOM   1248 N  N   . ASN A 1 167 ? -2.996  -12.878 5.352   1.00 34.10  ? 155 ASN A N   1 
ATOM   1249 C  CA  . ASN A 1 167 ? -1.920  -12.419 4.459   1.00 35.16  ? 155 ASN A CA  1 
ATOM   1250 C  C   . ASN A 1 167 ? -0.785  -13.407 4.150   1.00 41.25  ? 155 ASN A C   1 
ATOM   1251 O  O   . ASN A 1 167 ? 0.152   -13.074 3.423   1.00 40.78  ? 155 ASN A O   1 
ATOM   1252 C  CB  . ASN A 1 167 ? -1.344  -11.057 4.952   1.00 32.53  ? 155 ASN A CB  1 
ATOM   1253 C  CG  . ASN A 1 167 ? -0.757  -11.114 6.371   1.00 40.25  ? 155 ASN A CG  1 
ATOM   1254 O  OD1 . ASN A 1 167 ? -0.405  -10.074 6.963   1.00 29.72  ? 155 ASN A OD1 1 
ATOM   1255 N  ND2 . ASN A 1 167 ? -0.642  -12.315 6.915   1.00 31.02  ? 155 ASN A ND2 1 
ATOM   1256 N  N   . ARG A 1 168 ? -0.877  -14.627 4.679   1.00 42.17  ? 156 ARG A N   1 
ATOM   1257 C  CA  . ARG A 1 168 ? 0.144   -15.642 4.419   1.00 49.74  ? 156 ARG A CA  1 
ATOM   1258 C  C   . ARG A 1 168 ? -0.439  -16.750 3.541   1.00 48.21  ? 156 ARG A C   1 
ATOM   1259 O  O   . ARG A 1 168 ? -1.615  -17.097 3.664   1.00 50.01  ? 156 ARG A O   1 
ATOM   1260 C  CB  . ARG A 1 168 ? 0.647   -16.253 5.725   1.00 52.30  ? 156 ARG A CB  1 
ATOM   1261 C  CG  . ARG A 1 168 ? 1.218   -15.268 6.733   1.00 55.73  ? 156 ARG A CG  1 
ATOM   1262 C  CD  . ARG A 1 168 ? 1.570   -16.042 7.991   1.00 57.54  ? 156 ARG A CD  1 
ATOM   1263 N  NE  . ARG A 1 168 ? 1.678   -15.216 9.186   1.00 57.51  ? 156 ARG A NE  1 
ATOM   1264 C  CZ  . ARG A 1 168 ? 0.751   -14.357 9.602   1.00 58.77  ? 156 ARG A CZ  1 
ATOM   1265 N  NH1 . ARG A 1 168 ? -0.372  -14.185 8.917   1.00 49.49  ? 156 ARG A NH1 1 
ATOM   1266 N  NH2 . ARG A 1 168 ? 0.935   -13.686 10.732  1.00 67.08  ? 156 ARG A NH2 1 
ATOM   1267 N  N   . CYS A 1 169 ? 0.390   -17.310 2.667   1.00 47.94  ? 157 CYS A N   1 
ATOM   1268 C  CA  . CYS A 1 169 ? -0.056  -18.367 1.762   1.00 52.59  ? 157 CYS A CA  1 
ATOM   1269 C  C   . CYS A 1 169 ? -0.136  -19.771 2.338   1.00 55.23  ? 157 CYS A C   1 
ATOM   1270 O  O   . CYS A 1 169 ? 0.233   -19.958 3.518   1.00 58.39  ? 157 CYS A O   1 
ATOM   1271 C  CB  . CYS A 1 169 ? 0.823   -18.365 0.515   1.00 52.22  ? 157 CYS A CB  1 
ATOM   1272 S  SG  . CYS A 1 169 ? 0.500   -16.851 -0.437  1.00 48.88  ? 157 CYS A SG  1 
HETATM 1273 CD CD  . CD  B 2 .   ? -12.666 10.802  13.892  1.00 14.86  ? 200 CD  A CD  1 
HETATM 1274 CD CD  . CD  C 2 .   ? 22.684  5.091   0.671   1.00 25.30  ? 201 CD  A CD  1 
HETATM 1275 CD CD  . CD  D 2 .   ? -1.904  11.337  -1.563  0.50 23.77  ? 202 CD  A CD  1 
HETATM 1276 CD CD  . CD  E 2 .   ? -2.547  12.886  1.599   0.50 28.04  ? 311 CD  A CD  1 
HETATM 1277 O  OAA . ODI F 3 .   ? -3.435  -2.854  -2.921  1.00 21.03  ? 312 ODI A OAA 1 
HETATM 1278 C  CAC . ODI F 3 .   ? -2.706  -3.055  -4.133  1.00 37.81  ? 312 ODI A CAC 1 
HETATM 1279 C  CAE . ODI F 3 .   ? -2.631  -1.749  -4.927  1.00 34.36  ? 312 ODI A CAE 1 
HETATM 1280 C  CAG . ODI F 3 .   ? -1.221  -1.160  -4.888  1.00 39.44  ? 312 ODI A CAG 1 
HETATM 1281 C  CAI . ODI F 3 .   ? -0.823  -0.794  -3.456  1.00 29.08  ? 312 ODI A CAI 1 
HETATM 1282 C  CAJ . ODI F 3 .   ? 0.702   -0.756  -3.346  1.00 33.25  ? 312 ODI A CAJ 1 
HETATM 1283 C  CAH . ODI F 3 .   ? 1.175   0.469   -2.565  1.00 26.77  ? 312 ODI A CAH 1 
HETATM 1284 C  CAF . ODI F 3 .   ? 2.388   0.102   -1.707  1.00 42.67  ? 312 ODI A CAF 1 
HETATM 1285 C  CAD . ODI F 3 .   ? 3.447   1.204   -1.766  1.00 44.15  ? 312 ODI A CAD 1 
HETATM 1286 O  OAB . ODI F 3 .   ? 4.725   0.643   -1.459  1.00 39.64  ? 312 ODI A OAB 1 
HETATM 1287 O  O   . HOH G 4 .   ? -7.593  -4.848  -15.739 1.00 13.21  ? 313 HOH A O   1 
HETATM 1288 O  O   . HOH G 4 .   ? 11.881  3.205   14.849  1.00 12.95  ? 314 HOH A O   1 
HETATM 1289 O  O   . HOH G 4 .   ? -5.682  14.560  3.382   1.00 15.75  ? 315 HOH A O   1 
HETATM 1290 O  O   . HOH G 4 .   ? -0.931  -10.954 15.337  1.00 15.62  ? 316 HOH A O   1 
HETATM 1291 O  O   . HOH G 4 .   ? -3.788  7.703   -11.052 1.00 15.78  ? 317 HOH A O   1 
HETATM 1292 O  O   . HOH G 4 .   ? -13.645 10.582  6.612   1.00 16.11  ? 318 HOH A O   1 
HETATM 1293 O  O   . HOH G 4 .   ? -1.392  -3.799  -1.352  1.00 14.37  ? 319 HOH A O   1 
HETATM 1294 O  O   . HOH G 4 .   ? -9.247  -0.145  -11.407 1.00 19.52  ? 320 HOH A O   1 
HETATM 1295 O  O   . HOH G 4 .   ? 5.117   -5.247  11.849  1.00 18.48  ? 321 HOH A O   1 
HETATM 1296 O  O   . HOH G 4 .   ? -19.095 -5.025  -1.160  1.00 20.83  ? 322 HOH A O   1 
HETATM 1297 O  O   . HOH G 4 .   ? -10.525 4.045   -11.471 1.00 16.77  ? 323 HOH A O   1 
HETATM 1298 O  O   . HOH G 4 .   ? 1.158   -9.553  2.643   1.00 15.48  ? 324 HOH A O   1 
HETATM 1299 O  O   . HOH G 4 .   ? -6.379  5.523   -16.960 1.00 17.97  ? 325 HOH A O   1 
HETATM 1300 O  O   . HOH G 4 .   ? -0.778  9.987   -2.810  1.00 18.53  ? 326 HOH A O   1 
HETATM 1301 O  O   . HOH G 4 .   ? 15.313  9.165   -0.267  1.00 26.48  ? 327 HOH A O   1 
HETATM 1302 O  O   . HOH G 4 .   ? -15.461 10.852  1.271   1.00 16.33  ? 328 HOH A O   1 
HETATM 1303 O  O   . HOH G 4 .   ? -14.909 7.506   -10.505 1.00 22.39  ? 329 HOH A O   1 
HETATM 1304 O  O   . HOH G 4 .   ? -4.982  11.282  -8.551  1.00 104.19 ? 330 HOH A O   1 
HETATM 1305 O  O   . HOH G 4 .   ? 3.521   -2.708  15.837  1.00 18.58  ? 331 HOH A O   1 
HETATM 1306 O  O   . HOH G 4 .   ? -10.597 9.443   -1.046  1.00 20.72  ? 332 HOH A O   1 
HETATM 1307 O  O   . HOH G 4 .   ? -17.473 1.732   -1.389  1.00 26.90  ? 333 HOH A O   1 
HETATM 1308 O  O   . HOH G 4 .   ? 15.719  1.820   14.509  1.00 23.21  ? 334 HOH A O   1 
HETATM 1309 O  O   . HOH G 4 .   ? 14.964  0.268   7.304   1.00 22.75  ? 335 HOH A O   1 
HETATM 1310 O  O   . HOH G 4 .   ? -18.728 -3.039  -9.422  1.00 28.38  ? 336 HOH A O   1 
HETATM 1311 O  O   . HOH G 4 .   ? 6.057   -4.178  14.191  1.00 25.01  ? 337 HOH A O   1 
HETATM 1312 O  O   . HOH G 4 .   ? -11.695 -5.723  9.075   1.00 22.03  ? 338 HOH A O   1 
HETATM 1313 O  O   . HOH G 4 .   ? -1.311  -4.052  20.114  1.00 22.75  ? 339 HOH A O   1 
HETATM 1314 O  O   . HOH G 4 .   ? 10.225  -3.231  14.900  1.00 21.96  ? 340 HOH A O   1 
HETATM 1315 O  O   . HOH G 4 .   ? 9.313   14.845  7.491   1.00 25.36  ? 341 HOH A O   1 
HETATM 1316 O  O   . HOH G 4 .   ? -1.783  12.616  3.953   1.00 24.96  ? 342 HOH A O   1 
HETATM 1317 O  O   . HOH G 4 .   ? -7.794  7.653   18.197  1.00 24.18  ? 343 HOH A O   1 
HETATM 1318 O  O   . HOH G 4 .   ? 13.675  10.058  7.389   1.00 31.13  ? 344 HOH A O   1 
HETATM 1319 O  O   . HOH G 4 .   ? -14.153 7.461   -6.500  1.00 23.55  ? 345 HOH A O   1 
HETATM 1320 O  O   . HOH G 4 .   ? -16.132 4.021   -17.099 1.00 21.45  ? 346 HOH A O   1 
HETATM 1321 O  O   . HOH G 4 .   ? 16.548  -0.266  11.283  1.00 25.63  ? 347 HOH A O   1 
HETATM 1322 O  O   . HOH G 4 .   ? -1.144  -1.075  20.764  1.00 25.98  ? 348 HOH A O   1 
HETATM 1323 O  O   . HOH G 4 .   ? 1.234   12.160  0.232   1.00 31.29  ? 349 HOH A O   1 
HETATM 1324 O  O   . HOH G 4 .   ? -11.643 6.108   8.905   1.00 26.12  ? 350 HOH A O   1 
HETATM 1325 O  O   . HOH G 4 .   ? 7.115   -10.873 3.167   1.00 28.04  ? 351 HOH A O   1 
HETATM 1326 O  O   . HOH G 4 .   ? -4.515  -0.797  22.343  1.00 43.74  ? 352 HOH A O   1 
HETATM 1327 O  O   . HOH G 4 .   ? 5.471   -2.928  -13.858 1.00 32.95  ? 353 HOH A O   1 
HETATM 1328 O  O   . HOH G 4 .   ? 4.886   4.176   -14.513 1.00 28.94  ? 354 HOH A O   1 
HETATM 1329 O  O   . HOH G 4 .   ? -14.628 8.827   8.515   1.00 23.92  ? 355 HOH A O   1 
HETATM 1330 O  O   . HOH G 4 .   ? -3.880  -1.521  -17.012 1.00 24.52  ? 356 HOH A O   1 
HETATM 1331 O  O   . HOH G 4 .   ? 9.943   13.306  5.818   1.00 34.76  ? 357 HOH A O   1 
HETATM 1332 O  O   . HOH G 4 .   ? -3.060  -4.750  -15.122 1.00 28.79  ? 358 HOH A O   1 
HETATM 1333 O  O   . HOH G 4 .   ? 2.674   0.710   18.663  1.00 37.18  ? 359 HOH A O   1 
HETATM 1334 O  O   . HOH G 4 .   ? -4.674  2.901   20.401  1.00 31.95  ? 360 HOH A O   1 
HETATM 1335 O  O   . HOH G 4 .   ? -11.425 -5.276  -8.909  1.00 26.17  ? 361 HOH A O   1 
HETATM 1336 O  O   . HOH G 4 .   ? -0.978  10.088  -5.814  1.00 32.35  ? 362 HOH A O   1 
HETATM 1337 O  O   . HOH G 4 .   ? -6.996  -0.153  16.730  1.00 29.90  ? 363 HOH A O   1 
HETATM 1338 O  O   . HOH G 4 .   ? -18.324 3.116   -12.543 1.00 37.30  ? 364 HOH A O   1 
HETATM 1339 O  O   . HOH G 4 .   ? 21.216  2.072   -2.519  1.00 48.35  ? 365 HOH A O   1 
HETATM 1340 O  O   . HOH G 4 .   ? -0.600  13.035  -8.937  1.00 31.82  ? 366 HOH A O   1 
HETATM 1341 O  O   . HOH G 4 .   ? 4.045   0.400   -15.062 1.00 28.84  ? 367 HOH A O   1 
HETATM 1342 O  O   . HOH G 4 .   ? -13.038 -8.946  2.691   1.00 33.06  ? 368 HOH A O   1 
HETATM 1343 O  O   . HOH G 4 .   ? 15.839  5.626   -5.162  1.00 40.27  ? 369 HOH A O   1 
HETATM 1344 O  O   . HOH G 4 .   ? 6.096   1.954   -13.880 1.00 32.64  ? 370 HOH A O   1 
HETATM 1345 O  O   . HOH G 4 .   ? -17.037 -7.374  -3.930  1.00 37.10  ? 371 HOH A O   1 
HETATM 1346 O  O   . HOH G 4 .   ? 15.695  2.491   -11.193 1.00 30.83  ? 372 HOH A O   1 
HETATM 1347 O  O   . HOH G 4 .   ? -8.456  11.783  11.536  1.00 27.59  ? 373 HOH A O   1 
HETATM 1348 O  O   . HOH G 4 .   ? -2.904  10.282  -10.420 1.00 24.28  ? 374 HOH A O   1 
HETATM 1349 O  O   . HOH G 4 .   ? -18.113 -2.994  6.457   1.00 50.33  ? 375 HOH A O   1 
HETATM 1350 O  O   . HOH G 4 .   ? 11.084  13.434  -0.650  1.00 30.67  ? 376 HOH A O   1 
HETATM 1351 O  O   . HOH G 4 .   ? 4.312   8.347   -14.756 1.00 39.58  ? 377 HOH A O   1 
HETATM 1352 O  O   . HOH G 4 .   ? 6.860   8.109   3.983   1.00 93.63  ? 378 HOH A O   1 
HETATM 1353 O  O   . HOH G 4 .   ? 13.247  4.886   -5.541  1.00 36.28  ? 379 HOH A O   1 
HETATM 1354 O  O   . HOH G 4 .   ? 14.373  -7.419  -3.592  1.00 54.74  ? 380 HOH A O   1 
HETATM 1355 O  O   . HOH G 4 .   ? 13.322  -0.686  -12.405 1.00 35.50  ? 381 HOH A O   1 
HETATM 1356 O  O   . HOH G 4 .   ? -12.953 1.027   -8.776  1.00 94.42  ? 382 HOH A O   1 
HETATM 1357 O  O   . HOH G 4 .   ? 14.090  -6.205  -1.132  1.00 38.14  ? 383 HOH A O   1 
HETATM 1358 O  O   . HOH G 4 .   ? -2.092  12.911  9.871   1.00 48.15  ? 384 HOH A O   1 
HETATM 1359 O  O   . HOH G 4 .   ? -3.036  -5.858  16.428  1.00 24.05  ? 385 HOH A O   1 
HETATM 1360 O  O   . HOH G 4 .   ? -2.691  -13.955 8.281   1.00 58.36  ? 386 HOH A O   1 
HETATM 1361 O  O   . HOH G 4 .   ? 18.328  0.600   -2.123  1.00 33.19  ? 387 HOH A O   1 
HETATM 1362 O  O   . HOH G 4 .   ? -15.744 -10.032 -3.447  1.00 36.46  ? 388 HOH A O   1 
HETATM 1363 O  O   . HOH G 4 .   ? -0.973  9.365   13.373  1.00 37.70  ? 389 HOH A O   1 
HETATM 1364 O  O   . HOH G 4 .   ? -19.291 -1.774  4.636   1.00 56.89  ? 390 HOH A O   1 
HETATM 1365 O  O   . HOH G 4 .   ? 2.705   12.881  -11.289 1.00 49.95  ? 391 HOH A O   1 
HETATM 1366 O  O   . HOH G 4 .   ? 2.287   -11.664 4.022   1.00 29.43  ? 392 HOH A O   1 
HETATM 1367 O  O   . HOH G 4 .   ? 3.174   -2.044  -14.822 1.00 53.07  ? 393 HOH A O   1 
HETATM 1368 O  O   . HOH G 4 .   ? -1.010  11.200  0.778   1.00 16.39  ? 394 HOH A O   1 
HETATM 1369 O  O   . HOH G 4 .   ? 6.366   16.302  -3.661  1.00 42.90  ? 395 HOH A O   1 
HETATM 1370 O  O   . HOH G 4 .   ? 9.732   8.887   15.548  1.00 47.89  ? 396 HOH A O   1 
HETATM 1371 O  O   . HOH G 4 .   ? 14.657  3.988   11.366  1.00 38.33  ? 397 HOH A O   1 
HETATM 1372 O  O   . HOH G 4 .   ? -12.883 2.656   -10.920 1.00 33.30  ? 398 HOH A O   1 
HETATM 1373 O  O   . HOH G 4 .   ? -19.282 0.889   2.498   1.00 39.19  ? 399 HOH A O   1 
HETATM 1374 O  O   . HOH G 4 .   ? 0.291   -16.557 11.178  1.00 35.45  ? 400 HOH A O   1 
HETATM 1375 O  O   . HOH G 4 .   ? -2.197  -12.140 -9.526  1.00 50.64  ? 401 HOH A O   1 
HETATM 1376 O  O   . HOH G 4 .   ? -3.089  -16.206 5.681   1.00 45.74  ? 402 HOH A O   1 
HETATM 1377 O  O   . HOH G 4 .   ? 5.086   -15.214 -2.435  1.00 24.58  ? 403 HOH A O   1 
HETATM 1378 O  O   . HOH G 4 .   ? -6.189  -11.357 -3.451  1.00 26.23  ? 404 HOH A O   1 
HETATM 1379 O  O   . HOH G 4 .   ? 17.388  11.458  5.067   1.00 55.53  ? 405 HOH A O   1 
HETATM 1380 O  O   . HOH G 4 .   ? -3.365  5.255   18.083  1.00 30.55  ? 406 HOH A O   1 
HETATM 1381 O  O   . HOH G 4 .   ? 2.231   12.873  5.345   1.00 32.90  ? 407 HOH A O   1 
HETATM 1382 O  O   . HOH G 4 .   ? -15.056 -7.348  4.782   1.00 38.71  ? 408 HOH A O   1 
HETATM 1383 O  O   . HOH G 4 .   ? -0.466  -12.695 13.404  1.00 31.46  ? 409 HOH A O   1 
HETATM 1384 O  O   . HOH G 4 .   ? -5.259  -14.645 -7.822  1.00 45.64  ? 410 HOH A O   1 
HETATM 1385 O  O   . HOH G 4 .   ? 2.725   14.597  11.811  1.00 53.93  ? 411 HOH A O   1 
HETATM 1386 O  O   . HOH G 4 .   ? -2.940  -19.537 1.701   1.00 61.93  ? 412 HOH A O   1 
HETATM 1387 O  O   . HOH G 4 .   ? -8.488  -10.696 -5.024  1.00 31.55  ? 413 HOH A O   1 
HETATM 1388 O  O   . HOH G 4 .   ? -14.232 -5.471  8.394   1.00 19.06  ? 414 HOH A O   1 
HETATM 1389 O  O   . HOH G 4 .   ? 23.219  4.130   2.630   1.00 24.72  ? 415 HOH A O   1 
HETATM 1390 O  O   . HOH G 4 .   ? -21.879 4.358   6.077   1.00 22.64  ? 416 HOH A O   1 
HETATM 1391 O  O   . HOH G 4 .   ? -16.062 -5.098  2.532   1.00 28.06  ? 417 HOH A O   1 
HETATM 1392 O  O   . HOH G 4 .   ? -1.159  11.890  -11.782 1.00 26.17  ? 418 HOH A O   1 
HETATM 1393 O  O   . HOH G 4 .   ? -2.705  11.857  -8.391  1.00 26.57  ? 419 HOH A O   1 
HETATM 1394 O  O   . HOH G 4 .   ? 16.608  -2.806  9.920   1.00 28.73  ? 420 HOH A O   1 
HETATM 1395 O  O   . HOH G 4 .   ? -10.942 -3.496  -11.107 1.00 25.70  ? 421 HOH A O   1 
HETATM 1396 O  O   . HOH G 4 .   ? -16.779 7.893   -12.386 1.00 32.53  ? 422 HOH A O   1 
HETATM 1397 O  O   . HOH G 4 .   ? -18.070 5.701   -16.294 1.00 29.38  ? 423 HOH A O   1 
HETATM 1398 O  O   . HOH G 4 .   ? -0.801  -11.937 11.050  1.00 32.93  ? 424 HOH A O   1 
HETATM 1399 O  O   . HOH G 4 .   ? 14.135  -1.887  8.832   1.00 26.61  ? 425 HOH A O   1 
HETATM 1400 O  O   . HOH G 4 .   ? -1.246  -15.354 13.010  1.00 33.93  ? 426 HOH A O   1 
HETATM 1401 O  O   . HOH G 4 .   ? -15.451 8.998   -8.409  1.00 34.25  ? 427 HOH A O   1 
HETATM 1402 O  O   . HOH G 4 .   ? -2.502  9.142   11.422  1.00 34.94  ? 428 HOH A O   1 
HETATM 1403 O  O   . HOH G 4 .   ? -17.326 -0.763  -4.312  1.00 34.70  ? 429 HOH A O   1 
HETATM 1404 O  O   . HOH G 4 .   ? -4.438  7.420   16.725  1.00 34.27  ? 430 HOH A O   1 
HETATM 1405 O  O   . HOH G 4 .   ? 3.233   -14.948 -11.938 1.00 49.72  ? 431 HOH A O   1 
HETATM 1406 O  O   . HOH G 4 .   ? -13.925 -4.739  -8.485  1.00 50.61  ? 432 HOH A O   1 
HETATM 1407 O  O   . HOH G 4 .   ? -22.839 2.730   7.646   1.00 36.21  ? 433 HOH A O   1 
HETATM 1408 O  O   . HOH G 4 .   ? -2.439  -14.298 1.583   1.00 35.75  ? 434 HOH A O   1 
HETATM 1409 O  O   . HOH G 4 .   ? -6.794  -2.916  -17.380 1.00 57.00  ? 435 HOH A O   1 
HETATM 1410 O  O   . HOH G 4 .   ? 11.326  8.626   -3.454  1.00 32.30  ? 436 HOH A O   1 
HETATM 1411 O  O   . HOH G 4 .   ? 13.417  9.916   -2.386  1.00 33.14  ? 437 HOH A O   1 
HETATM 1412 O  O   . HOH G 4 .   ? -13.494 2.251   -13.538 1.00 39.18  ? 438 HOH A O   1 
HETATM 1413 O  O   . HOH G 4 .   ? 17.839  4.710   -3.691  1.00 49.77  ? 439 HOH A O   1 
HETATM 1414 O  O   . HOH G 4 .   ? 13.346  -8.202  0.317   1.00 44.33  ? 440 HOH A O   1 
HETATM 1415 O  O   . HOH G 4 .   ? 9.017   -4.657  13.154  1.00 37.24  ? 441 HOH A O   1 
HETATM 1416 O  O   . HOH G 4 .   ? -3.808  13.728  5.829   1.00 38.48  ? 442 HOH A O   1 
HETATM 1417 O  O   . HOH G 4 .   ? -9.181  9.876   18.871  1.00 44.90  ? 443 HOH A O   1 
HETATM 1418 O  O   . HOH G 4 .   ? 5.506   15.748  2.827   1.00 55.71  ? 444 HOH A O   1 
HETATM 1419 O  O   . HOH G 4 .   ? 11.086  0.857   -15.017 1.00 49.61  ? 445 HOH A O   1 
HETATM 1420 O  O   . HOH G 4 .   ? 16.236  10.052  -9.045  1.00 57.22  ? 446 HOH A O   1 
HETATM 1421 O  O   . HOH G 4 .   ? -22.692 0.058   3.947   1.00 56.76  ? 447 HOH A O   1 
HETATM 1422 O  O   . HOH G 4 .   ? -11.892 -0.761  -10.794 1.00 35.87  ? 448 HOH A O   1 
HETATM 1423 O  O   . HOH G 4 .   ? -4.046  -9.443  -10.213 1.00 36.79  ? 449 HOH A O   1 
HETATM 1424 O  O   . HOH G 4 .   ? 2.597   -17.683 -8.808  1.00 44.36  ? 450 HOH A O   1 
HETATM 1425 O  O   . HOH G 4 .   ? 8.012   -12.952 4.879   1.00 43.89  ? 451 HOH A O   1 
HETATM 1426 O  O   . HOH G 4 .   ? 15.421  1.932   9.834   1.00 43.96  ? 452 HOH A O   1 
HETATM 1427 O  O   . HOH G 4 .   ? -7.475  0.459   11.201  1.00 34.80  ? 453 HOH A O   1 
HETATM 1428 O  O   . HOH G 4 .   ? -2.101  -3.524  -17.195 1.00 58.45  ? 454 HOH A O   1 
HETATM 1429 O  O   . HOH G 4 .   ? -22.880 2.378   4.670   1.00 52.09  ? 455 HOH A O   1 
HETATM 1430 O  O   . HOH G 4 .   ? -2.135  -22.586 2.548   1.00 60.63  ? 456 HOH A O   1 
HETATM 1431 O  O   . HOH G 4 .   ? 8.572   0.656   -15.661 1.00 50.35  ? 457 HOH A O   1 
HETATM 1432 O  O   . HOH G 4 .   ? 13.358  5.602   15.907  1.00 56.28  ? 458 HOH A O   1 
HETATM 1433 O  O   . HOH G 4 .   ? -15.910 5.969   -4.848  1.00 39.49  ? 459 HOH A O   1 
HETATM 1434 O  O   . HOH G 4 .   ? 13.117  -3.670  -12.685 1.00 43.30  ? 460 HOH A O   1 
HETATM 1435 O  O   . HOH G 4 .   ? 9.655   -9.321  -7.773  1.00 49.38  ? 461 HOH A O   1 
HETATM 1436 O  O   . HOH G 4 .   ? 6.789   8.342   -13.677 1.00 43.71  ? 462 HOH A O   1 
HETATM 1437 O  O   . HOH G 4 .   ? 22.524  7.532   2.504   1.00 53.49  ? 463 HOH A O   1 
HETATM 1438 O  O   . HOH G 4 .   ? -11.228 -8.443  8.794   1.00 44.78  ? 464 HOH A O   1 
HETATM 1439 O  O   . HOH G 4 .   ? 0.485   9.573   10.582  1.00 55.33  ? 465 HOH A O   1 
HETATM 1440 O  O   . HOH G 4 .   ? -4.032  -13.182 12.838  1.00 47.96  ? 466 HOH A O   1 
HETATM 1441 O  O   . HOH G 4 .   ? 11.816  5.495   -13.080 1.00 42.48  ? 467 HOH A O   1 
HETATM 1442 O  O   . HOH G 4 .   ? 1.224   3.906   17.948  1.00 47.59  ? 468 HOH A O   1 
HETATM 1443 O  O   . HOH G 4 .   ? -19.234 -5.800  4.921   1.00 59.74  ? 469 HOH A O   1 
HETATM 1444 O  O   . HOH G 4 .   ? 0.644   11.628  13.294  1.00 53.72  ? 470 HOH A O   1 
HETATM 1445 O  O   . HOH G 4 .   ? -4.743  -10.711 13.394  1.00 39.91  ? 471 HOH A O   1 
HETATM 1446 O  O   . HOH G 4 .   ? -10.719 11.794  14.437  1.00 11.55  ? 472 HOH A O   1 
HETATM 1447 O  O   . HOH G 4 .   ? -8.130  12.247  -0.033  0.50 16.42  ? 473 HOH A O   1 
HETATM 1448 O  O   . HOH G 4 .   ? -14.333 9.363   13.206  1.00 14.96  ? 474 HOH A O   1 
HETATM 1449 O  O   . HOH G 4 .   ? 24.498  6.620   0.707   1.00 19.77  ? 475 HOH A O   1 
HETATM 1450 O  O   . HOH G 4 .   ? -14.235 12.437  14.226  1.00 17.96  ? 476 HOH A O   1 
HETATM 1451 O  O   . HOH G 4 .   ? 7.085   -13.723 7.348   1.00 23.70  ? 477 HOH A O   1 
HETATM 1452 O  O   . HOH G 4 .   ? -15.532 6.529   2.276   1.00 23.82  ? 478 HOH A O   1 
HETATM 1453 O  O   . HOH G 4 .   ? -14.504 9.426   -2.267  0.50 28.74  ? 479 HOH A O   1 
HETATM 1454 O  O   . HOH G 4 .   ? -8.880  6.608   -16.847 1.00 13.66  ? 480 HOH A O   1 
HETATM 1455 O  O   . HOH G 4 .   ? -10.851 7.213   12.013  1.00 27.66  ? 481 HOH A O   1 
HETATM 1456 O  O   . HOH G 4 .   ? 9.883   3.187   15.181  1.00 33.87  ? 482 HOH A O   1 
HETATM 1457 O  O   . HOH G 4 .   ? 9.373   10.603  -7.410  1.00 31.42  ? 483 HOH A O   1 
HETATM 1458 O  O   . HOH G 4 .   ? 10.847  -6.219  13.346  1.00 28.30  ? 484 HOH A O   1 
HETATM 1459 O  O   . HOH G 4 .   ? -13.622 7.279   11.722  1.00 32.62  ? 485 HOH A O   1 
HETATM 1460 O  O   . HOH G 4 .   ? -10.034 12.060  16.941  1.00 32.48  ? 486 HOH A O   1 
# 
